data_6K7U
# 
_entry.id   6K7U 
# 
_audit_conform.dict_name       mmcif_pdbx.dic 
_audit_conform.dict_version    5.398 
_audit_conform.dict_location   http://mmcif.pdb.org/dictionaries/ascii/mmcif_pdbx.dic 
# 
loop_
_database_2.database_id 
_database_2.database_code 
_database_2.pdbx_database_accession 
_database_2.pdbx_DOI 
PDB   6K7U         pdb_00006k7u 10.2210/pdb6k7u/pdb 
WWPDB D_1300012457 ?            ?                   
# 
loop_
_pdbx_audit_revision_history.ordinal 
_pdbx_audit_revision_history.data_content_type 
_pdbx_audit_revision_history.major_revision 
_pdbx_audit_revision_history.minor_revision 
_pdbx_audit_revision_history.revision_date 
1 'Structure model' 1 0 2019-09-18 
2 'Structure model' 1 1 2019-09-25 
3 'Structure model' 1 2 2019-12-04 
4 'Structure model' 1 3 2024-11-06 
# 
_pdbx_audit_revision_details.ordinal             1 
_pdbx_audit_revision_details.revision_ordinal    1 
_pdbx_audit_revision_details.data_content_type   'Structure model' 
_pdbx_audit_revision_details.provider            repository 
_pdbx_audit_revision_details.type                'Initial release' 
_pdbx_audit_revision_details.description         ? 
_pdbx_audit_revision_details.details             ? 
# 
loop_
_pdbx_audit_revision_group.ordinal 
_pdbx_audit_revision_group.revision_ordinal 
_pdbx_audit_revision_group.data_content_type 
_pdbx_audit_revision_group.group 
1 2 'Structure model' 'Data collection'     
2 2 'Structure model' 'Structure summary'   
3 3 'Structure model' 'Structure summary'   
4 4 'Structure model' 'Data collection'     
5 4 'Structure model' 'Database references' 
6 4 'Structure model' 'Structure summary'   
# 
loop_
_pdbx_audit_revision_category.ordinal 
_pdbx_audit_revision_category.revision_ordinal 
_pdbx_audit_revision_category.data_content_type 
_pdbx_audit_revision_category.category 
1 2 'Structure model' struct                    
2 3 'Structure model' struct                    
3 4 'Structure model' chem_comp_atom            
4 4 'Structure model' chem_comp_bond            
5 4 'Structure model' database_2                
6 4 'Structure model' pdbx_entry_details        
7 4 'Structure model' pdbx_modification_feature 
# 
loop_
_pdbx_audit_revision_item.ordinal 
_pdbx_audit_revision_item.revision_ordinal 
_pdbx_audit_revision_item.data_content_type 
_pdbx_audit_revision_item.item 
1 2 'Structure model' '_struct.title'                       
2 3 'Structure model' '_struct.title'                       
3 4 'Structure model' '_database_2.pdbx_DOI'                
4 4 'Structure model' '_database_2.pdbx_database_accession' 
# 
_pdbx_database_status.status_code                     REL 
_pdbx_database_status.status_code_sf                  REL 
_pdbx_database_status.status_code_mr                  ? 
_pdbx_database_status.entry_id                        6K7U 
_pdbx_database_status.recvd_initial_deposition_date   2019-06-08 
_pdbx_database_status.SG_entry                        N 
_pdbx_database_status.deposit_site                    PDBJ 
_pdbx_database_status.process_site                    PDBJ 
_pdbx_database_status.status_code_cs                  ? 
_pdbx_database_status.methods_development_category    ? 
_pdbx_database_status.pdb_format_compatible           Y 
_pdbx_database_status.status_code_nmr_data            ? 
# 
loop_
_audit_author.name 
_audit_author.pdbx_ordinal 
_audit_author.identifier_ORCID 
'Lu, D.'    1  ? 
'Liu, K.F.' 2  ? 
'Zhang, D.' 3  ? 
'Yue, C.'   4  ? 
'Lu, Q.'    5  ? 
'Cheng, H.' 6  ? 
'Chai, Y.'  7  ? 
'Qi, J.X.'  8  ? 
'Gao, F.G.' 9  ? 
'Liu, W.J.' 10 ? 
# 
_citation.abstract                  ? 
_citation.abstract_id_CAS           ? 
_citation.book_id_ISBN              ? 
_citation.book_publisher            ? 
_citation.book_publisher_city       ? 
_citation.book_title                ? 
_citation.coordinate_linkage        ? 
_citation.country                   US 
_citation.database_id_Medline       ? 
_citation.details                   ? 
_citation.id                        primary 
_citation.journal_abbrev            'Plos Biol.' 
_citation.journal_id_ASTM           ? 
_citation.journal_id_CSD            ? 
_citation.journal_id_ISSN           1545-7885 
_citation.journal_full              ? 
_citation.journal_issue             ? 
_citation.journal_volume            17 
_citation.language                  ? 
_citation.page_first                e3000436 
_citation.page_last                 e3000436 
_citation.title                     
'Peptide presentation by bat MHC class I provides new insight into the antiviral immunity of bats.' 
_citation.year                      2019 
_citation.database_id_CSD           ? 
_citation.pdbx_database_id_DOI      10.1371/journal.pbio.3000436 
_citation.pdbx_database_id_PubMed   31498797 
_citation.unpublished_flag          ? 
# 
loop_
_citation_author.citation_id 
_citation_author.name 
_citation_author.ordinal 
_citation_author.identifier_ORCID 
primary 'Lu, D.'     1  ?                   
primary 'Liu, K.'    2  ?                   
primary 'Zhang, D.'  3  ?                   
primary 'Yue, C.'    4  ?                   
primary 'Lu, Q.'     5  ?                   
primary 'Cheng, H.'  6  ?                   
primary 'Wang, L.'   7  ?                   
primary 'Chai, Y.'   8  ?                   
primary 'Qi, J.'     9  0000-0002-9358-4732 
primary 'Wang, L.F.' 10 ?                   
primary 'Gao, G.F.'  11 0000-0002-3869-615X 
primary 'Liu, W.J.'  12 0000-0003-3605-4070 
# 
loop_
_entity.id 
_entity.type 
_entity.src_method 
_entity.pdbx_description 
_entity.formula_weight 
_entity.pdbx_number_of_molecules 
_entity.pdbx_ec 
_entity.pdbx_mutation 
_entity.pdbx_fragment 
_entity.details 
1 polymer man 'Bat beta-2-microglobulin' 11575.940 1  ? ? ? ? 
2 water   nat water                      18.015    87 ? ? ? ? 
# 
_entity_poly.entity_id                      1 
_entity_poly.type                           'polypeptide(L)' 
_entity_poly.nstd_linkage                   no 
_entity_poly.nstd_monomer                   no 
_entity_poly.pdbx_seq_one_letter_code       
;EPRTPKIQVYSRHPAENGKPNYLNCYVYGFHPPQIEIDLLKNGQKMKTEQSDLSFSKDWSFYLLVHTDFTPSTVDEYSCR
VNHSSLAAPHMVKWDRNNT
;
_entity_poly.pdbx_seq_one_letter_code_can   
;EPRTPKIQVYSRHPAENGKPNYLNCYVYGFHPPQIEIDLLKNGQKMKTEQSDLSFSKDWSFYLLVHTDFTPSTVDEYSCR
VNHSSLAAPHMVKWDRNNT
;
_entity_poly.pdbx_strand_id                 B 
_entity_poly.pdbx_target_identifier         ? 
# 
_pdbx_entity_nonpoly.entity_id   2 
_pdbx_entity_nonpoly.name        water 
_pdbx_entity_nonpoly.comp_id     HOH 
# 
loop_
_entity_poly_seq.entity_id 
_entity_poly_seq.num 
_entity_poly_seq.mon_id 
_entity_poly_seq.hetero 
1 1  GLU n 
1 2  PRO n 
1 3  ARG n 
1 4  THR n 
1 5  PRO n 
1 6  LYS n 
1 7  ILE n 
1 8  GLN n 
1 9  VAL n 
1 10 TYR n 
1 11 SER n 
1 12 ARG n 
1 13 HIS n 
1 14 PRO n 
1 15 ALA n 
1 16 GLU n 
1 17 ASN n 
1 18 GLY n 
1 19 LYS n 
1 20 PRO n 
1 21 ASN n 
1 22 TYR n 
1 23 LEU n 
1 24 ASN n 
1 25 CYS n 
1 26 TYR n 
1 27 VAL n 
1 28 TYR n 
1 29 GLY n 
1 30 PHE n 
1 31 HIS n 
1 32 PRO n 
1 33 PRO n 
1 34 GLN n 
1 35 ILE n 
1 36 GLU n 
1 37 ILE n 
1 38 ASP n 
1 39 LEU n 
1 40 LEU n 
1 41 LYS n 
1 42 ASN n 
1 43 GLY n 
1 44 GLN n 
1 45 LYS n 
1 46 MET n 
1 47 LYS n 
1 48 THR n 
1 49 GLU n 
1 50 GLN n 
1 51 SER n 
1 52 ASP n 
1 53 LEU n 
1 54 SER n 
1 55 PHE n 
1 56 SER n 
1 57 LYS n 
1 58 ASP n 
1 59 TRP n 
1 60 SER n 
1 61 PHE n 
1 62 TYR n 
1 63 LEU n 
1 64 LEU n 
1 65 VAL n 
1 66 HIS n 
1 67 THR n 
1 68 ASP n 
1 69 PHE n 
1 70 THR n 
1 71 PRO n 
1 72 SER n 
1 73 THR n 
1 74 VAL n 
1 75 ASP n 
1 76 GLU n 
1 77 TYR n 
1 78 SER n 
1 79 CYS n 
1 80 ARG n 
1 81 VAL n 
1 82 ASN n 
1 83 HIS n 
1 84 SER n 
1 85 SER n 
1 86 LEU n 
1 87 ALA n 
1 88 ALA n 
1 89 PRO n 
1 90 HIS n 
1 91 MET n 
1 92 VAL n 
1 93 LYS n 
1 94 TRP n 
1 95 ASP n 
1 96 ARG n 
1 97 ASN n 
1 98 ASN n 
1 99 THR n 
# 
_entity_src_gen.entity_id                          1 
_entity_src_gen.pdbx_src_id                        1 
_entity_src_gen.pdbx_alt_source_flag               sample 
_entity_src_gen.pdbx_seq_type                      'Biological sequence' 
_entity_src_gen.pdbx_beg_seq_num                   1 
_entity_src_gen.pdbx_end_seq_num                   99 
_entity_src_gen.gene_src_common_name               ? 
_entity_src_gen.gene_src_genus                     ? 
_entity_src_gen.pdbx_gene_src_gene                 ? 
_entity_src_gen.gene_src_species                   ? 
_entity_src_gen.gene_src_strain                    ? 
_entity_src_gen.gene_src_tissue                    ? 
_entity_src_gen.gene_src_tissue_fraction           ? 
_entity_src_gen.gene_src_details                   ? 
_entity_src_gen.pdbx_gene_src_fragment             ? 
_entity_src_gen.pdbx_gene_src_scientific_name      'Pteropus alecto' 
_entity_src_gen.pdbx_gene_src_ncbi_taxonomy_id     9402 
_entity_src_gen.pdbx_gene_src_variant              ? 
_entity_src_gen.pdbx_gene_src_cell_line            ? 
_entity_src_gen.pdbx_gene_src_atcc                 ? 
_entity_src_gen.pdbx_gene_src_organ                ? 
_entity_src_gen.pdbx_gene_src_organelle            ? 
_entity_src_gen.pdbx_gene_src_cell                 ? 
_entity_src_gen.pdbx_gene_src_cellular_location    ? 
_entity_src_gen.host_org_common_name               ? 
_entity_src_gen.pdbx_host_org_scientific_name      'Escherichia coli K-12' 
_entity_src_gen.pdbx_host_org_ncbi_taxonomy_id     83333 
_entity_src_gen.host_org_genus                     ? 
_entity_src_gen.pdbx_host_org_gene                 ? 
_entity_src_gen.pdbx_host_org_organ                ? 
_entity_src_gen.host_org_species                   ? 
_entity_src_gen.pdbx_host_org_tissue               ? 
_entity_src_gen.pdbx_host_org_tissue_fraction      ? 
_entity_src_gen.pdbx_host_org_strain               K-12 
_entity_src_gen.pdbx_host_org_variant              ? 
_entity_src_gen.pdbx_host_org_cell_line            ? 
_entity_src_gen.pdbx_host_org_atcc                 ? 
_entity_src_gen.pdbx_host_org_culture_collection   ? 
_entity_src_gen.pdbx_host_org_cell                 ? 
_entity_src_gen.pdbx_host_org_organelle            ? 
_entity_src_gen.pdbx_host_org_cellular_location    ? 
_entity_src_gen.pdbx_host_org_vector_type          ? 
_entity_src_gen.pdbx_host_org_vector               ? 
_entity_src_gen.host_org_details                   ? 
_entity_src_gen.expression_system_id               ? 
_entity_src_gen.plasmid_name                       ? 
_entity_src_gen.plasmid_details                    ? 
_entity_src_gen.pdbx_description                   ? 
# 
loop_
_chem_comp.id 
_chem_comp.type 
_chem_comp.mon_nstd_flag 
_chem_comp.name 
_chem_comp.pdbx_synonyms 
_chem_comp.formula 
_chem_comp.formula_weight 
ALA 'L-peptide linking' y ALANINE         ? 'C3 H7 N O2'     89.093  
ARG 'L-peptide linking' y ARGININE        ? 'C6 H15 N4 O2 1' 175.209 
ASN 'L-peptide linking' y ASPARAGINE      ? 'C4 H8 N2 O3'    132.118 
ASP 'L-peptide linking' y 'ASPARTIC ACID' ? 'C4 H7 N O4'     133.103 
CYS 'L-peptide linking' y CYSTEINE        ? 'C3 H7 N O2 S'   121.158 
GLN 'L-peptide linking' y GLUTAMINE       ? 'C5 H10 N2 O3'   146.144 
GLU 'L-peptide linking' y 'GLUTAMIC ACID' ? 'C5 H9 N O4'     147.129 
GLY 'peptide linking'   y GLYCINE         ? 'C2 H5 N O2'     75.067  
HIS 'L-peptide linking' y HISTIDINE       ? 'C6 H10 N3 O2 1' 156.162 
HOH non-polymer         . WATER           ? 'H2 O'           18.015  
ILE 'L-peptide linking' y ISOLEUCINE      ? 'C6 H13 N O2'    131.173 
LEU 'L-peptide linking' y LEUCINE         ? 'C6 H13 N O2'    131.173 
LYS 'L-peptide linking' y LYSINE          ? 'C6 H15 N2 O2 1' 147.195 
MET 'L-peptide linking' y METHIONINE      ? 'C5 H11 N O2 S'  149.211 
PHE 'L-peptide linking' y PHENYLALANINE   ? 'C9 H11 N O2'    165.189 
PRO 'L-peptide linking' y PROLINE         ? 'C5 H9 N O2'     115.130 
SER 'L-peptide linking' y SERINE          ? 'C3 H7 N O3'     105.093 
THR 'L-peptide linking' y THREONINE       ? 'C4 H9 N O3'     119.119 
TRP 'L-peptide linking' y TRYPTOPHAN      ? 'C11 H12 N2 O2'  204.225 
TYR 'L-peptide linking' y TYROSINE        ? 'C9 H11 N O3'    181.189 
VAL 'L-peptide linking' y VALINE          ? 'C5 H11 N O2'    117.146 
# 
loop_
_pdbx_poly_seq_scheme.asym_id 
_pdbx_poly_seq_scheme.entity_id 
_pdbx_poly_seq_scheme.seq_id 
_pdbx_poly_seq_scheme.mon_id 
_pdbx_poly_seq_scheme.ndb_seq_num 
_pdbx_poly_seq_scheme.pdb_seq_num 
_pdbx_poly_seq_scheme.auth_seq_num 
_pdbx_poly_seq_scheme.pdb_mon_id 
_pdbx_poly_seq_scheme.auth_mon_id 
_pdbx_poly_seq_scheme.pdb_strand_id 
_pdbx_poly_seq_scheme.pdb_ins_code 
_pdbx_poly_seq_scheme.hetero 
A 1 1  GLU 1  1  1  GLU GLU B . n 
A 1 2  PRO 2  2  2  PRO PRO B . n 
A 1 3  ARG 3  3  3  ARG ARG B . n 
A 1 4  THR 4  4  4  THR THR B . n 
A 1 5  PRO 5  5  5  PRO PRO B . n 
A 1 6  LYS 6  6  6  LYS LYS B . n 
A 1 7  ILE 7  7  7  ILE ILE B . n 
A 1 8  GLN 8  8  8  GLN GLN B . n 
A 1 9  VAL 9  9  9  VAL VAL B . n 
A 1 10 TYR 10 10 10 TYR TYR B . n 
A 1 11 SER 11 11 11 SER SER B . n 
A 1 12 ARG 12 12 12 ARG ARG B . n 
A 1 13 HIS 13 13 13 HIS HIS B . n 
A 1 14 PRO 14 14 14 PRO PRO B . n 
A 1 15 ALA 15 15 15 ALA ALA B . n 
A 1 16 GLU 16 16 16 GLU GLU B . n 
A 1 17 ASN 17 17 17 ASN ASN B . n 
A 1 18 GLY 18 18 18 GLY GLY B . n 
A 1 19 LYS 19 19 19 LYS LYS B . n 
A 1 20 PRO 20 20 20 PRO PRO B . n 
A 1 21 ASN 21 21 21 ASN ASN B . n 
A 1 22 TYR 22 22 22 TYR TYR B . n 
A 1 23 LEU 23 23 23 LEU LEU B . n 
A 1 24 ASN 24 24 24 ASN ASN B . n 
A 1 25 CYS 25 25 25 CYS CYS B . n 
A 1 26 TYR 26 26 26 TYR TYR B . n 
A 1 27 VAL 27 27 27 VAL VAL B . n 
A 1 28 TYR 28 28 28 TYR TYR B . n 
A 1 29 GLY 29 29 29 GLY GLY B . n 
A 1 30 PHE 30 30 30 PHE PHE B . n 
A 1 31 HIS 31 31 31 HIS HIS B . n 
A 1 32 PRO 32 32 32 PRO PRO B . n 
A 1 33 PRO 33 33 33 PRO PRO B . n 
A 1 34 GLN 34 34 34 GLN GLN B . n 
A 1 35 ILE 35 35 35 ILE ILE B . n 
A 1 36 GLU 36 36 36 GLU GLU B . n 
A 1 37 ILE 37 37 37 ILE ILE B . n 
A 1 38 ASP 38 38 38 ASP ASP B . n 
A 1 39 LEU 39 39 39 LEU LEU B . n 
A 1 40 LEU 40 40 40 LEU LEU B . n 
A 1 41 LYS 41 41 41 LYS LYS B . n 
A 1 42 ASN 42 42 42 ASN ASN B . n 
A 1 43 GLY 43 43 43 GLY GLY B . n 
A 1 44 GLN 44 44 44 GLN GLN B . n 
A 1 45 LYS 45 45 45 LYS LYS B . n 
A 1 46 MET 46 46 46 MET MET B . n 
A 1 47 LYS 47 47 47 LYS LYS B . n 
A 1 48 THR 48 48 48 THR THR B . n 
A 1 49 GLU 49 49 49 GLU GLU B . n 
A 1 50 GLN 50 50 50 GLN GLN B . n 
A 1 51 SER 51 51 51 SER SER B . n 
A 1 52 ASP 52 52 52 ASP ASP B . n 
A 1 53 LEU 53 53 53 LEU LEU B . n 
A 1 54 SER 54 54 54 SER SER B . n 
A 1 55 PHE 55 55 55 PHE PHE B . n 
A 1 56 SER 56 56 56 SER SER B . n 
A 1 57 LYS 57 57 57 LYS LYS B . n 
A 1 58 ASP 58 58 58 ASP ASP B . n 
A 1 59 TRP 59 59 59 TRP TRP B . n 
A 1 60 SER 60 60 60 SER SER B . n 
A 1 61 PHE 61 61 61 PHE PHE B . n 
A 1 62 TYR 62 62 62 TYR TYR B . n 
A 1 63 LEU 63 63 63 LEU LEU B . n 
A 1 64 LEU 64 64 64 LEU LEU B . n 
A 1 65 VAL 65 65 65 VAL VAL B . n 
A 1 66 HIS 66 66 66 HIS HIS B . n 
A 1 67 THR 67 67 67 THR THR B . n 
A 1 68 ASP 68 68 68 ASP ASP B . n 
A 1 69 PHE 69 69 69 PHE PHE B . n 
A 1 70 THR 70 70 70 THR THR B . n 
A 1 71 PRO 71 71 71 PRO PRO B . n 
A 1 72 SER 72 72 72 SER SER B . n 
A 1 73 THR 73 73 73 THR THR B . n 
A 1 74 VAL 74 74 74 VAL VAL B . n 
A 1 75 ASP 75 75 75 ASP ASP B . n 
A 1 76 GLU 76 76 76 GLU GLU B . n 
A 1 77 TYR 77 77 77 TYR TYR B . n 
A 1 78 SER 78 78 78 SER SER B . n 
A 1 79 CYS 79 79 79 CYS CYS B . n 
A 1 80 ARG 80 80 80 ARG ARG B . n 
A 1 81 VAL 81 81 81 VAL VAL B . n 
A 1 82 ASN 82 82 82 ASN ASN B . n 
A 1 83 HIS 83 83 83 HIS HIS B . n 
A 1 84 SER 84 84 84 SER SER B . n 
A 1 85 SER 85 85 85 SER SER B . n 
A 1 86 LEU 86 86 86 LEU LEU B . n 
A 1 87 ALA 87 87 87 ALA ALA B . n 
A 1 88 ALA 88 88 88 ALA ALA B . n 
A 1 89 PRO 89 89 89 PRO PRO B . n 
A 1 90 HIS 90 90 90 HIS HIS B . n 
A 1 91 MET 91 91 91 MET MET B . n 
A 1 92 VAL 92 92 92 VAL VAL B . n 
A 1 93 LYS 93 93 93 LYS LYS B . n 
A 1 94 TRP 94 94 94 TRP TRP B . n 
A 1 95 ASP 95 95 95 ASP ASP B . n 
A 1 96 ARG 96 96 96 ARG ARG B . n 
A 1 97 ASN 97 97 97 ASN ASN B . n 
A 1 98 ASN 98 98 ?  ?   ?   B . n 
A 1 99 THR 99 99 ?  ?   ?   B . n 
# 
loop_
_pdbx_nonpoly_scheme.asym_id 
_pdbx_nonpoly_scheme.entity_id 
_pdbx_nonpoly_scheme.mon_id 
_pdbx_nonpoly_scheme.ndb_seq_num 
_pdbx_nonpoly_scheme.pdb_seq_num 
_pdbx_nonpoly_scheme.auth_seq_num 
_pdbx_nonpoly_scheme.pdb_mon_id 
_pdbx_nonpoly_scheme.auth_mon_id 
_pdbx_nonpoly_scheme.pdb_strand_id 
_pdbx_nonpoly_scheme.pdb_ins_code 
B 2 HOH 1  101 29 HOH HOH B . 
B 2 HOH 2  102 42 HOH HOH B . 
B 2 HOH 3  103 88 HOH HOH B . 
B 2 HOH 4  104 47 HOH HOH B . 
B 2 HOH 5  105 38 HOH HOH B . 
B 2 HOH 6  106 23 HOH HOH B . 
B 2 HOH 7  107 81 HOH HOH B . 
B 2 HOH 8  108 44 HOH HOH B . 
B 2 HOH 9  109 26 HOH HOH B . 
B 2 HOH 10 110 27 HOH HOH B . 
B 2 HOH 11 111 66 HOH HOH B . 
B 2 HOH 12 112 22 HOH HOH B . 
B 2 HOH 13 113 7  HOH HOH B . 
B 2 HOH 14 114 18 HOH HOH B . 
B 2 HOH 15 115 3  HOH HOH B . 
B 2 HOH 16 116 25 HOH HOH B . 
B 2 HOH 17 117 13 HOH HOH B . 
B 2 HOH 18 118 70 HOH HOH B . 
B 2 HOH 19 119 75 HOH HOH B . 
B 2 HOH 20 120 43 HOH HOH B . 
B 2 HOH 21 121 16 HOH HOH B . 
B 2 HOH 22 122 80 HOH HOH B . 
B 2 HOH 23 123 78 HOH HOH B . 
B 2 HOH 24 124 20 HOH HOH B . 
B 2 HOH 25 125 89 HOH HOH B . 
B 2 HOH 26 126 32 HOH HOH B . 
B 2 HOH 27 127 68 HOH HOH B . 
B 2 HOH 28 128 4  HOH HOH B . 
B 2 HOH 29 129 15 HOH HOH B . 
B 2 HOH 30 130 11 HOH HOH B . 
B 2 HOH 31 131 71 HOH HOH B . 
B 2 HOH 32 132 46 HOH HOH B . 
B 2 HOH 33 133 39 HOH HOH B . 
B 2 HOH 34 134 1  HOH HOH B . 
B 2 HOH 35 135 86 HOH HOH B . 
B 2 HOH 36 136 64 HOH HOH B . 
B 2 HOH 37 137 36 HOH HOH B . 
B 2 HOH 38 138 17 HOH HOH B . 
B 2 HOH 39 139 12 HOH HOH B . 
B 2 HOH 40 140 21 HOH HOH B . 
B 2 HOH 41 141 9  HOH HOH B . 
B 2 HOH 42 142 67 HOH HOH B . 
B 2 HOH 43 143 28 HOH HOH B . 
B 2 HOH 44 144 60 HOH HOH B . 
B 2 HOH 45 145 14 HOH HOH B . 
B 2 HOH 46 146 87 HOH HOH B . 
B 2 HOH 47 147 51 HOH HOH B . 
B 2 HOH 48 148 56 HOH HOH B . 
B 2 HOH 49 149 19 HOH HOH B . 
B 2 HOH 50 150 41 HOH HOH B . 
B 2 HOH 51 151 73 HOH HOH B . 
B 2 HOH 52 152 30 HOH HOH B . 
B 2 HOH 53 153 5  HOH HOH B . 
B 2 HOH 54 154 8  HOH HOH B . 
B 2 HOH 55 155 72 HOH HOH B . 
B 2 HOH 56 156 55 HOH HOH B . 
B 2 HOH 57 157 82 HOH HOH B . 
B 2 HOH 58 158 34 HOH HOH B . 
B 2 HOH 59 159 37 HOH HOH B . 
B 2 HOH 60 160 77 HOH HOH B . 
B 2 HOH 61 161 63 HOH HOH B . 
B 2 HOH 62 162 31 HOH HOH B . 
B 2 HOH 63 163 24 HOH HOH B . 
B 2 HOH 64 164 6  HOH HOH B . 
B 2 HOH 65 165 48 HOH HOH B . 
B 2 HOH 66 166 35 HOH HOH B . 
B 2 HOH 67 167 52 HOH HOH B . 
B 2 HOH 68 168 58 HOH HOH B . 
B 2 HOH 69 169 76 HOH HOH B . 
B 2 HOH 70 170 53 HOH HOH B . 
B 2 HOH 71 171 50 HOH HOH B . 
B 2 HOH 72 172 40 HOH HOH B . 
B 2 HOH 73 173 57 HOH HOH B . 
B 2 HOH 74 174 61 HOH HOH B . 
B 2 HOH 75 175 69 HOH HOH B . 
B 2 HOH 76 176 10 HOH HOH B . 
B 2 HOH 77 177 79 HOH HOH B . 
B 2 HOH 78 178 62 HOH HOH B . 
B 2 HOH 79 179 54 HOH HOH B . 
B 2 HOH 80 180 49 HOH HOH B . 
B 2 HOH 81 181 74 HOH HOH B . 
B 2 HOH 82 182 83 HOH HOH B . 
B 2 HOH 83 183 59 HOH HOH B . 
B 2 HOH 84 184 84 HOH HOH B . 
B 2 HOH 85 185 33 HOH HOH B . 
B 2 HOH 86 186 65 HOH HOH B . 
B 2 HOH 87 187 85 HOH HOH B . 
# 
loop_
_software.citation_id 
_software.classification 
_software.compiler_name 
_software.compiler_version 
_software.contact_author 
_software.contact_author_email 
_software.date 
_software.description 
_software.dependencies 
_software.hardware 
_software.language 
_software.location 
_software.mods 
_software.name 
_software.os 
_software.os_version 
_software.type 
_software.version 
_software.pdbx_ordinal 
? refinement       ? ? ? ? ? ? ? ? ? ? ? PHENIX   ? ? ? '(1.11.1_2575: ???)' 1 
? 'data reduction' ? ? ? ? ? ? ? ? ? ? ? HKL-2000 ? ? ? .                    2 
? 'data scaling'   ? ? ? ? ? ? ? ? ? ? ? HKL-2000 ? ? ? .                    3 
? phasing          ? ? ? ? ? ? ? ? ? ? ? CNS      ? ? ? .                    4 
# 
_cell.angle_alpha                  90.00 
_cell.angle_alpha_esd              ? 
_cell.angle_beta                   90.00 
_cell.angle_beta_esd               ? 
_cell.angle_gamma                  90.00 
_cell.angle_gamma_esd              ? 
_cell.entry_id                     6K7U 
_cell.details                      ? 
_cell.formula_units_Z              ? 
_cell.length_a                     33.707 
_cell.length_a_esd                 ? 
_cell.length_b                     114.641 
_cell.length_b_esd                 ? 
_cell.length_c                     57.307 
_cell.length_c_esd                 ? 
_cell.volume                       ? 
_cell.volume_esd                   ? 
_cell.Z_PDB                        8 
_cell.reciprocal_angle_alpha       ? 
_cell.reciprocal_angle_beta        ? 
_cell.reciprocal_angle_gamma       ? 
_cell.reciprocal_angle_alpha_esd   ? 
_cell.reciprocal_angle_beta_esd    ? 
_cell.reciprocal_angle_gamma_esd   ? 
_cell.reciprocal_length_a          ? 
_cell.reciprocal_length_b          ? 
_cell.reciprocal_length_c          ? 
_cell.reciprocal_length_a_esd      ? 
_cell.reciprocal_length_b_esd      ? 
_cell.reciprocal_length_c_esd      ? 
_cell.pdbx_unique_axis             ? 
# 
_symmetry.entry_id                         6K7U 
_symmetry.cell_setting                     ? 
_symmetry.Int_Tables_number                20 
_symmetry.space_group_name_Hall            ? 
_symmetry.space_group_name_H-M             'C 2 2 21' 
_symmetry.pdbx_full_space_group_name_H-M   ? 
# 
_exptl.absorpt_coefficient_mu     ? 
_exptl.absorpt_correction_T_max   ? 
_exptl.absorpt_correction_T_min   ? 
_exptl.absorpt_correction_type    ? 
_exptl.absorpt_process_details    ? 
_exptl.entry_id                   6K7U 
_exptl.crystals_number            1 
_exptl.details                    ? 
_exptl.method                     'X-RAY DIFFRACTION' 
_exptl.method_details             ? 
# 
_exptl_crystal.colour                      ? 
_exptl_crystal.density_diffrn              ? 
_exptl_crystal.density_Matthews            2.44 
_exptl_crystal.density_method              ? 
_exptl_crystal.density_percent_sol         49.52 
_exptl_crystal.description                 ? 
_exptl_crystal.F_000                       ? 
_exptl_crystal.id                          1 
_exptl_crystal.preparation                 ? 
_exptl_crystal.size_max                    ? 
_exptl_crystal.size_mid                    ? 
_exptl_crystal.size_min                    ? 
_exptl_crystal.size_rad                    ? 
_exptl_crystal.colour_lustre               ? 
_exptl_crystal.colour_modifier             ? 
_exptl_crystal.colour_primary              ? 
_exptl_crystal.density_meas                ? 
_exptl_crystal.density_meas_esd            ? 
_exptl_crystal.density_meas_gt             ? 
_exptl_crystal.density_meas_lt             ? 
_exptl_crystal.density_meas_temp           ? 
_exptl_crystal.density_meas_temp_esd       ? 
_exptl_crystal.density_meas_temp_gt        ? 
_exptl_crystal.density_meas_temp_lt        ? 
_exptl_crystal.pdbx_crystal_image_url      ? 
_exptl_crystal.pdbx_crystal_image_format   ? 
_exptl_crystal.pdbx_mosaicity              ? 
_exptl_crystal.pdbx_mosaicity_esd          ? 
# 
_exptl_crystal_grow.apparatus       ? 
_exptl_crystal_grow.atmosphere      ? 
_exptl_crystal_grow.crystal_id      1 
_exptl_crystal_grow.details         ? 
_exptl_crystal_grow.method          'VAPOR DIFFUSION, SITTING DROP' 
_exptl_crystal_grow.method_ref      ? 
_exptl_crystal_grow.pH              6.5 
_exptl_crystal_grow.pressure        ? 
_exptl_crystal_grow.pressure_esd    ? 
_exptl_crystal_grow.seeding         ? 
_exptl_crystal_grow.seeding_ref     ? 
_exptl_crystal_grow.temp            291 
_exptl_crystal_grow.temp_details    ? 
_exptl_crystal_grow.temp_esd        ? 
_exptl_crystal_grow.time            ? 
_exptl_crystal_grow.pdbx_details    '0.1 M BIS-TRIS pH 6.5, 8% w/v Polyethylene glycol monomethyl ether 5000' 
_exptl_crystal_grow.pdbx_pH_range   ? 
# 
_diffrn.ambient_environment              ? 
_diffrn.ambient_temp                     100 
_diffrn.ambient_temp_details             ? 
_diffrn.ambient_temp_esd                 ? 
_diffrn.crystal_id                       1 
_diffrn.crystal_support                  ? 
_diffrn.crystal_treatment                ? 
_diffrn.details                          ? 
_diffrn.id                               1 
_diffrn.ambient_pressure                 ? 
_diffrn.ambient_pressure_esd             ? 
_diffrn.ambient_pressure_gt              ? 
_diffrn.ambient_pressure_lt              ? 
_diffrn.ambient_temp_gt                  ? 
_diffrn.ambient_temp_lt                  ? 
_diffrn.pdbx_serial_crystal_experiment   N 
# 
_diffrn_detector.details                      ? 
_diffrn_detector.detector                     'OSCILLATION CAMERA' 
_diffrn_detector.diffrn_id                    1 
_diffrn_detector.type                         SDMS 
_diffrn_detector.area_resol_mean              ? 
_diffrn_detector.dtime                        ? 
_diffrn_detector.pdbx_frames_total            ? 
_diffrn_detector.pdbx_collection_time_total   ? 
_diffrn_detector.pdbx_collection_date         2017-05-03 
_diffrn_detector.pdbx_frequency               ? 
# 
_diffrn_radiation.collimation                      ? 
_diffrn_radiation.diffrn_id                        1 
_diffrn_radiation.filter_edge                      ? 
_diffrn_radiation.inhomogeneity                    ? 
_diffrn_radiation.monochromator                    ? 
_diffrn_radiation.polarisn_norm                    ? 
_diffrn_radiation.polarisn_ratio                   ? 
_diffrn_radiation.probe                            ? 
_diffrn_radiation.type                             ? 
_diffrn_radiation.xray_symbol                      ? 
_diffrn_radiation.wavelength_id                    1 
_diffrn_radiation.pdbx_monochromatic_or_laue_m_l   M 
_diffrn_radiation.pdbx_wavelength_list             ? 
_diffrn_radiation.pdbx_wavelength                  ? 
_diffrn_radiation.pdbx_diffrn_protocol             'SINGLE WAVELENGTH' 
_diffrn_radiation.pdbx_analyzer                    ? 
_diffrn_radiation.pdbx_scattering_type             x-ray 
# 
_diffrn_radiation_wavelength.id           1 
_diffrn_radiation_wavelength.wavelength   0.97776 
_diffrn_radiation_wavelength.wt           1.0 
# 
_diffrn_source.current                     ? 
_diffrn_source.details                     ? 
_diffrn_source.diffrn_id                   1 
_diffrn_source.power                       ? 
_diffrn_source.size                        ? 
_diffrn_source.source                      SYNCHROTRON 
_diffrn_source.target                      ? 
_diffrn_source.type                        'SSRF BEAMLINE BL19U1' 
_diffrn_source.voltage                     ? 
_diffrn_source.take-off_angle              ? 
_diffrn_source.pdbx_wavelength_list        0.97776 
_diffrn_source.pdbx_wavelength             ? 
_diffrn_source.pdbx_synchrotron_beamline   BL19U1 
_diffrn_source.pdbx_synchrotron_site       SSRF 
# 
_reflns.B_iso_Wilson_estimate            ? 
_reflns.entry_id                         6K7U 
_reflns.data_reduction_details           ? 
_reflns.data_reduction_method            ? 
_reflns.d_resolution_high                1.60 
_reflns.d_resolution_low                 50.00 
_reflns.details                          ? 
_reflns.limit_h_max                      ? 
_reflns.limit_h_min                      ? 
_reflns.limit_k_max                      ? 
_reflns.limit_k_min                      ? 
_reflns.limit_l_max                      ? 
_reflns.limit_l_min                      ? 
_reflns.number_all                       ? 
_reflns.number_obs                       15045 
_reflns.observed_criterion               ? 
_reflns.observed_criterion_F_max         ? 
_reflns.observed_criterion_F_min         ? 
_reflns.observed_criterion_I_max         ? 
_reflns.observed_criterion_I_min         ? 
_reflns.observed_criterion_sigma_F       ? 
_reflns.observed_criterion_sigma_I       ? 
_reflns.percent_possible_obs             100.0 
_reflns.R_free_details                   ? 
_reflns.Rmerge_F_all                     ? 
_reflns.Rmerge_F_obs                     ? 
_reflns.Friedel_coverage                 ? 
_reflns.number_gt                        ? 
_reflns.threshold_expression             ? 
_reflns.pdbx_redundancy                  7.5 
_reflns.pdbx_Rmerge_I_obs                ? 
_reflns.pdbx_Rmerge_I_all                ? 
_reflns.pdbx_Rsym_value                  ? 
_reflns.pdbx_netI_over_av_sigmaI         ? 
_reflns.pdbx_netI_over_sigmaI            28.036 
_reflns.pdbx_res_netI_over_av_sigmaI_2   ? 
_reflns.pdbx_res_netI_over_sigmaI_2      ? 
_reflns.pdbx_chi_squared                 ? 
_reflns.pdbx_scaling_rejects             ? 
_reflns.pdbx_d_res_high_opt              ? 
_reflns.pdbx_d_res_low_opt               ? 
_reflns.pdbx_d_res_opt_method            ? 
_reflns.phase_calculation_details        ? 
_reflns.pdbx_Rrim_I_all                  ? 
_reflns.pdbx_Rpim_I_all                  ? 
_reflns.pdbx_d_opt                       ? 
_reflns.pdbx_number_measured_all         ? 
_reflns.pdbx_diffrn_id                   1 
_reflns.pdbx_ordinal                     1 
_reflns.pdbx_CC_half                     ? 
_reflns.pdbx_R_split                     ? 
# 
_reflns_shell.d_res_high                  1.60 
_reflns_shell.d_res_low                   1.63 
_reflns_shell.meanI_over_sigI_all         ? 
_reflns_shell.meanI_over_sigI_obs         ? 
_reflns_shell.number_measured_all         ? 
_reflns_shell.number_measured_obs         ? 
_reflns_shell.number_possible             ? 
_reflns_shell.number_unique_all           ? 
_reflns_shell.number_unique_obs           15045 
_reflns_shell.percent_possible_all        ? 
_reflns_shell.percent_possible_obs        ? 
_reflns_shell.Rmerge_F_all                ? 
_reflns_shell.Rmerge_F_obs                ? 
_reflns_shell.Rmerge_I_all                ? 
_reflns_shell.Rmerge_I_obs                ? 
_reflns_shell.meanI_over_sigI_gt          ? 
_reflns_shell.meanI_over_uI_all           ? 
_reflns_shell.meanI_over_uI_gt            ? 
_reflns_shell.number_measured_gt          ? 
_reflns_shell.number_unique_gt            ? 
_reflns_shell.percent_possible_gt         ? 
_reflns_shell.Rmerge_F_gt                 ? 
_reflns_shell.Rmerge_I_gt                 ? 
_reflns_shell.pdbx_redundancy             ? 
_reflns_shell.pdbx_Rsym_value             ? 
_reflns_shell.pdbx_chi_squared            ? 
_reflns_shell.pdbx_netI_over_sigmaI_all   ? 
_reflns_shell.pdbx_netI_over_sigmaI_obs   ? 
_reflns_shell.pdbx_Rrim_I_all             ? 
_reflns_shell.pdbx_Rpim_I_all             ? 
_reflns_shell.pdbx_rejects                ? 
_reflns_shell.pdbx_ordinal                1 
_reflns_shell.pdbx_diffrn_id              1 
_reflns_shell.pdbx_CC_half                ? 
_reflns_shell.pdbx_R_split                ? 
# 
_refine.aniso_B[1][1]                            ? 
_refine.aniso_B[1][2]                            ? 
_refine.aniso_B[1][3]                            ? 
_refine.aniso_B[2][2]                            ? 
_refine.aniso_B[2][3]                            ? 
_refine.aniso_B[3][3]                            ? 
_refine.B_iso_max                                ? 
_refine.B_iso_mean                               ? 
_refine.B_iso_min                                ? 
_refine.correlation_coeff_Fo_to_Fc               ? 
_refine.correlation_coeff_Fo_to_Fc_free          ? 
_refine.details                                  ? 
_refine.diff_density_max                         ? 
_refine.diff_density_max_esd                     ? 
_refine.diff_density_min                         ? 
_refine.diff_density_min_esd                     ? 
_refine.diff_density_rms                         ? 
_refine.diff_density_rms_esd                     ? 
_refine.entry_id                                 6K7U 
_refine.pdbx_refine_id                           'X-RAY DIFFRACTION' 
_refine.ls_abs_structure_details                 ? 
_refine.ls_abs_structure_Flack                   ? 
_refine.ls_abs_structure_Flack_esd               ? 
_refine.ls_abs_structure_Rogers                  ? 
_refine.ls_abs_structure_Rogers_esd              ? 
_refine.ls_d_res_high                            1.601 
_refine.ls_d_res_low                             40.527 
_refine.ls_extinction_coef                       ? 
_refine.ls_extinction_coef_esd                   ? 
_refine.ls_extinction_expression                 ? 
_refine.ls_extinction_method                     ? 
_refine.ls_goodness_of_fit_all                   ? 
_refine.ls_goodness_of_fit_all_esd               ? 
_refine.ls_goodness_of_fit_obs                   ? 
_refine.ls_goodness_of_fit_obs_esd               ? 
_refine.ls_hydrogen_treatment                    ? 
_refine.ls_matrix_type                           ? 
_refine.ls_number_constraints                    ? 
_refine.ls_number_parameters                     ? 
_refine.ls_number_reflns_all                     ? 
_refine.ls_number_reflns_obs                     14900 
_refine.ls_number_reflns_R_free                  713 
_refine.ls_number_reflns_R_work                  ? 
_refine.ls_number_restraints                     ? 
_refine.ls_percent_reflns_obs                    98.71 
_refine.ls_percent_reflns_R_free                 4.79 
_refine.ls_R_factor_all                          ? 
_refine.ls_R_factor_obs                          0.1958 
_refine.ls_R_factor_R_free                       0.2022 
_refine.ls_R_factor_R_free_error                 ? 
_refine.ls_R_factor_R_free_error_details         ? 
_refine.ls_R_factor_R_work                       0.1954 
_refine.ls_R_Fsqd_factor_obs                     ? 
_refine.ls_R_I_factor_obs                        ? 
_refine.ls_redundancy_reflns_all                 ? 
_refine.ls_redundancy_reflns_obs                 ? 
_refine.ls_restrained_S_all                      ? 
_refine.ls_restrained_S_obs                      ? 
_refine.ls_shift_over_esd_max                    ? 
_refine.ls_shift_over_esd_mean                   ? 
_refine.ls_structure_factor_coef                 ? 
_refine.ls_weighting_details                     ? 
_refine.ls_weighting_scheme                      ? 
_refine.ls_wR_factor_all                         ? 
_refine.ls_wR_factor_obs                         ? 
_refine.ls_wR_factor_R_free                      ? 
_refine.ls_wR_factor_R_work                      ? 
_refine.occupancy_max                            ? 
_refine.occupancy_min                            ? 
_refine.solvent_model_details                    ? 
_refine.solvent_model_param_bsol                 ? 
_refine.solvent_model_param_ksol                 ? 
_refine.ls_R_factor_gt                           ? 
_refine.ls_goodness_of_fit_gt                    ? 
_refine.ls_goodness_of_fit_ref                   ? 
_refine.ls_shift_over_su_max                     ? 
_refine.ls_shift_over_su_max_lt                  ? 
_refine.ls_shift_over_su_mean                    ? 
_refine.ls_shift_over_su_mean_lt                 ? 
_refine.pdbx_ls_sigma_I                          ? 
_refine.pdbx_ls_sigma_F                          1.35 
_refine.pdbx_ls_sigma_Fsqd                       ? 
_refine.pdbx_data_cutoff_high_absF               ? 
_refine.pdbx_data_cutoff_high_rms_absF           ? 
_refine.pdbx_data_cutoff_low_absF                ? 
_refine.pdbx_isotropic_thermal_model             ? 
_refine.pdbx_ls_cross_valid_method               NONE 
_refine.pdbx_method_to_determine_struct          'MOLECULAR REPLACEMENT' 
_refine.pdbx_starting_model                      ? 
_refine.pdbx_stereochemistry_target_values       ? 
_refine.pdbx_R_Free_selection_details            ? 
_refine.pdbx_stereochem_target_val_spec_case     ? 
_refine.pdbx_overall_ESU_R                       ? 
_refine.pdbx_overall_ESU_R_Free                  ? 
_refine.pdbx_solvent_vdw_probe_radii             1.11 
_refine.pdbx_solvent_ion_probe_radii             ? 
_refine.pdbx_solvent_shrinkage_radii             0.90 
_refine.pdbx_real_space_R                        ? 
_refine.pdbx_density_correlation                 ? 
_refine.pdbx_pd_number_of_powder_patterns        ? 
_refine.pdbx_pd_number_of_points                 ? 
_refine.pdbx_pd_meas_number_of_points            ? 
_refine.pdbx_pd_proc_ls_prof_R_factor            ? 
_refine.pdbx_pd_proc_ls_prof_wR_factor           ? 
_refine.pdbx_pd_Marquardt_correlation_coeff      ? 
_refine.pdbx_pd_Fsqrd_R_factor                   ? 
_refine.pdbx_pd_ls_matrix_band_width             ? 
_refine.pdbx_overall_phase_error                 21.16 
_refine.pdbx_overall_SU_R_free_Cruickshank_DPI   ? 
_refine.pdbx_overall_SU_R_free_Blow_DPI          ? 
_refine.pdbx_overall_SU_R_Blow_DPI               ? 
_refine.pdbx_TLS_residual_ADP_flag               ? 
_refine.pdbx_diffrn_id                           1 
_refine.overall_SU_B                             ? 
_refine.overall_SU_ML                            0.18 
_refine.overall_SU_R_Cruickshank_DPI             ? 
_refine.overall_SU_R_free                        ? 
_refine.overall_FOM_free_R_set                   ? 
_refine.overall_FOM_work_R_set                   ? 
_refine.pdbx_average_fsc_overall                 ? 
_refine.pdbx_average_fsc_work                    ? 
_refine.pdbx_average_fsc_free                    ? 
# 
_refine_hist.pdbx_refine_id                   'X-RAY DIFFRACTION' 
_refine_hist.cycle_id                         LAST 
_refine_hist.details                          ? 
_refine_hist.d_res_high                       1.601 
_refine_hist.d_res_low                        40.527 
_refine_hist.number_atoms_solvent             87 
_refine_hist.number_atoms_total               887 
_refine_hist.number_reflns_all                ? 
_refine_hist.number_reflns_obs                ? 
_refine_hist.number_reflns_R_free             ? 
_refine_hist.number_reflns_R_work             ? 
_refine_hist.R_factor_all                     ? 
_refine_hist.R_factor_obs                     ? 
_refine_hist.R_factor_R_free                  ? 
_refine_hist.R_factor_R_work                  ? 
_refine_hist.pdbx_number_residues_total       ? 
_refine_hist.pdbx_B_iso_mean_ligand           ? 
_refine_hist.pdbx_B_iso_mean_solvent          ? 
_refine_hist.pdbx_number_atoms_protein        800 
_refine_hist.pdbx_number_atoms_nucleic_acid   0 
_refine_hist.pdbx_number_atoms_ligand         0 
_refine_hist.pdbx_number_atoms_lipid          ? 
_refine_hist.pdbx_number_atoms_carb           ? 
_refine_hist.pdbx_pseudo_atom_details         ? 
# 
loop_
_refine_ls_restr.pdbx_refine_id 
_refine_ls_restr.criterion 
_refine_ls_restr.dev_ideal 
_refine_ls_restr.dev_ideal_target 
_refine_ls_restr.number 
_refine_ls_restr.rejects 
_refine_ls_restr.type 
_refine_ls_restr.weight 
_refine_ls_restr.pdbx_restraint_function 
'X-RAY DIFFRACTION' ? 0.006  ? 849  ? f_bond_d           ? ? 
'X-RAY DIFFRACTION' ? 1.015  ? 1159 ? f_angle_d          ? ? 
'X-RAY DIFFRACTION' ? 26.291 ? 319  ? f_dihedral_angle_d ? ? 
'X-RAY DIFFRACTION' ? 0.086  ? 117  ? f_chiral_restr     ? ? 
'X-RAY DIFFRACTION' ? 0.007  ? 153  ? f_plane_restr      ? ? 
# 
loop_
_refine_ls_shell.pdbx_refine_id 
_refine_ls_shell.d_res_high 
_refine_ls_shell.d_res_low 
_refine_ls_shell.number_reflns_all 
_refine_ls_shell.number_reflns_obs 
_refine_ls_shell.number_reflns_R_free 
_refine_ls_shell.number_reflns_R_work 
_refine_ls_shell.percent_reflns_obs 
_refine_ls_shell.percent_reflns_R_free 
_refine_ls_shell.R_factor_all 
_refine_ls_shell.R_factor_obs 
_refine_ls_shell.R_factor_R_free 
_refine_ls_shell.R_factor_R_free_error 
_refine_ls_shell.R_factor_R_work 
_refine_ls_shell.redundancy_reflns_all 
_refine_ls_shell.redundancy_reflns_obs 
_refine_ls_shell.wR_factor_all 
_refine_ls_shell.wR_factor_obs 
_refine_ls_shell.wR_factor_R_free 
_refine_ls_shell.wR_factor_R_work 
_refine_ls_shell.pdbx_total_number_of_bins_used 
_refine_ls_shell.pdbx_phase_error 
_refine_ls_shell.pdbx_fsc_work 
_refine_ls_shell.pdbx_fsc_free 
'X-RAY DIFFRACTION' 1.6006 1.7241  . . 148 2635 94.00  . . . 0.3012 . 0.2528 . . . . . . . . . . 
'X-RAY DIFFRACTION' 1.7241 1.8976  . . 146 2808 100.00 . . . 0.2369 . 0.2209 . . . . . . . . . . 
'X-RAY DIFFRACTION' 1.8976 2.1722  . . 136 2861 100.00 . . . 0.2132 . 0.1916 . . . . . . . . . . 
'X-RAY DIFFRACTION' 2.1722 2.7367  . . 142 2872 100.00 . . . 0.2215 . 0.2122 . . . . . . . . . . 
'X-RAY DIFFRACTION' 2.7367 40.5399 . . 141 3011 100.00 . . . 0.1619 . 0.1720 . . . . . . . . . . 
# 
_struct.entry_id                     6K7U 
_struct.title                        'Crystal structure of beta-2 microglobulin (beta2m) of Bat (Pteropus Alecto)' 
_struct.pdbx_model_details           ? 
_struct.pdbx_formula_weight          ? 
_struct.pdbx_formula_weight_method   ? 
_struct.pdbx_model_type_details      ? 
_struct.pdbx_CASP_flag               N 
# 
_struct_keywords.entry_id        6K7U 
_struct_keywords.text            'Immune molecular, IMMUNE SYSTEM' 
_struct_keywords.pdbx_keywords   'IMMUNE SYSTEM' 
# 
loop_
_struct_asym.id 
_struct_asym.pdbx_blank_PDB_chainid_flag 
_struct_asym.pdbx_modified 
_struct_asym.entity_id 
_struct_asym.details 
A N N 1 ? 
B N N 2 ? 
# 
_struct_ref.id                         1 
_struct_ref.db_name                    PDB 
_struct_ref.db_code                    6K7U 
_struct_ref.pdbx_db_accession          6K7U 
_struct_ref.pdbx_db_isoform            ? 
_struct_ref.entity_id                  1 
_struct_ref.pdbx_seq_one_letter_code   ? 
_struct_ref.pdbx_align_begin           1 
# 
_struct_ref_seq.align_id                      1 
_struct_ref_seq.ref_id                        1 
_struct_ref_seq.pdbx_PDB_id_code              6K7U 
_struct_ref_seq.pdbx_strand_id                B 
_struct_ref_seq.seq_align_beg                 1 
_struct_ref_seq.pdbx_seq_align_beg_ins_code   ? 
_struct_ref_seq.seq_align_end                 99 
_struct_ref_seq.pdbx_seq_align_end_ins_code   ? 
_struct_ref_seq.pdbx_db_accession             6K7U 
_struct_ref_seq.db_align_beg                  1 
_struct_ref_seq.pdbx_db_align_beg_ins_code    ? 
_struct_ref_seq.db_align_end                  99 
_struct_ref_seq.pdbx_db_align_end_ins_code    ? 
_struct_ref_seq.pdbx_auth_seq_align_beg       1 
_struct_ref_seq.pdbx_auth_seq_align_end       99 
# 
_pdbx_struct_assembly.id                   1 
_pdbx_struct_assembly.details              author_defined_assembly 
_pdbx_struct_assembly.method_details       ? 
_pdbx_struct_assembly.oligomeric_details   monomeric 
_pdbx_struct_assembly.oligomeric_count     1 
# 
loop_
_pdbx_struct_assembly_prop.biol_id 
_pdbx_struct_assembly_prop.type 
_pdbx_struct_assembly_prop.value 
_pdbx_struct_assembly_prop.details 
1 'ABSA (A^2)' 0    ? 
1 MORE         0    ? 
1 'SSA (A^2)'  6370 ? 
# 
_pdbx_struct_assembly_gen.assembly_id       1 
_pdbx_struct_assembly_gen.oper_expression   1 
_pdbx_struct_assembly_gen.asym_id_list      A,B 
# 
_pdbx_struct_assembly_auth_evidence.id                     1 
_pdbx_struct_assembly_auth_evidence.assembly_id            1 
_pdbx_struct_assembly_auth_evidence.experimental_support   'gel filtration' 
_pdbx_struct_assembly_auth_evidence.details                ? 
# 
_pdbx_struct_oper_list.id                   1 
_pdbx_struct_oper_list.type                 'identity operation' 
_pdbx_struct_oper_list.name                 1_555 
_pdbx_struct_oper_list.symmetry_operation   x,y,z 
_pdbx_struct_oper_list.matrix[1][1]         1.0000000000 
_pdbx_struct_oper_list.matrix[1][2]         0.0000000000 
_pdbx_struct_oper_list.matrix[1][3]         0.0000000000 
_pdbx_struct_oper_list.vector[1]            0.0000000000 
_pdbx_struct_oper_list.matrix[2][1]         0.0000000000 
_pdbx_struct_oper_list.matrix[2][2]         1.0000000000 
_pdbx_struct_oper_list.matrix[2][3]         0.0000000000 
_pdbx_struct_oper_list.vector[2]            0.0000000000 
_pdbx_struct_oper_list.matrix[3][1]         0.0000000000 
_pdbx_struct_oper_list.matrix[3][2]         0.0000000000 
_pdbx_struct_oper_list.matrix[3][3]         1.0000000000 
_pdbx_struct_oper_list.vector[3]            0.0000000000 
# 
_struct_conn.id                            disulf1 
_struct_conn.conn_type_id                  disulf 
_struct_conn.pdbx_leaving_atom_flag        ? 
_struct_conn.pdbx_PDB_id                   ? 
_struct_conn.ptnr1_label_asym_id           A 
_struct_conn.ptnr1_label_comp_id           CYS 
_struct_conn.ptnr1_label_seq_id            25 
_struct_conn.ptnr1_label_atom_id           SG 
_struct_conn.pdbx_ptnr1_label_alt_id       ? 
_struct_conn.pdbx_ptnr1_PDB_ins_code       ? 
_struct_conn.pdbx_ptnr1_standard_comp_id   ? 
_struct_conn.ptnr1_symmetry                1_555 
_struct_conn.ptnr2_label_asym_id           A 
_struct_conn.ptnr2_label_comp_id           CYS 
_struct_conn.ptnr2_label_seq_id            79 
_struct_conn.ptnr2_label_atom_id           SG 
_struct_conn.pdbx_ptnr2_label_alt_id       ? 
_struct_conn.pdbx_ptnr2_PDB_ins_code       ? 
_struct_conn.ptnr1_auth_asym_id            B 
_struct_conn.ptnr1_auth_comp_id            CYS 
_struct_conn.ptnr1_auth_seq_id             25 
_struct_conn.ptnr2_auth_asym_id            B 
_struct_conn.ptnr2_auth_comp_id            CYS 
_struct_conn.ptnr2_auth_seq_id             79 
_struct_conn.ptnr2_symmetry                1_555 
_struct_conn.pdbx_ptnr3_label_atom_id      ? 
_struct_conn.pdbx_ptnr3_label_seq_id       ? 
_struct_conn.pdbx_ptnr3_label_comp_id      ? 
_struct_conn.pdbx_ptnr3_label_asym_id      ? 
_struct_conn.pdbx_ptnr3_label_alt_id       ? 
_struct_conn.pdbx_ptnr3_PDB_ins_code       ? 
_struct_conn.details                       ? 
_struct_conn.pdbx_dist_value               2.015 
_struct_conn.pdbx_value_order              ? 
_struct_conn.pdbx_role                     ? 
# 
_struct_conn_type.id          disulf 
_struct_conn_type.criteria    ? 
_struct_conn_type.reference   ? 
# 
_pdbx_modification_feature.ordinal                            1 
_pdbx_modification_feature.label_comp_id                      CYS 
_pdbx_modification_feature.label_asym_id                      A 
_pdbx_modification_feature.label_seq_id                       25 
_pdbx_modification_feature.label_alt_id                       ? 
_pdbx_modification_feature.modified_residue_label_comp_id     CYS 
_pdbx_modification_feature.modified_residue_label_asym_id     A 
_pdbx_modification_feature.modified_residue_label_seq_id      79 
_pdbx_modification_feature.modified_residue_label_alt_id      ? 
_pdbx_modification_feature.auth_comp_id                       CYS 
_pdbx_modification_feature.auth_asym_id                       B 
_pdbx_modification_feature.auth_seq_id                        25 
_pdbx_modification_feature.PDB_ins_code                       ? 
_pdbx_modification_feature.symmetry                           1_555 
_pdbx_modification_feature.modified_residue_auth_comp_id      CYS 
_pdbx_modification_feature.modified_residue_auth_asym_id      B 
_pdbx_modification_feature.modified_residue_auth_seq_id       79 
_pdbx_modification_feature.modified_residue_PDB_ins_code      ? 
_pdbx_modification_feature.modified_residue_symmetry          1_555 
_pdbx_modification_feature.comp_id_linking_atom               SG 
_pdbx_modification_feature.modified_residue_id_linking_atom   SG 
_pdbx_modification_feature.modified_residue_id                . 
_pdbx_modification_feature.ref_pcm_id                         . 
_pdbx_modification_feature.ref_comp_id                        . 
_pdbx_modification_feature.type                               None 
_pdbx_modification_feature.category                           'Disulfide bridge' 
# 
loop_
_struct_mon_prot_cis.pdbx_id 
_struct_mon_prot_cis.label_comp_id 
_struct_mon_prot_cis.label_seq_id 
_struct_mon_prot_cis.label_asym_id 
_struct_mon_prot_cis.label_alt_id 
_struct_mon_prot_cis.pdbx_PDB_ins_code 
_struct_mon_prot_cis.auth_comp_id 
_struct_mon_prot_cis.auth_seq_id 
_struct_mon_prot_cis.auth_asym_id 
_struct_mon_prot_cis.pdbx_label_comp_id_2 
_struct_mon_prot_cis.pdbx_label_seq_id_2 
_struct_mon_prot_cis.pdbx_label_asym_id_2 
_struct_mon_prot_cis.pdbx_PDB_ins_code_2 
_struct_mon_prot_cis.pdbx_auth_comp_id_2 
_struct_mon_prot_cis.pdbx_auth_seq_id_2 
_struct_mon_prot_cis.pdbx_auth_asym_id_2 
_struct_mon_prot_cis.pdbx_PDB_model_num 
_struct_mon_prot_cis.pdbx_omega_angle 
1 HIS 31 A . ? HIS 31 B PRO 32 A ? PRO 32 B 1 2.49  
2 HIS 31 A . ? HIS 31 B PRO 32 A ? PRO 32 B 1 -4.50 
# 
loop_
_struct_sheet.id 
_struct_sheet.type 
_struct_sheet.number_strands 
_struct_sheet.details 
AA1 ? 4 ? 
AA2 ? 4 ? 
AA3 ? 4 ? 
# 
loop_
_struct_sheet_order.sheet_id 
_struct_sheet_order.range_id_1 
_struct_sheet_order.range_id_2 
_struct_sheet_order.offset 
_struct_sheet_order.sense 
AA1 1 2 ? anti-parallel 
AA1 2 3 ? anti-parallel 
AA1 3 4 ? anti-parallel 
AA2 1 2 ? anti-parallel 
AA2 2 3 ? anti-parallel 
AA2 3 4 ? anti-parallel 
AA3 1 2 ? anti-parallel 
AA3 2 3 ? anti-parallel 
AA3 3 4 ? anti-parallel 
# 
loop_
_struct_sheet_range.sheet_id 
_struct_sheet_range.id 
_struct_sheet_range.beg_label_comp_id 
_struct_sheet_range.beg_label_asym_id 
_struct_sheet_range.beg_label_seq_id 
_struct_sheet_range.pdbx_beg_PDB_ins_code 
_struct_sheet_range.end_label_comp_id 
_struct_sheet_range.end_label_asym_id 
_struct_sheet_range.end_label_seq_id 
_struct_sheet_range.pdbx_end_PDB_ins_code 
_struct_sheet_range.beg_auth_comp_id 
_struct_sheet_range.beg_auth_asym_id 
_struct_sheet_range.beg_auth_seq_id 
_struct_sheet_range.end_auth_comp_id 
_struct_sheet_range.end_auth_asym_id 
_struct_sheet_range.end_auth_seq_id 
AA1 1 LYS A 6  ? SER A 11 ? LYS B 6  SER B 11 
AA1 2 ASN A 21 ? PHE A 30 ? ASN B 21 PHE B 30 
AA1 3 SER A 60 ? PHE A 69 ? SER B 60 PHE B 69 
AA1 4 GLU A 49 ? GLN A 50 ? GLU B 49 GLN B 50 
AA2 1 LYS A 6  ? SER A 11 ? LYS B 6  SER B 11 
AA2 2 ASN A 21 ? PHE A 30 ? ASN B 21 PHE B 30 
AA2 3 SER A 60 ? PHE A 69 ? SER B 60 PHE B 69 
AA2 4 SER A 54 ? SER A 56 ? SER B 54 SER B 56 
AA3 1 GLN A 44 ? LYS A 45 ? GLN B 44 LYS B 45 
AA3 2 GLU A 36 ? LYS A 41 ? GLU B 36 LYS B 41 
AA3 3 TYR A 77 ? ASN A 82 ? TYR B 77 ASN B 82 
AA3 4 HIS A 90 ? LYS A 93 ? HIS B 90 LYS B 93 
# 
loop_
_pdbx_struct_sheet_hbond.sheet_id 
_pdbx_struct_sheet_hbond.range_id_1 
_pdbx_struct_sheet_hbond.range_id_2 
_pdbx_struct_sheet_hbond.range_1_label_atom_id 
_pdbx_struct_sheet_hbond.range_1_label_comp_id 
_pdbx_struct_sheet_hbond.range_1_label_asym_id 
_pdbx_struct_sheet_hbond.range_1_label_seq_id 
_pdbx_struct_sheet_hbond.range_1_PDB_ins_code 
_pdbx_struct_sheet_hbond.range_1_auth_atom_id 
_pdbx_struct_sheet_hbond.range_1_auth_comp_id 
_pdbx_struct_sheet_hbond.range_1_auth_asym_id 
_pdbx_struct_sheet_hbond.range_1_auth_seq_id 
_pdbx_struct_sheet_hbond.range_2_label_atom_id 
_pdbx_struct_sheet_hbond.range_2_label_comp_id 
_pdbx_struct_sheet_hbond.range_2_label_asym_id 
_pdbx_struct_sheet_hbond.range_2_label_seq_id 
_pdbx_struct_sheet_hbond.range_2_PDB_ins_code 
_pdbx_struct_sheet_hbond.range_2_auth_atom_id 
_pdbx_struct_sheet_hbond.range_2_auth_comp_id 
_pdbx_struct_sheet_hbond.range_2_auth_asym_id 
_pdbx_struct_sheet_hbond.range_2_auth_seq_id 
AA1 1 2 N LYS A 6  ? N LYS B 6  O TYR A 28 ? O TYR B 28 
AA1 2 3 N LEU A 23 ? N LEU B 23 O THR A 67 ? O THR B 67 
AA1 3 4 O HIS A 66 ? O HIS B 66 N GLU A 49 ? N GLU B 49 
AA2 1 2 N LYS A 6  ? N LYS B 6  O TYR A 28 ? O TYR B 28 
AA2 2 3 N LEU A 23 ? N LEU B 23 O THR A 67 ? O THR B 67 
AA2 3 4 O TYR A 62 ? O TYR B 62 N SER A 54 ? N SER B 54 
AA3 1 2 O GLN A 44 ? O GLN B 44 N LYS A 41 ? N LYS B 41 
AA3 2 3 N ASP A 38 ? N ASP B 38 O ARG A 80 ? O ARG B 80 
AA3 3 4 N VAL A 81 ? N VAL B 81 O HIS A 90 ? O HIS B 90 
# 
_pdbx_entry_details.entry_id                   6K7U 
_pdbx_entry_details.compound_details           ? 
_pdbx_entry_details.source_details             ? 
_pdbx_entry_details.nonpolymer_details         ? 
_pdbx_entry_details.sequence_details           ? 
_pdbx_entry_details.has_ligand_of_interest     ? 
_pdbx_entry_details.has_protein_modification   Y 
# 
loop_
_pdbx_validate_torsion.id 
_pdbx_validate_torsion.PDB_model_num 
_pdbx_validate_torsion.auth_comp_id 
_pdbx_validate_torsion.auth_asym_id 
_pdbx_validate_torsion.auth_seq_id 
_pdbx_validate_torsion.PDB_ins_code 
_pdbx_validate_torsion.label_alt_id 
_pdbx_validate_torsion.phi 
_pdbx_validate_torsion.psi 
1 1 SER B 51 ? ? -59.34 172.20  
2 1 SER B 60 ? ? 50.34  -139.32 
# 
_pdbx_struct_special_symmetry.id              1 
_pdbx_struct_special_symmetry.PDB_model_num   1 
_pdbx_struct_special_symmetry.auth_asym_id    B 
_pdbx_struct_special_symmetry.auth_comp_id    HOH 
_pdbx_struct_special_symmetry.auth_seq_id     176 
_pdbx_struct_special_symmetry.PDB_ins_code    ? 
_pdbx_struct_special_symmetry.label_asym_id   B 
_pdbx_struct_special_symmetry.label_comp_id   HOH 
_pdbx_struct_special_symmetry.label_seq_id    . 
# 
loop_
_pdbx_unobs_or_zero_occ_residues.id 
_pdbx_unobs_or_zero_occ_residues.PDB_model_num 
_pdbx_unobs_or_zero_occ_residues.polymer_flag 
_pdbx_unobs_or_zero_occ_residues.occupancy_flag 
_pdbx_unobs_or_zero_occ_residues.auth_asym_id 
_pdbx_unobs_or_zero_occ_residues.auth_comp_id 
_pdbx_unobs_or_zero_occ_residues.auth_seq_id 
_pdbx_unobs_or_zero_occ_residues.PDB_ins_code 
_pdbx_unobs_or_zero_occ_residues.label_asym_id 
_pdbx_unobs_or_zero_occ_residues.label_comp_id 
_pdbx_unobs_or_zero_occ_residues.label_seq_id 
1 1 Y 1 B ASN 98 ? A ASN 98 
2 1 Y 1 B THR 99 ? A THR 99 
# 
loop_
_chem_comp_atom.comp_id 
_chem_comp_atom.atom_id 
_chem_comp_atom.type_symbol 
_chem_comp_atom.pdbx_aromatic_flag 
_chem_comp_atom.pdbx_stereo_config 
_chem_comp_atom.pdbx_ordinal 
ALA N    N N N 1   
ALA CA   C N S 2   
ALA C    C N N 3   
ALA O    O N N 4   
ALA CB   C N N 5   
ALA OXT  O N N 6   
ALA H    H N N 7   
ALA H2   H N N 8   
ALA HA   H N N 9   
ALA HB1  H N N 10  
ALA HB2  H N N 11  
ALA HB3  H N N 12  
ALA HXT  H N N 13  
ARG N    N N N 14  
ARG CA   C N S 15  
ARG C    C N N 16  
ARG O    O N N 17  
ARG CB   C N N 18  
ARG CG   C N N 19  
ARG CD   C N N 20  
ARG NE   N N N 21  
ARG CZ   C N N 22  
ARG NH1  N N N 23  
ARG NH2  N N N 24  
ARG OXT  O N N 25  
ARG H    H N N 26  
ARG H2   H N N 27  
ARG HA   H N N 28  
ARG HB2  H N N 29  
ARG HB3  H N N 30  
ARG HG2  H N N 31  
ARG HG3  H N N 32  
ARG HD2  H N N 33  
ARG HD3  H N N 34  
ARG HE   H N N 35  
ARG HH11 H N N 36  
ARG HH12 H N N 37  
ARG HH21 H N N 38  
ARG HH22 H N N 39  
ARG HXT  H N N 40  
ASN N    N N N 41  
ASN CA   C N S 42  
ASN C    C N N 43  
ASN O    O N N 44  
ASN CB   C N N 45  
ASN CG   C N N 46  
ASN OD1  O N N 47  
ASN ND2  N N N 48  
ASN OXT  O N N 49  
ASN H    H N N 50  
ASN H2   H N N 51  
ASN HA   H N N 52  
ASN HB2  H N N 53  
ASN HB3  H N N 54  
ASN HD21 H N N 55  
ASN HD22 H N N 56  
ASN HXT  H N N 57  
ASP N    N N N 58  
ASP CA   C N S 59  
ASP C    C N N 60  
ASP O    O N N 61  
ASP CB   C N N 62  
ASP CG   C N N 63  
ASP OD1  O N N 64  
ASP OD2  O N N 65  
ASP OXT  O N N 66  
ASP H    H N N 67  
ASP H2   H N N 68  
ASP HA   H N N 69  
ASP HB2  H N N 70  
ASP HB3  H N N 71  
ASP HD2  H N N 72  
ASP HXT  H N N 73  
CYS N    N N N 74  
CYS CA   C N R 75  
CYS C    C N N 76  
CYS O    O N N 77  
CYS CB   C N N 78  
CYS SG   S N N 79  
CYS OXT  O N N 80  
CYS H    H N N 81  
CYS H2   H N N 82  
CYS HA   H N N 83  
CYS HB2  H N N 84  
CYS HB3  H N N 85  
CYS HG   H N N 86  
CYS HXT  H N N 87  
GLN N    N N N 88  
GLN CA   C N S 89  
GLN C    C N N 90  
GLN O    O N N 91  
GLN CB   C N N 92  
GLN CG   C N N 93  
GLN CD   C N N 94  
GLN OE1  O N N 95  
GLN NE2  N N N 96  
GLN OXT  O N N 97  
GLN H    H N N 98  
GLN H2   H N N 99  
GLN HA   H N N 100 
GLN HB2  H N N 101 
GLN HB3  H N N 102 
GLN HG2  H N N 103 
GLN HG3  H N N 104 
GLN HE21 H N N 105 
GLN HE22 H N N 106 
GLN HXT  H N N 107 
GLU N    N N N 108 
GLU CA   C N S 109 
GLU C    C N N 110 
GLU O    O N N 111 
GLU CB   C N N 112 
GLU CG   C N N 113 
GLU CD   C N N 114 
GLU OE1  O N N 115 
GLU OE2  O N N 116 
GLU OXT  O N N 117 
GLU H    H N N 118 
GLU H2   H N N 119 
GLU HA   H N N 120 
GLU HB2  H N N 121 
GLU HB3  H N N 122 
GLU HG2  H N N 123 
GLU HG3  H N N 124 
GLU HE2  H N N 125 
GLU HXT  H N N 126 
GLY N    N N N 127 
GLY CA   C N N 128 
GLY C    C N N 129 
GLY O    O N N 130 
GLY OXT  O N N 131 
GLY H    H N N 132 
GLY H2   H N N 133 
GLY HA2  H N N 134 
GLY HA3  H N N 135 
GLY HXT  H N N 136 
HIS N    N N N 137 
HIS CA   C N S 138 
HIS C    C N N 139 
HIS O    O N N 140 
HIS CB   C N N 141 
HIS CG   C Y N 142 
HIS ND1  N Y N 143 
HIS CD2  C Y N 144 
HIS CE1  C Y N 145 
HIS NE2  N Y N 146 
HIS OXT  O N N 147 
HIS H    H N N 148 
HIS H2   H N N 149 
HIS HA   H N N 150 
HIS HB2  H N N 151 
HIS HB3  H N N 152 
HIS HD1  H N N 153 
HIS HD2  H N N 154 
HIS HE1  H N N 155 
HIS HE2  H N N 156 
HIS HXT  H N N 157 
HOH O    O N N 158 
HOH H1   H N N 159 
HOH H2   H N N 160 
ILE N    N N N 161 
ILE CA   C N S 162 
ILE C    C N N 163 
ILE O    O N N 164 
ILE CB   C N S 165 
ILE CG1  C N N 166 
ILE CG2  C N N 167 
ILE CD1  C N N 168 
ILE OXT  O N N 169 
ILE H    H N N 170 
ILE H2   H N N 171 
ILE HA   H N N 172 
ILE HB   H N N 173 
ILE HG12 H N N 174 
ILE HG13 H N N 175 
ILE HG21 H N N 176 
ILE HG22 H N N 177 
ILE HG23 H N N 178 
ILE HD11 H N N 179 
ILE HD12 H N N 180 
ILE HD13 H N N 181 
ILE HXT  H N N 182 
LEU N    N N N 183 
LEU CA   C N S 184 
LEU C    C N N 185 
LEU O    O N N 186 
LEU CB   C N N 187 
LEU CG   C N N 188 
LEU CD1  C N N 189 
LEU CD2  C N N 190 
LEU OXT  O N N 191 
LEU H    H N N 192 
LEU H2   H N N 193 
LEU HA   H N N 194 
LEU HB2  H N N 195 
LEU HB3  H N N 196 
LEU HG   H N N 197 
LEU HD11 H N N 198 
LEU HD12 H N N 199 
LEU HD13 H N N 200 
LEU HD21 H N N 201 
LEU HD22 H N N 202 
LEU HD23 H N N 203 
LEU HXT  H N N 204 
LYS N    N N N 205 
LYS CA   C N S 206 
LYS C    C N N 207 
LYS O    O N N 208 
LYS CB   C N N 209 
LYS CG   C N N 210 
LYS CD   C N N 211 
LYS CE   C N N 212 
LYS NZ   N N N 213 
LYS OXT  O N N 214 
LYS H    H N N 215 
LYS H2   H N N 216 
LYS HA   H N N 217 
LYS HB2  H N N 218 
LYS HB3  H N N 219 
LYS HG2  H N N 220 
LYS HG3  H N N 221 
LYS HD2  H N N 222 
LYS HD3  H N N 223 
LYS HE2  H N N 224 
LYS HE3  H N N 225 
LYS HZ1  H N N 226 
LYS HZ2  H N N 227 
LYS HZ3  H N N 228 
LYS HXT  H N N 229 
MET N    N N N 230 
MET CA   C N S 231 
MET C    C N N 232 
MET O    O N N 233 
MET CB   C N N 234 
MET CG   C N N 235 
MET SD   S N N 236 
MET CE   C N N 237 
MET OXT  O N N 238 
MET H    H N N 239 
MET H2   H N N 240 
MET HA   H N N 241 
MET HB2  H N N 242 
MET HB3  H N N 243 
MET HG2  H N N 244 
MET HG3  H N N 245 
MET HE1  H N N 246 
MET HE2  H N N 247 
MET HE3  H N N 248 
MET HXT  H N N 249 
PHE N    N N N 250 
PHE CA   C N S 251 
PHE C    C N N 252 
PHE O    O N N 253 
PHE CB   C N N 254 
PHE CG   C Y N 255 
PHE CD1  C Y N 256 
PHE CD2  C Y N 257 
PHE CE1  C Y N 258 
PHE CE2  C Y N 259 
PHE CZ   C Y N 260 
PHE OXT  O N N 261 
PHE H    H N N 262 
PHE H2   H N N 263 
PHE HA   H N N 264 
PHE HB2  H N N 265 
PHE HB3  H N N 266 
PHE HD1  H N N 267 
PHE HD2  H N N 268 
PHE HE1  H N N 269 
PHE HE2  H N N 270 
PHE HZ   H N N 271 
PHE HXT  H N N 272 
PRO N    N N N 273 
PRO CA   C N S 274 
PRO C    C N N 275 
PRO O    O N N 276 
PRO CB   C N N 277 
PRO CG   C N N 278 
PRO CD   C N N 279 
PRO OXT  O N N 280 
PRO H    H N N 281 
PRO HA   H N N 282 
PRO HB2  H N N 283 
PRO HB3  H N N 284 
PRO HG2  H N N 285 
PRO HG3  H N N 286 
PRO HD2  H N N 287 
PRO HD3  H N N 288 
PRO HXT  H N N 289 
SER N    N N N 290 
SER CA   C N S 291 
SER C    C N N 292 
SER O    O N N 293 
SER CB   C N N 294 
SER OG   O N N 295 
SER OXT  O N N 296 
SER H    H N N 297 
SER H2   H N N 298 
SER HA   H N N 299 
SER HB2  H N N 300 
SER HB3  H N N 301 
SER HG   H N N 302 
SER HXT  H N N 303 
THR N    N N N 304 
THR CA   C N S 305 
THR C    C N N 306 
THR O    O N N 307 
THR CB   C N R 308 
THR OG1  O N N 309 
THR CG2  C N N 310 
THR OXT  O N N 311 
THR H    H N N 312 
THR H2   H N N 313 
THR HA   H N N 314 
THR HB   H N N 315 
THR HG1  H N N 316 
THR HG21 H N N 317 
THR HG22 H N N 318 
THR HG23 H N N 319 
THR HXT  H N N 320 
TRP N    N N N 321 
TRP CA   C N S 322 
TRP C    C N N 323 
TRP O    O N N 324 
TRP CB   C N N 325 
TRP CG   C Y N 326 
TRP CD1  C Y N 327 
TRP CD2  C Y N 328 
TRP NE1  N Y N 329 
TRP CE2  C Y N 330 
TRP CE3  C Y N 331 
TRP CZ2  C Y N 332 
TRP CZ3  C Y N 333 
TRP CH2  C Y N 334 
TRP OXT  O N N 335 
TRP H    H N N 336 
TRP H2   H N N 337 
TRP HA   H N N 338 
TRP HB2  H N N 339 
TRP HB3  H N N 340 
TRP HD1  H N N 341 
TRP HE1  H N N 342 
TRP HE3  H N N 343 
TRP HZ2  H N N 344 
TRP HZ3  H N N 345 
TRP HH2  H N N 346 
TRP HXT  H N N 347 
TYR N    N N N 348 
TYR CA   C N S 349 
TYR C    C N N 350 
TYR O    O N N 351 
TYR CB   C N N 352 
TYR CG   C Y N 353 
TYR CD1  C Y N 354 
TYR CD2  C Y N 355 
TYR CE1  C Y N 356 
TYR CE2  C Y N 357 
TYR CZ   C Y N 358 
TYR OH   O N N 359 
TYR OXT  O N N 360 
TYR H    H N N 361 
TYR H2   H N N 362 
TYR HA   H N N 363 
TYR HB2  H N N 364 
TYR HB3  H N N 365 
TYR HD1  H N N 366 
TYR HD2  H N N 367 
TYR HE1  H N N 368 
TYR HE2  H N N 369 
TYR HH   H N N 370 
TYR HXT  H N N 371 
VAL N    N N N 372 
VAL CA   C N S 373 
VAL C    C N N 374 
VAL O    O N N 375 
VAL CB   C N N 376 
VAL CG1  C N N 377 
VAL CG2  C N N 378 
VAL OXT  O N N 379 
VAL H    H N N 380 
VAL H2   H N N 381 
VAL HA   H N N 382 
VAL HB   H N N 383 
VAL HG11 H N N 384 
VAL HG12 H N N 385 
VAL HG13 H N N 386 
VAL HG21 H N N 387 
VAL HG22 H N N 388 
VAL HG23 H N N 389 
VAL HXT  H N N 390 
# 
loop_
_chem_comp_bond.comp_id 
_chem_comp_bond.atom_id_1 
_chem_comp_bond.atom_id_2 
_chem_comp_bond.value_order 
_chem_comp_bond.pdbx_aromatic_flag 
_chem_comp_bond.pdbx_stereo_config 
_chem_comp_bond.pdbx_ordinal 
ALA N   CA   sing N N 1   
ALA N   H    sing N N 2   
ALA N   H2   sing N N 3   
ALA CA  C    sing N N 4   
ALA CA  CB   sing N N 5   
ALA CA  HA   sing N N 6   
ALA C   O    doub N N 7   
ALA C   OXT  sing N N 8   
ALA CB  HB1  sing N N 9   
ALA CB  HB2  sing N N 10  
ALA CB  HB3  sing N N 11  
ALA OXT HXT  sing N N 12  
ARG N   CA   sing N N 13  
ARG N   H    sing N N 14  
ARG N   H2   sing N N 15  
ARG CA  C    sing N N 16  
ARG CA  CB   sing N N 17  
ARG CA  HA   sing N N 18  
ARG C   O    doub N N 19  
ARG C   OXT  sing N N 20  
ARG CB  CG   sing N N 21  
ARG CB  HB2  sing N N 22  
ARG CB  HB3  sing N N 23  
ARG CG  CD   sing N N 24  
ARG CG  HG2  sing N N 25  
ARG CG  HG3  sing N N 26  
ARG CD  NE   sing N N 27  
ARG CD  HD2  sing N N 28  
ARG CD  HD3  sing N N 29  
ARG NE  CZ   sing N N 30  
ARG NE  HE   sing N N 31  
ARG CZ  NH1  sing N N 32  
ARG CZ  NH2  doub N N 33  
ARG NH1 HH11 sing N N 34  
ARG NH1 HH12 sing N N 35  
ARG NH2 HH21 sing N N 36  
ARG NH2 HH22 sing N N 37  
ARG OXT HXT  sing N N 38  
ASN N   CA   sing N N 39  
ASN N   H    sing N N 40  
ASN N   H2   sing N N 41  
ASN CA  C    sing N N 42  
ASN CA  CB   sing N N 43  
ASN CA  HA   sing N N 44  
ASN C   O    doub N N 45  
ASN C   OXT  sing N N 46  
ASN CB  CG   sing N N 47  
ASN CB  HB2  sing N N 48  
ASN CB  HB3  sing N N 49  
ASN CG  OD1  doub N N 50  
ASN CG  ND2  sing N N 51  
ASN ND2 HD21 sing N N 52  
ASN ND2 HD22 sing N N 53  
ASN OXT HXT  sing N N 54  
ASP N   CA   sing N N 55  
ASP N   H    sing N N 56  
ASP N   H2   sing N N 57  
ASP CA  C    sing N N 58  
ASP CA  CB   sing N N 59  
ASP CA  HA   sing N N 60  
ASP C   O    doub N N 61  
ASP C   OXT  sing N N 62  
ASP CB  CG   sing N N 63  
ASP CB  HB2  sing N N 64  
ASP CB  HB3  sing N N 65  
ASP CG  OD1  doub N N 66  
ASP CG  OD2  sing N N 67  
ASP OD2 HD2  sing N N 68  
ASP OXT HXT  sing N N 69  
CYS N   CA   sing N N 70  
CYS N   H    sing N N 71  
CYS N   H2   sing N N 72  
CYS CA  C    sing N N 73  
CYS CA  CB   sing N N 74  
CYS CA  HA   sing N N 75  
CYS C   O    doub N N 76  
CYS C   OXT  sing N N 77  
CYS CB  SG   sing N N 78  
CYS CB  HB2  sing N N 79  
CYS CB  HB3  sing N N 80  
CYS SG  HG   sing N N 81  
CYS OXT HXT  sing N N 82  
GLN N   CA   sing N N 83  
GLN N   H    sing N N 84  
GLN N   H2   sing N N 85  
GLN CA  C    sing N N 86  
GLN CA  CB   sing N N 87  
GLN CA  HA   sing N N 88  
GLN C   O    doub N N 89  
GLN C   OXT  sing N N 90  
GLN CB  CG   sing N N 91  
GLN CB  HB2  sing N N 92  
GLN CB  HB3  sing N N 93  
GLN CG  CD   sing N N 94  
GLN CG  HG2  sing N N 95  
GLN CG  HG3  sing N N 96  
GLN CD  OE1  doub N N 97  
GLN CD  NE2  sing N N 98  
GLN NE2 HE21 sing N N 99  
GLN NE2 HE22 sing N N 100 
GLN OXT HXT  sing N N 101 
GLU N   CA   sing N N 102 
GLU N   H    sing N N 103 
GLU N   H2   sing N N 104 
GLU CA  C    sing N N 105 
GLU CA  CB   sing N N 106 
GLU CA  HA   sing N N 107 
GLU C   O    doub N N 108 
GLU C   OXT  sing N N 109 
GLU CB  CG   sing N N 110 
GLU CB  HB2  sing N N 111 
GLU CB  HB3  sing N N 112 
GLU CG  CD   sing N N 113 
GLU CG  HG2  sing N N 114 
GLU CG  HG3  sing N N 115 
GLU CD  OE1  doub N N 116 
GLU CD  OE2  sing N N 117 
GLU OE2 HE2  sing N N 118 
GLU OXT HXT  sing N N 119 
GLY N   CA   sing N N 120 
GLY N   H    sing N N 121 
GLY N   H2   sing N N 122 
GLY CA  C    sing N N 123 
GLY CA  HA2  sing N N 124 
GLY CA  HA3  sing N N 125 
GLY C   O    doub N N 126 
GLY C   OXT  sing N N 127 
GLY OXT HXT  sing N N 128 
HIS N   CA   sing N N 129 
HIS N   H    sing N N 130 
HIS N   H2   sing N N 131 
HIS CA  C    sing N N 132 
HIS CA  CB   sing N N 133 
HIS CA  HA   sing N N 134 
HIS C   O    doub N N 135 
HIS C   OXT  sing N N 136 
HIS CB  CG   sing N N 137 
HIS CB  HB2  sing N N 138 
HIS CB  HB3  sing N N 139 
HIS CG  ND1  sing Y N 140 
HIS CG  CD2  doub Y N 141 
HIS ND1 CE1  doub Y N 142 
HIS ND1 HD1  sing N N 143 
HIS CD2 NE2  sing Y N 144 
HIS CD2 HD2  sing N N 145 
HIS CE1 NE2  sing Y N 146 
HIS CE1 HE1  sing N N 147 
HIS NE2 HE2  sing N N 148 
HIS OXT HXT  sing N N 149 
HOH O   H1   sing N N 150 
HOH O   H2   sing N N 151 
ILE N   CA   sing N N 152 
ILE N   H    sing N N 153 
ILE N   H2   sing N N 154 
ILE CA  C    sing N N 155 
ILE CA  CB   sing N N 156 
ILE CA  HA   sing N N 157 
ILE C   O    doub N N 158 
ILE C   OXT  sing N N 159 
ILE CB  CG1  sing N N 160 
ILE CB  CG2  sing N N 161 
ILE CB  HB   sing N N 162 
ILE CG1 CD1  sing N N 163 
ILE CG1 HG12 sing N N 164 
ILE CG1 HG13 sing N N 165 
ILE CG2 HG21 sing N N 166 
ILE CG2 HG22 sing N N 167 
ILE CG2 HG23 sing N N 168 
ILE CD1 HD11 sing N N 169 
ILE CD1 HD12 sing N N 170 
ILE CD1 HD13 sing N N 171 
ILE OXT HXT  sing N N 172 
LEU N   CA   sing N N 173 
LEU N   H    sing N N 174 
LEU N   H2   sing N N 175 
LEU CA  C    sing N N 176 
LEU CA  CB   sing N N 177 
LEU CA  HA   sing N N 178 
LEU C   O    doub N N 179 
LEU C   OXT  sing N N 180 
LEU CB  CG   sing N N 181 
LEU CB  HB2  sing N N 182 
LEU CB  HB3  sing N N 183 
LEU CG  CD1  sing N N 184 
LEU CG  CD2  sing N N 185 
LEU CG  HG   sing N N 186 
LEU CD1 HD11 sing N N 187 
LEU CD1 HD12 sing N N 188 
LEU CD1 HD13 sing N N 189 
LEU CD2 HD21 sing N N 190 
LEU CD2 HD22 sing N N 191 
LEU CD2 HD23 sing N N 192 
LEU OXT HXT  sing N N 193 
LYS N   CA   sing N N 194 
LYS N   H    sing N N 195 
LYS N   H2   sing N N 196 
LYS CA  C    sing N N 197 
LYS CA  CB   sing N N 198 
LYS CA  HA   sing N N 199 
LYS C   O    doub N N 200 
LYS C   OXT  sing N N 201 
LYS CB  CG   sing N N 202 
LYS CB  HB2  sing N N 203 
LYS CB  HB3  sing N N 204 
LYS CG  CD   sing N N 205 
LYS CG  HG2  sing N N 206 
LYS CG  HG3  sing N N 207 
LYS CD  CE   sing N N 208 
LYS CD  HD2  sing N N 209 
LYS CD  HD3  sing N N 210 
LYS CE  NZ   sing N N 211 
LYS CE  HE2  sing N N 212 
LYS CE  HE3  sing N N 213 
LYS NZ  HZ1  sing N N 214 
LYS NZ  HZ2  sing N N 215 
LYS NZ  HZ3  sing N N 216 
LYS OXT HXT  sing N N 217 
MET N   CA   sing N N 218 
MET N   H    sing N N 219 
MET N   H2   sing N N 220 
MET CA  C    sing N N 221 
MET CA  CB   sing N N 222 
MET CA  HA   sing N N 223 
MET C   O    doub N N 224 
MET C   OXT  sing N N 225 
MET CB  CG   sing N N 226 
MET CB  HB2  sing N N 227 
MET CB  HB3  sing N N 228 
MET CG  SD   sing N N 229 
MET CG  HG2  sing N N 230 
MET CG  HG3  sing N N 231 
MET SD  CE   sing N N 232 
MET CE  HE1  sing N N 233 
MET CE  HE2  sing N N 234 
MET CE  HE3  sing N N 235 
MET OXT HXT  sing N N 236 
PHE N   CA   sing N N 237 
PHE N   H    sing N N 238 
PHE N   H2   sing N N 239 
PHE CA  C    sing N N 240 
PHE CA  CB   sing N N 241 
PHE CA  HA   sing N N 242 
PHE C   O    doub N N 243 
PHE C   OXT  sing N N 244 
PHE CB  CG   sing N N 245 
PHE CB  HB2  sing N N 246 
PHE CB  HB3  sing N N 247 
PHE CG  CD1  doub Y N 248 
PHE CG  CD2  sing Y N 249 
PHE CD1 CE1  sing Y N 250 
PHE CD1 HD1  sing N N 251 
PHE CD2 CE2  doub Y N 252 
PHE CD2 HD2  sing N N 253 
PHE CE1 CZ   doub Y N 254 
PHE CE1 HE1  sing N N 255 
PHE CE2 CZ   sing Y N 256 
PHE CE2 HE2  sing N N 257 
PHE CZ  HZ   sing N N 258 
PHE OXT HXT  sing N N 259 
PRO N   CA   sing N N 260 
PRO N   CD   sing N N 261 
PRO N   H    sing N N 262 
PRO CA  C    sing N N 263 
PRO CA  CB   sing N N 264 
PRO CA  HA   sing N N 265 
PRO C   O    doub N N 266 
PRO C   OXT  sing N N 267 
PRO CB  CG   sing N N 268 
PRO CB  HB2  sing N N 269 
PRO CB  HB3  sing N N 270 
PRO CG  CD   sing N N 271 
PRO CG  HG2  sing N N 272 
PRO CG  HG3  sing N N 273 
PRO CD  HD2  sing N N 274 
PRO CD  HD3  sing N N 275 
PRO OXT HXT  sing N N 276 
SER N   CA   sing N N 277 
SER N   H    sing N N 278 
SER N   H2   sing N N 279 
SER CA  C    sing N N 280 
SER CA  CB   sing N N 281 
SER CA  HA   sing N N 282 
SER C   O    doub N N 283 
SER C   OXT  sing N N 284 
SER CB  OG   sing N N 285 
SER CB  HB2  sing N N 286 
SER CB  HB3  sing N N 287 
SER OG  HG   sing N N 288 
SER OXT HXT  sing N N 289 
THR N   CA   sing N N 290 
THR N   H    sing N N 291 
THR N   H2   sing N N 292 
THR CA  C    sing N N 293 
THR CA  CB   sing N N 294 
THR CA  HA   sing N N 295 
THR C   O    doub N N 296 
THR C   OXT  sing N N 297 
THR CB  OG1  sing N N 298 
THR CB  CG2  sing N N 299 
THR CB  HB   sing N N 300 
THR OG1 HG1  sing N N 301 
THR CG2 HG21 sing N N 302 
THR CG2 HG22 sing N N 303 
THR CG2 HG23 sing N N 304 
THR OXT HXT  sing N N 305 
TRP N   CA   sing N N 306 
TRP N   H    sing N N 307 
TRP N   H2   sing N N 308 
TRP CA  C    sing N N 309 
TRP CA  CB   sing N N 310 
TRP CA  HA   sing N N 311 
TRP C   O    doub N N 312 
TRP C   OXT  sing N N 313 
TRP CB  CG   sing N N 314 
TRP CB  HB2  sing N N 315 
TRP CB  HB3  sing N N 316 
TRP CG  CD1  doub Y N 317 
TRP CG  CD2  sing Y N 318 
TRP CD1 NE1  sing Y N 319 
TRP CD1 HD1  sing N N 320 
TRP CD2 CE2  doub Y N 321 
TRP CD2 CE3  sing Y N 322 
TRP NE1 CE2  sing Y N 323 
TRP NE1 HE1  sing N N 324 
TRP CE2 CZ2  sing Y N 325 
TRP CE3 CZ3  doub Y N 326 
TRP CE3 HE3  sing N N 327 
TRP CZ2 CH2  doub Y N 328 
TRP CZ2 HZ2  sing N N 329 
TRP CZ3 CH2  sing Y N 330 
TRP CZ3 HZ3  sing N N 331 
TRP CH2 HH2  sing N N 332 
TRP OXT HXT  sing N N 333 
TYR N   CA   sing N N 334 
TYR N   H    sing N N 335 
TYR N   H2   sing N N 336 
TYR CA  C    sing N N 337 
TYR CA  CB   sing N N 338 
TYR CA  HA   sing N N 339 
TYR C   O    doub N N 340 
TYR C   OXT  sing N N 341 
TYR CB  CG   sing N N 342 
TYR CB  HB2  sing N N 343 
TYR CB  HB3  sing N N 344 
TYR CG  CD1  doub Y N 345 
TYR CG  CD2  sing Y N 346 
TYR CD1 CE1  sing Y N 347 
TYR CD1 HD1  sing N N 348 
TYR CD2 CE2  doub Y N 349 
TYR CD2 HD2  sing N N 350 
TYR CE1 CZ   doub Y N 351 
TYR CE1 HE1  sing N N 352 
TYR CE2 CZ   sing Y N 353 
TYR CE2 HE2  sing N N 354 
TYR CZ  OH   sing N N 355 
TYR OH  HH   sing N N 356 
TYR OXT HXT  sing N N 357 
VAL N   CA   sing N N 358 
VAL N   H    sing N N 359 
VAL N   H2   sing N N 360 
VAL CA  C    sing N N 361 
VAL CA  CB   sing N N 362 
VAL CA  HA   sing N N 363 
VAL C   O    doub N N 364 
VAL C   OXT  sing N N 365 
VAL CB  CG1  sing N N 366 
VAL CB  CG2  sing N N 367 
VAL CB  HB   sing N N 368 
VAL CG1 HG11 sing N N 369 
VAL CG1 HG12 sing N N 370 
VAL CG1 HG13 sing N N 371 
VAL CG2 HG21 sing N N 372 
VAL CG2 HG22 sing N N 373 
VAL CG2 HG23 sing N N 374 
VAL OXT HXT  sing N N 375 
# 
_atom_sites.entry_id                    6K7U 
_atom_sites.fract_transf_matrix[1][1]   -0.01523183 
_atom_sites.fract_transf_matrix[1][2]   -0.02496576 
_atom_sites.fract_transf_matrix[1][3]   0.00498326 
_atom_sites.fract_transf_matrix[2][1]   0.00241404 
_atom_sites.fract_transf_matrix[2][2]   -0.00303263 
_atom_sites.fract_transf_matrix[2][3]   -0.00781449 
_atom_sites.fract_transf_matrix[3][1]   0.01417436 
_atom_sites.fract_transf_matrix[3][2]   -0.00721501 
_atom_sites.fract_transf_matrix[3][3]   0.00717870 
_atom_sites.fract_transf_vector[1]      -0.011923 
_atom_sites.fract_transf_vector[2]      -0.165100 
_atom_sites.fract_transf_vector[3]      -0.063801 
# 
loop_
_atom_type.symbol 
C 
N 
O 
S 
# 
loop_
_atom_site.group_PDB 
_atom_site.id 
_atom_site.type_symbol 
_atom_site.label_atom_id 
_atom_site.label_alt_id 
_atom_site.label_comp_id 
_atom_site.label_asym_id 
_atom_site.label_entity_id 
_atom_site.label_seq_id 
_atom_site.pdbx_PDB_ins_code 
_atom_site.Cartn_x 
_atom_site.Cartn_y 
_atom_site.Cartn_z 
_atom_site.occupancy 
_atom_site.B_iso_or_equiv 
_atom_site.pdbx_formal_charge 
_atom_site.auth_seq_id 
_atom_site.auth_comp_id 
_atom_site.auth_asym_id 
_atom_site.auth_atom_id 
_atom_site.pdbx_PDB_model_num 
ATOM   1   N N   . GLU A 1 1  ? -17.738 1.852   15.510  1.00 44.86 ? 1   GLU B N   1 
ATOM   2   C CA  . GLU A 1 1  ? -17.532 2.887   14.497  1.00 44.19 ? 1   GLU B CA  1 
ATOM   3   C C   . GLU A 1 1  ? -16.147 2.683   13.859  1.00 36.10 ? 1   GLU B C   1 
ATOM   4   O O   . GLU A 1 1  ? -15.119 2.744   14.529  1.00 39.87 ? 1   GLU B O   1 
ATOM   5   C CB  . GLU A 1 1  ? -17.704 4.298   15.121  1.00 45.93 ? 1   GLU B CB  1 
ATOM   6   C CG  . GLU A 1 1  ? -16.570 4.798   16.044  1.00 55.30 ? 1   GLU B CG  1 
ATOM   7   C CD  . GLU A 1 1  ? -16.917 6.063   16.832  1.00 65.98 ? 1   GLU B CD  1 
ATOM   8   O OE1 . GLU A 1 1  ? -17.710 6.893   16.335  1.00 74.49 ? 1   GLU B OE1 1 
ATOM   9   O OE2 . GLU A 1 1  ? -16.390 6.205   17.961  1.00 64.58 ? 1   GLU B OE2 1 
ATOM   10  N N   . PRO A 1 2  ? -16.117 2.357   12.573  1.00 33.35 ? 2   PRO B N   1 
ATOM   11  C CA  . PRO A 1 2  ? -14.824 2.145   11.912  1.00 19.20 ? 2   PRO B CA  1 
ATOM   12  C C   . PRO A 1 2  ? -14.080 3.458   11.712  1.00 24.55 ? 2   PRO B C   1 
ATOM   13  O O   . PRO A 1 2  ? -14.664 4.543   11.701  1.00 24.86 ? 2   PRO B O   1 
ATOM   14  C CB  . PRO A 1 2  ? -15.197 1.500   10.571  1.00 24.33 ? 2   PRO B CB  1 
ATOM   15  C CG  . PRO A 1 2  ? -16.662 1.145   10.674  1.00 30.59 ? 2   PRO B CG  1 
ATOM   16  C CD  . PRO A 1 2  ? -17.260 2.047   11.699  1.00 30.43 ? 2   PRO B CD  1 
ATOM   17  N N   . ARG A 1 3  ? -12.763 3.346   11.567  1.00 13.88 ? 3   ARG B N   1 
ATOM   18  C CA  . ARG A 1 3  ? -11.904 4.468   11.210  1.00 12.97 ? 3   ARG B CA  1 
ATOM   19  C C   . ARG A 1 3  ? -11.228 4.104   9.893   1.00 13.16 ? 3   ARG B C   1 
ATOM   20  O O   . ARG A 1 3  ? -10.684 3.002   9.760   1.00 10.04 ? 3   ARG B O   1 
ATOM   21  C CB  . ARG A 1 3  ? -10.889 4.761   12.323  1.00 14.00 ? 3   ARG B CB  1 
ATOM   22  C CG  . ARG A 1 3  ? -10.183 6.119   12.217  1.00 26.54 ? 3   ARG B CG  1 
ATOM   23  C CD  . ARG A 1 3  ? -9.194  6.341   13.375  1.00 31.27 ? 3   ARG B CD  1 
ATOM   24  N NE  . ARG A 1 3  ? -8.295  7.467   13.118  1.00 46.38 ? 3   ARG B NE  1 
ATOM   25  C CZ  . ARG A 1 3  ? -8.602  8.748   13.289  1.00 45.04 ? 3   ARG B CZ  1 
ATOM   26  N NH1 . ARG A 1 3  ? -7.696  9.677   13.010  1.00 49.34 ? 3   ARG B NH1 1 
ATOM   27  N NH2 . ARG A 1 3  ? -9.802  9.107   13.730  1.00 53.69 ? 3   ARG B NH2 1 
ATOM   28  N N   . THR A 1 4  ? -11.325 5.005   8.906   1.00 10.85 ? 4   THR B N   1 
ATOM   29  C CA  . THR A 1 4  ? -10.903 4.711   7.540   1.00 7.93  ? 4   THR B CA  1 
ATOM   30  C C   . THR A 1 4  ? -9.377  4.706   7.425   1.00 8.58  ? 4   THR B C   1 
ATOM   31  O O   . THR A 1 4  ? -8.715  5.608   7.947   1.00 12.18 ? 4   THR B O   1 
ATOM   32  C CB  . THR A 1 4  ? -11.476 5.777   6.605   1.00 12.30 ? 4   THR B CB  1 
ATOM   33  O OG1 . THR A 1 4  ? -12.895 5.855   6.806   1.00 16.71 ? 4   THR B OG1 1 
ATOM   34  C CG2 . THR A 1 4  ? -11.194 5.459   5.144   1.00 15.29 ? 4   THR B CG2 1 
ATOM   35  N N   . PRO A 1 5  ? -8.795  3.735   6.720   1.00 9.19  ? 5   PRO B N   1 
ATOM   36  C CA  . PRO A 1 5  ? -7.337  3.736   6.529   1.00 10.25 ? 5   PRO B CA  1 
ATOM   37  C C   . PRO A 1 5  ? -6.880  4.899   5.656   1.00 12.75 ? 5   PRO B C   1 
ATOM   38  O O   . PRO A 1 5  ? -7.573  5.329   4.729   1.00 9.96  ? 5   PRO B O   1 
ATOM   39  C CB  . PRO A 1 5  ? -7.074  2.399   5.828   1.00 11.48 ? 5   PRO B CB  1 
ATOM   40  C CG  . PRO A 1 5  ? -8.373  2.100   5.110   1.00 12.28 ? 5   PRO B CG  1 
ATOM   41  C CD  . PRO A 1 5  ? -9.435  2.588   6.056   1.00 11.66 ? 5   PRO B CD  1 
ATOM   42  N N   . LYS A 1 6  ? -5.692  5.406   5.967   1.00 10.56 ? 6   LYS B N   1 
ATOM   43  C CA  . LYS A 1 6  ? -4.968  6.314   5.086   1.00 8.85  ? 6   LYS B CA  1 
ATOM   44  C C   . LYS A 1 6  ? -3.855  5.533   4.404   1.00 7.23  ? 6   LYS B C   1 
ATOM   45  O O   . LYS A 1 6  ? -3.361  4.547   4.944   1.00 7.92  ? 6   LYS B O   1 
ATOM   46  C CB  . LYS A 1 6  ? -4.395  7.500   5.861   1.00 13.74 ? 6   LYS B CB  1 
ATOM   47  C CG  . LYS A 1 6  ? -5.461  8.307   6.612   1.00 18.50 ? 6   LYS B CG  1 
ATOM   48  C CD  . LYS A 1 6  ? -5.018  9.751   6.818   1.00 25.51 ? 6   LYS B CD  1 
ATOM   49  C CE  . LYS A 1 6  ? -4.962  10.515  5.484   1.00 31.21 ? 6   LYS B CE  1 
ATOM   50  N NZ  . LYS A 1 6  ? -4.323  11.863  5.630   1.00 37.26 ? 6   LYS B NZ  1 
ATOM   51  N N   . ILE A 1 7  ? -3.502  5.936   3.183   1.00 7.03  ? 7   ILE B N   1 
ATOM   52  C CA  . ILE A 1 7  ? -2.728  5.084   2.285   1.00 6.57  ? 7   ILE B CA  1 
ATOM   53  C C   . ILE A 1 7  ? -1.613  5.896   1.639   1.00 10.43 ? 7   ILE B C   1 
ATOM   54  O O   . ILE A 1 7  ? -1.887  6.860   0.916   1.00 10.92 ? 7   ILE B O   1 
ATOM   55  C CB  . ILE A 1 7  ? -3.628  4.467   1.201   1.00 6.99  ? 7   ILE B CB  1 
ATOM   56  C CG1 . ILE A 1 7  ? -4.760  3.646   1.841   1.00 8.35  ? 7   ILE B CG1 1 
ATOM   57  C CG2 . ILE A 1 7  ? -2.797  3.629   0.235   1.00 10.01 ? 7   ILE B CG2 1 
ATOM   58  C CD1 . ILE A 1 7  ? -5.881  3.259   0.862   1.00 10.71 ? 7   ILE B CD1 1 
ATOM   59  N N   . GLN A 1 8  ? -0.359  5.491   1.863   1.00 7.30  ? 8   GLN B N   1 
ATOM   60  C CA  . GLN A 1 8  ? 0.784   6.159   1.241   1.00 7.98  ? 8   GLN B CA  1 
ATOM   61  C C   . GLN A 1 8  ? 1.515   5.152   0.378   1.00 8.43  ? 8   GLN B C   1 
ATOM   62  O O   . GLN A 1 8  ? 1.958   4.121   0.887   1.00 11.79 ? 8   GLN B O   1 
ATOM   63  C CB  . GLN A 1 8  ? 1.765   6.717   2.275   1.00 12.24 ? 8   GLN B CB  1 
ATOM   64  C CG  . GLN A 1 8  ? 1.147   7.660   3.285   1.00 20.94 ? 8   GLN B CG  1 
ATOM   65  C CD  . GLN A 1 8  ? 1.321   9.125   2.923   1.00 21.26 ? 8   GLN B CD  1 
ATOM   66  O OE1 . GLN A 1 8  ? 1.957   9.479   1.916   1.00 20.92 ? 8   GLN B OE1 1 
ATOM   67  N NE2 . GLN A 1 8  ? 0.765   9.988   3.760   1.00 19.64 ? 8   GLN B NE2 1 
ATOM   68  N N   . VAL A 1 9  ? 1.677   5.468   -0.908  1.00 8.06  ? 9   VAL B N   1 
ATOM   69  C CA  . VAL A 1 9  ? 2.371   4.601   -1.853  1.00 8.25  ? 9   VAL B CA  1 
ATOM   70  C C   . VAL A 1 9  ? 3.626   5.313   -2.336  1.00 10.36 ? 9   VAL B C   1 
ATOM   71  O O   . VAL A 1 9  ? 3.547   6.434   -2.863  1.00 11.70 ? 9   VAL B O   1 
ATOM   72  C CB  . VAL A 1 9  ? 1.481   4.227   -3.048  1.00 10.69 ? 9   VAL B CB  1 
ATOM   73  C CG1 . VAL A 1 9  ? 2.192   3.170   -3.900  1.00 11.05 ? 9   VAL B CG1 1 
ATOM   74  C CG2 . VAL A 1 9  ? 0.129   3.747   -2.574  1.00 13.57 ? 9   VAL B CG2 1 
ATOM   75  N N   . TYR A 1 10 ? 4.780   4.666   -2.184  1.00 7.16  ? 10  TYR B N   1 
ATOM   76  C CA  . TYR A 1 10 ? 6.026   5.367   -2.446  1.00 9.31  ? 10  TYR B CA  1 
ATOM   77  C C   . TYR A 1 10 ? 7.135   4.383   -2.783  1.00 8.77  ? 10  TYR B C   1 
ATOM   78  O O   . TYR A 1 10 ? 7.103   3.212   -2.390  1.00 10.18 ? 10  TYR B O   1 
ATOM   79  C CB  . TYR A 1 10 ? 6.441   6.223   -1.243  1.00 10.75 ? 10  TYR B CB  1 
ATOM   80  C CG  . TYR A 1 10 ? 6.699   5.414   0.002   1.00 10.41 ? 10  TYR B CG  1 
ATOM   81  C CD1 . TYR A 1 10 ? 5.643   4.950   0.777   1.00 10.82 ? 10  TYR B CD1 1 
ATOM   82  C CD2 . TYR A 1 10 ? 7.993   5.097   0.401   1.00 10.33 ? 10  TYR B CD2 1 
ATOM   83  C CE1 . TYR A 1 10 ? 5.866   4.217   1.891   1.00 7.36  ? 10  TYR B CE1 1 
ATOM   84  C CE2 . TYR A 1 10 ? 8.223   4.360   1.523   1.00 9.14  ? 10  TYR B CE2 1 
ATOM   85  C CZ  . TYR A 1 10 ? 7.154   3.915   2.272   1.00 9.69  ? 10  TYR B CZ  1 
ATOM   86  O OH  . TYR A 1 10 ? 7.366   3.163   3.408   1.00 13.81 ? 10  TYR B OH  1 
ATOM   87  N N   . SER A 1 11 ? 8.130   4.892   -3.498  1.00 8.69  ? 11  SER B N   1 
ATOM   88  C CA  . SER A 1 11 ? 9.330   4.115   -3.767  1.00 9.44  ? 11  SER B CA  1 
ATOM   89  C C   . SER A 1 11 ? 10.395  4.457   -2.739  1.00 15.47 ? 11  SER B C   1 
ATOM   90  O O   . SER A 1 11 ? 10.489  5.594   -2.259  1.00 12.99 ? 11  SER B O   1 
ATOM   91  C CB  . SER A 1 11 ? 9.848   4.372   -5.182  1.00 13.09 ? 11  SER B CB  1 
ATOM   92  O OG  . SER A 1 11 ? 10.088  5.753   -5.426  1.00 13.14 ? 11  SER B OG  1 
ATOM   93  N N   . ARG A 1 12 ? 11.188  3.452   -2.383  1.00 18.96 ? 12  ARG B N   1 
ATOM   94  C CA  . ARG A 1 12 ? 12.197  3.654   -1.350  1.00 23.20 ? 12  ARG B CA  1 
ATOM   95  C C   . ARG A 1 12 ? 13.205  4.714   -1.776  1.00 27.47 ? 12  ARG B C   1 
ATOM   96  O O   . ARG A 1 12 ? 13.638  5.537   -0.960  1.00 27.23 ? 12  ARG B O   1 
ATOM   97  C CB  . ARG A 1 12 ? 12.887  2.327   -1.040  1.00 25.66 ? 12  ARG B CB  1 
ATOM   98  C CG  . ARG A 1 12 ? 13.859  2.353   0.129   1.00 32.25 ? 12  ARG B CG  1 
ATOM   99  C CD  . ARG A 1 12 ? 13.304  3.111   1.331   1.00 30.60 ? 12  ARG B CD  1 
ATOM   100 N NE  . ARG A 1 12 ? 14.392  3.740   2.079   1.00 34.11 ? 12  ARG B NE  1 
ATOM   101 C CZ  . ARG A 1 12 ? 14.958  3.182   3.143   1.00 40.10 ? 12  ARG B CZ  1 
ATOM   102 N NH1 . ARG A 1 12 ? 15.949  3.797   3.778   1.00 41.91 ? 12  ARG B NH1 1 
ATOM   103 N NH2 . ARG A 1 12 ? 14.525  1.998   3.566   1.00 46.13 ? 12  ARG B NH2 1 
ATOM   104 N N   . HIS A 1 13 ? 13.557  4.737   -3.054  1.00 23.69 ? 13  HIS B N   1 
ATOM   105 C CA  . HIS A 1 13 ? 14.529  5.663   -3.610  1.00 23.90 ? 13  HIS B CA  1 
ATOM   106 C C   . HIS A 1 13 ? 13.899  6.384   -4.790  1.00 25.73 ? 13  HIS B C   1 
ATOM   107 O O   . HIS A 1 13 ? 12.912  5.906   -5.360  1.00 17.10 ? 13  HIS B O   1 
ATOM   108 C CB  . HIS A 1 13 ? 15.808  4.923   -4.040  1.00 29.74 ? 13  HIS B CB  1 
ATOM   109 C CG  . HIS A 1 13 ? 16.303  3.942   -3.020  1.00 30.18 ? 13  HIS B CG  1 
ATOM   110 N ND1 . HIS A 1 13 ? 17.010  4.326   -1.900  1.00 34.59 ? 13  HIS B ND1 1 
ATOM   111 C CD2 . HIS A 1 13 ? 16.183  2.594   -2.944  1.00 34.44 ? 13  HIS B CD2 1 
ATOM   112 C CE1 . HIS A 1 13 ? 17.300  3.258   -1.178  1.00 35.67 ? 13  HIS B CE1 1 
ATOM   113 N NE2 . HIS A 1 13 ? 16.810  2.194   -1.790  1.00 37.85 ? 13  HIS B NE2 1 
ATOM   114 N N   . PRO A 1 14 ? 14.424  7.557   -5.157  1.00 24.04 ? 14  PRO B N   1 
ATOM   115 C CA  . PRO A 1 14 ? 13.861  8.286   -6.300  1.00 22.90 ? 14  PRO B CA  1 
ATOM   116 C C   . PRO A 1 14 ? 13.860  7.428   -7.554  1.00 26.86 ? 14  PRO B C   1 
ATOM   117 O O   . PRO A 1 14 ? 14.832  6.738   -7.856  1.00 24.56 ? 14  PRO B O   1 
ATOM   118 C CB  . PRO A 1 14 ? 14.794  9.495   -6.442  1.00 25.49 ? 14  PRO B CB  1 
ATOM   119 C CG  . PRO A 1 14 ? 15.332  9.696   -5.061  1.00 28.02 ? 14  PRO B CG  1 
ATOM   120 C CD  . PRO A 1 14 ? 15.500  8.319   -4.495  1.00 26.54 ? 14  PRO B CD  1 
ATOM   121 N N   . ALA A 1 15 ? 12.747  7.473   -8.279  1.00 23.08 ? 15  ALA B N   1 
ATOM   122 C CA  . ALA A 1 15 ? 12.552  6.574   -9.406  1.00 21.40 ? 15  ALA B CA  1 
ATOM   123 C C   . ALA A 1 15 ? 13.445  6.968   -10.573 1.00 24.53 ? 15  ALA B C   1 
ATOM   124 O O   . ALA A 1 15 ? 13.523  8.145   -10.943 1.00 26.40 ? 15  ALA B O   1 
ATOM   125 C CB  . ALA A 1 15 ? 11.088  6.586   -9.841  1.00 28.48 ? 15  ALA B CB  1 
ATOM   126 N N   . GLU A 1 16 ? 14.139  5.986   -11.139 1.00 20.38 ? 16  GLU B N   1 
ATOM   127 C CA  . GLU A 1 16 ? 14.769  6.130   -12.443 1.00 23.44 ? 16  GLU B CA  1 
ATOM   128 C C   . GLU A 1 16 ? 14.346  4.939   -13.283 1.00 23.17 ? 16  GLU B C   1 
ATOM   129 O O   . GLU A 1 16 ? 14.370  3.802   -12.803 1.00 23.10 ? 16  GLU B O   1 
ATOM   130 C CB  . GLU A 1 16 ? 16.292  6.209   -12.352 1.00 29.65 ? 16  GLU B CB  1 
ATOM   131 C CG  . GLU A 1 16 ? 16.836  6.829   -11.080 1.00 36.24 ? 16  GLU B CG  1 
ATOM   132 C CD  . GLU A 1 16 ? 18.350  6.869   -11.068 1.00 48.30 ? 16  GLU B CD  1 
ATOM   133 O OE1 . GLU A 1 16 ? 18.945  6.592   -10.005 1.00 52.82 ? 16  GLU B OE1 1 
ATOM   134 O OE2 . GLU A 1 16 ? 18.942  7.178   -12.125 1.00 48.40 ? 16  GLU B OE2 1 
ATOM   135 N N   . ASN A 1 17 ? 13.934  5.202   -14.520 1.00 22.81 ? 17  ASN B N   1 
ATOM   136 C CA  . ASN A 1 17 ? 13.381  4.144   -15.354 1.00 26.12 ? 17  ASN B CA  1 
ATOM   137 C C   . ASN A 1 17 ? 14.414  3.049   -15.599 1.00 28.46 ? 17  ASN B C   1 
ATOM   138 O O   . ASN A 1 17 ? 15.584  3.322   -15.878 1.00 27.04 ? 17  ASN B O   1 
ATOM   139 C CB  . ASN A 1 17 ? 12.893  4.725   -16.677 1.00 25.26 ? 17  ASN B CB  1 
ATOM   140 C CG  . ASN A 1 17 ? 11.640  5.552   -16.511 1.00 33.14 ? 17  ASN B CG  1 
ATOM   141 O OD1 . ASN A 1 17 ? 10.733  5.181   -15.764 1.00 34.20 ? 17  ASN B OD1 1 
ATOM   142 N ND2 . ASN A 1 17 ? 11.586  6.690   -17.195 1.00 31.15 ? 17  ASN B ND2 1 
ATOM   143 N N   . GLY A 1 18 ? 13.974  1.796   -15.478 1.00 21.74 ? 18  GLY B N   1 
ATOM   144 C CA  . GLY A 1 18 ? 14.866  0.678   -15.703 1.00 20.73 ? 18  GLY B CA  1 
ATOM   145 C C   . GLY A 1 18 ? 15.829  0.368   -14.579 1.00 24.48 ? 18  GLY B C   1 
ATOM   146 O O   . GLY A 1 18 ? 16.644  -0.547  -14.728 1.00 25.98 ? 18  GLY B O   1 
ATOM   147 N N   . LYS A 1 19 ? 15.775  1.098   -13.454 1.00 23.39 ? 19  LYS B N   1 
ATOM   148 C CA  . LYS A 1 19 ? 16.652  0.771   -12.337 1.00 20.45 ? 19  LYS B CA  1 
ATOM   149 C C   . LYS A 1 19 ? 15.859  0.126   -11.209 1.00 24.29 ? 19  LYS B C   1 
ATOM   150 O O   . LYS A 1 19 ? 14.768  0.603   -10.872 1.00 24.44 ? 19  LYS B O   1 
ATOM   151 C CB  . LYS A 1 19 ? 17.364  2.013   -11.785 1.00 24.25 ? 19  LYS B CB  1 
ATOM   152 C CG  . LYS A 1 19 ? 18.658  2.383   -12.487 1.00 38.26 ? 19  LYS B CG  1 
ATOM   153 C CD  . LYS A 1 19 ? 18.529  3.723   -13.179 1.00 40.58 ? 19  LYS B CD  1 
ATOM   154 C CE  . LYS A 1 19 ? 19.391  3.820   -14.425 1.00 48.39 ? 19  LYS B CE  1 
ATOM   155 N NZ  . LYS A 1 19 ? 18.694  4.597   -15.501 1.00 50.12 ? 19  LYS B NZ  1 
ATOM   156 N N   . PRO A 1 20 ? 16.384  -0.932  -10.598 1.00 24.73 ? 20  PRO B N   1 
ATOM   157 C CA  . PRO A 1 20 ? 15.637  -1.619  -9.539  1.00 19.89 ? 20  PRO B CA  1 
ATOM   158 C C   . PRO A 1 20 ? 15.410  -0.707  -8.347  1.00 24.62 ? 20  PRO B C   1 
ATOM   159 O O   . PRO A 1 20 ? 16.210  0.185   -8.047  1.00 20.93 ? 20  PRO B O   1 
ATOM   160 C CB  . PRO A 1 20 ? 16.540  -2.802  -9.162  1.00 24.99 ? 20  PRO B CB  1 
ATOM   161 C CG  . PRO A 1 20 ? 17.530  -2.915  -10.276 1.00 28.16 ? 20  PRO B CG  1 
ATOM   162 C CD  . PRO A 1 20 ? 17.702  -1.541  -10.835 1.00 27.59 ? 20  PRO B CD  1 
ATOM   163 N N   . ASN A 1 21 ? 14.308  -0.962  -7.652  1.00 18.61 ? 21  ASN B N   1 
ATOM   164 C CA  . ASN A 1 21 ? 13.824  -0.075  -6.601  1.00 18.01 ? 21  ASN B CA  1 
ATOM   165 C C   . ASN A 1 21 ? 12.973  -0.930  -5.662  1.00 15.96 ? 21  ASN B C   1 
ATOM   166 O O   . ASN A 1 21 ? 12.882  -2.151  -5.821  1.00 15.89 ? 21  ASN B O   1 
ATOM   167 C CB  . ASN A 1 21 ? 13.063  1.102   -7.240  1.00 14.87 ? 21  ASN B CB  1 
ATOM   168 C CG  . ASN A 1 21 ? 13.091  2.372   -6.398  1.00 15.78 ? 21  ASN B CG  1 
ATOM   169 O OD1 . ASN A 1 21 ? 13.042  2.326   -5.168  1.00 17.17 ? 21  ASN B OD1 1 
ATOM   170 N ND2 . ASN A 1 21 ? 13.170  3.517   -7.071  1.00 16.77 ? 21  ASN B ND2 1 
ATOM   171 N N   . TYR A 1 22 ? 12.344  -0.290  -4.681  1.00 15.53 ? 22  TYR B N   1 
ATOM   172 C CA  . TYR A 1 22 ? 11.435  -0.980  -3.776  1.00 12.00 ? 22  TYR B CA  1 
ATOM   173 C C   . TYR A 1 22 ? 10.144  -0.190  -3.738  1.00 12.42 ? 22  TYR B C   1 
ATOM   174 O O   . TYR A 1 22 ? 10.179  1.031   -3.563  1.00 11.89 ? 22  TYR B O   1 
ATOM   175 C CB  . TYR A 1 22 ? 11.992  -1.082  -2.349  1.00 19.94 ? 22  TYR B CB  1 
ATOM   176 C CG  . TYR A 1 22 ? 13.084  -2.095  -2.135  1.00 27.57 ? 22  TYR B CG  1 
ATOM   177 C CD1 . TYR A 1 22 ? 12.805  -3.453  -2.114  1.00 28.00 ? 22  TYR B CD1 1 
ATOM   178 C CD2 . TYR A 1 22 ? 14.395  -1.686  -1.899  1.00 44.11 ? 22  TYR B CD2 1 
ATOM   179 C CE1 . TYR A 1 22 ? 13.819  -4.385  -1.899  1.00 42.23 ? 22  TYR B CE1 1 
ATOM   180 C CE2 . TYR A 1 22 ? 15.409  -2.603  -1.682  1.00 37.70 ? 22  TYR B CE2 1 
ATOM   181 C CZ  . TYR A 1 22 ? 15.117  -3.949  -1.683  1.00 42.29 ? 22  TYR B CZ  1 
ATOM   182 O OH  . TYR A 1 22 ? 16.133  -4.855  -1.461  1.00 55.78 ? 22  TYR B OH  1 
ATOM   183 N N   . LEU A 1 23 ? 9.021   -0.878  -3.900  1.00 10.26 ? 23  LEU B N   1 
ATOM   184 C CA  . LEU A 1 23 ? 7.707   -0.241  -3.858  1.00 9.17  ? 23  LEU B CA  1 
ATOM   185 C C   . LEU A 1 23 ? 7.048   -0.534  -2.523  1.00 8.25  ? 23  LEU B C   1 
ATOM   186 O O   . LEU A 1 23 ? 7.020   -1.684  -2.082  1.00 10.46 ? 23  LEU B O   1 
ATOM   187 C CB  . LEU A 1 23 ? 6.828   -0.765  -4.991  1.00 10.69 ? 23  LEU B CB  1 
ATOM   188 C CG  . LEU A 1 23 ? 5.389   -0.257  -5.101  1.00 11.58 ? 23  LEU B CG  1 
ATOM   189 C CD1 . LEU A 1 23 ? 5.379   1.218   -5.415  1.00 12.72 ? 23  LEU B CD1 1 
ATOM   190 C CD2 . LEU A 1 23 ? 4.674   -1.027  -6.195  1.00 13.22 ? 23  LEU B CD2 1 
ATOM   191 N N   . ASN A 1 24 ? 6.493   0.501   -1.892  1.00 8.64  ? 24  ASN B N   1 
ATOM   192 C CA  . ASN A 1 24 ? 5.943   0.373   -0.552  1.00 9.48  ? 24  ASN B CA  1 
ATOM   193 C C   . ASN A 1 24 ? 4.526   0.922   -0.521  1.00 6.97  ? 24  ASN B C   1 
ATOM   194 O O   . ASN A 1 24 ? 4.216   1.921   -1.180  1.00 7.33  ? 24  ASN B O   1 
ATOM   195 C CB  . ASN A 1 24 ? 6.762   1.152   0.476   1.00 10.16 ? 24  ASN B CB  1 
ATOM   196 C CG  . ASN A 1 24 ? 8.214   0.705   0.557   1.00 14.68 ? 24  ASN B CG  1 
ATOM   197 O OD1 . ASN A 1 24 ? 8.561   -0.142  1.373   1.00 18.11 ? 24  ASN B OD1 1 
ATOM   198 N ND2 . ASN A 1 24 ? 9.065   1.302   -0.263  1.00 18.89 ? 24  ASN B ND2 1 
ATOM   199 N N   . CYS A 1 25 ? 3.683   0.279   0.288   1.00 7.19  ? 25  CYS B N   1 
ATOM   200 C CA  . CYS A 1 25 ? 2.374   0.819   0.633   1.00 9.07  ? 25  CYS B CA  1 
ATOM   201 C C   . CYS A 1 25 ? 2.250   0.803   2.150   1.00 8.09  ? 25  CYS B C   1 
ATOM   202 O O   . CYS A 1 25 ? 2.291   -0.265  2.770   1.00 9.55  ? 25  CYS B O   1 
ATOM   203 C CB  . CYS A 1 25 ? 1.258   0.010   -0.018  1.00 11.41 ? 25  CYS B CB  1 
ATOM   204 S SG  . CYS A 1 25 ? -0.342  0.734   0.304   1.00 13.96 ? 25  CYS B SG  1 
ATOM   205 N N   . TYR A 1 26 ? 2.115   1.980   2.749   1.00 5.96  ? 26  TYR B N   1 
ATOM   206 C CA  . TYR A 1 26 ? 1.955   2.115   4.192   1.00 6.17  ? 26  TYR B CA  1 
ATOM   207 C C   . TYR A 1 26 ? 0.510   2.491   4.458   1.00 6.24  ? 26  TYR B C   1 
ATOM   208 O O   . TYR A 1 26 ? 0.035   3.510   3.939   1.00 7.39  ? 26  TYR B O   1 
ATOM   209 C CB  . TYR A 1 26 ? 2.894   3.196   4.726   1.00 9.54  ? 26  TYR B CB  1 
ATOM   210 C CG  . TYR A 1 26 ? 2.785   3.451   6.210   1.00 7.69  ? 26  TYR B CG  1 
ATOM   211 C CD1 . TYR A 1 26 ? 3.011   2.434   7.129   1.00 8.11  ? 26  TYR B CD1 1 
ATOM   212 C CD2 . TYR A 1 26 ? 2.491   4.731   6.695   1.00 8.21  ? 26  TYR B CD2 1 
ATOM   213 C CE1 . TYR A 1 26 ? 2.958   2.687   8.511   1.00 9.26  ? 26  TYR B CE1 1 
ATOM   214 C CE2 . TYR A 1 26 ? 2.428   4.980   8.068   1.00 7.44  ? 26  TYR B CE2 1 
ATOM   215 C CZ  . TYR A 1 26 ? 2.651   3.953   8.961   1.00 9.99  ? 26  TYR B CZ  1 
ATOM   216 O OH  . TYR A 1 26 ? 2.601   4.227   10.310  1.00 8.90  ? 26  TYR B OH  1 
ATOM   217 N N   . VAL A 1 27 ? -0.214  1.666   5.216   1.00 7.02  ? 27  VAL B N   1 
ATOM   218 C CA  . VAL A 1 27 ? -1.603  2.016   5.465   1.00 9.55  ? 27  VAL B CA  1 
ATOM   219 C C   . VAL A 1 27 ? -1.832  1.977   6.967   1.00 8.56  ? 27  VAL B C   1 
ATOM   220 O O   . VAL A 1 27 ? -1.256  1.145   7.674   1.00 6.65  ? 27  VAL B O   1 
ATOM   221 C CB  . VAL A 1 27 ? -2.610  1.175   4.635   1.00 24.25 ? 27  VAL B CB  1 
ATOM   222 C CG1 . VAL A 1 27 ? -1.957  0.303   3.553   1.00 11.57 ? 27  VAL B CG1 1 
ATOM   223 C CG2 . VAL A 1 27 ? -3.738  0.534   5.423   1.00 14.97 ? 27  VAL B CG2 1 
ATOM   224 N N   . TYR A 1 28 ? -2.561  2.970   7.466   1.00 6.14  ? 28  TYR B N   1 
ATOM   225 C CA  . TYR A 1 28 ? -2.512  3.288   8.883   1.00 5.64  ? 28  TYR B CA  1 
ATOM   226 C C   . TYR A 1 28 ? -3.776  4.031   9.259   1.00 8.93  ? 28  TYR B C   1 
ATOM   227 O O   . TYR A 1 28 ? -4.545  4.473   8.399   1.00 9.39  ? 28  TYR B O   1 
ATOM   228 C CB  . TYR A 1 28 ? -1.277  4.131   9.217   1.00 8.19  ? 28  TYR B CB  1 
ATOM   229 C CG  . TYR A 1 28 ? -1.227  5.461   8.481   1.00 9.35  ? 28  TYR B CG  1 
ATOM   230 C CD1 . TYR A 1 28 ? -0.809  5.532   7.160   1.00 7.65  ? 28  TYR B CD1 1 
ATOM   231 C CD2 . TYR A 1 28 ? -1.595  6.643   9.117   1.00 12.16 ? 28  TYR B CD2 1 
ATOM   232 C CE1 . TYR A 1 28 ? -0.751  6.756   6.481   1.00 13.25 ? 28  TYR B CE1 1 
ATOM   233 C CE2 . TYR A 1 28 ? -1.540  7.871   8.444   1.00 11.90 ? 28  TYR B CE2 1 
ATOM   234 C CZ  . TYR A 1 28 ? -1.111  7.916   7.138   1.00 10.79 ? 28  TYR B CZ  1 
ATOM   235 O OH  . TYR A 1 28 ? -1.053  9.107   6.438   1.00 20.06 ? 28  TYR B OH  1 
ATOM   236 N N   . GLY A 1 29 ? -3.973  4.159   10.564  1.00 6.92  ? 29  GLY B N   1 
ATOM   237 C CA  . GLY A 1 29 ? -5.086  4.934   11.079  1.00 7.04  ? 29  GLY B CA  1 
ATOM   238 C C   . GLY A 1 29 ? -6.411  4.222   11.078  1.00 11.45 ? 29  GLY B C   1 
ATOM   239 O O   . GLY A 1 29 ? -7.439  4.882   11.270  1.00 11.02 ? 29  GLY B O   1 
ATOM   240 N N   . PHE A 1 30 ? -6.435  2.907   10.898  1.00 8.93  ? 30  PHE B N   1 
ATOM   241 C CA  . PHE A 1 30 ? -7.693  2.206   10.689  1.00 9.05  ? 30  PHE B CA  1 
ATOM   242 C C   . PHE A 1 30 ? -8.126  1.410   11.914  1.00 10.39 ? 30  PHE B C   1 
ATOM   243 O O   . PHE A 1 30 ? -7.309  0.969   12.730  1.00 9.49  ? 30  PHE B O   1 
ATOM   244 C CB  . PHE A 1 30 ? -7.637  1.287   9.449   1.00 9.54  ? 30  PHE B CB  1 
ATOM   245 C CG  . PHE A 1 30 ? -6.509  0.265   9.453   1.00 9.54  ? 30  PHE B CG  1 
ATOM   246 C CD1 . PHE A 1 30 ? -5.249  0.585   8.928   1.00 8.13  ? 30  PHE B CD1 1 
ATOM   247 C CD2 . PHE A 1 30 ? -6.725  -1.037  9.914   1.00 8.35  ? 30  PHE B CD2 1 
ATOM   248 C CE1 . PHE A 1 30 ? -4.222  -0.345  8.914   1.00 7.43  ? 30  PHE B CE1 1 
ATOM   249 C CE2 . PHE A 1 30 ? -5.692  -1.969  9.889   1.00 8.13  ? 30  PHE B CE2 1 
ATOM   250 C CZ  . PHE A 1 30 ? -4.448  -1.625  9.384   1.00 7.18  ? 30  PHE B CZ  1 
ATOM   251 N N   A HIS A 1 31 ? -9.435  1.241   12.020  0.53 10.23 ? 31  HIS B N   1 
ATOM   252 N N   B HIS A 1 31 ? -9.450  1.275   12.054  0.47 10.24 ? 31  HIS B N   1 
ATOM   253 C CA  A HIS A 1 31 ? -10.028 0.306   12.935  0.53 11.43 ? 31  HIS B CA  1 
ATOM   254 C CA  B HIS A 1 31 ? -10.188 0.450   13.026  0.47 11.44 ? 31  HIS B CA  1 
ATOM   255 C C   A HIS A 1 31 ? -11.308 -0.151  12.261  0.53 11.57 ? 31  HIS B C   1 
ATOM   256 C C   B HIS A 1 31 ? -11.359 -0.130  12.237  0.47 11.61 ? 31  HIS B C   1 
ATOM   257 O O   A HIS A 1 31 ? -11.977 0.671   11.618  0.53 11.75 ? 31  HIS B O   1 
ATOM   258 O O   B HIS A 1 31 ? -11.999 0.611   11.477  0.47 11.79 ? 31  HIS B O   1 
ATOM   259 C CB  A HIS A 1 31 ? -10.335 0.912   14.294  0.53 12.41 ? 31  HIS B CB  1 
ATOM   260 C CB  B HIS A 1 31 ? -10.740 1.262   14.211  0.47 13.56 ? 31  HIS B CB  1 
ATOM   261 C CG  A HIS A 1 31 ? -10.676 -0.119  15.311  0.53 13.42 ? 31  HIS B CG  1 
ATOM   262 C CG  B HIS A 1 31 ? -9.796  1.423   15.367  0.47 13.24 ? 31  HIS B CG  1 
ATOM   263 N ND1 A HIS A 1 31 ? -11.963 -0.569  15.505  0.53 16.38 ? 31  HIS B ND1 1 
ATOM   264 N ND1 B HIS A 1 31 ? -9.113  2.596   15.613  0.47 14.64 ? 31  HIS B ND1 1 
ATOM   265 C CD2 A HIS A 1 31 ? -9.889  -0.858  16.125  0.53 13.50 ? 31  HIS B CD2 1 
ATOM   266 C CD2 B HIS A 1 31 ? -9.460  0.577   16.371  0.47 12.19 ? 31  HIS B CD2 1 
ATOM   267 C CE1 A HIS A 1 31 ? -11.957 -1.516  16.426  0.53 14.47 ? 31  HIS B CE1 1 
ATOM   268 C CE1 B HIS A 1 31 ? -8.382  2.459   16.706  0.47 9.05  ? 31  HIS B CE1 1 
ATOM   269 N NE2 A HIS A 1 31 ? -10.714 -1.715  16.811  0.53 7.54  ? 31  HIS B NE2 1 
ATOM   270 N NE2 B HIS A 1 31 ? -8.575  1.243   17.185  0.47 15.50 ? 31  HIS B NE2 1 
ATOM   271 N N   . PRO A 1 32 ? -11.680 -1.434  12.372  1.00 11.14 ? 32  PRO B N   1 
ATOM   272 C CA  . PRO A 1 32 ? -11.025 -2.508  13.125  1.00 11.08 ? 32  PRO B CA  1 
ATOM   273 C C   . PRO A 1 32 ? -9.777  -2.998  12.400  1.00 11.31 ? 32  PRO B C   1 
ATOM   274 O O   . PRO A 1 32 ? -9.505  -2.556  11.281  1.00 10.19 ? 32  PRO B O   1 
ATOM   275 C CB  . PRO A 1 32 ? -12.102 -3.596  13.187  1.00 11.84 ? 32  PRO B CB  1 
ATOM   276 C CG  . PRO A 1 32 ? -12.853 -3.441  11.894  1.00 12.78 ? 32  PRO B CG  1 
ATOM   277 C CD  . PRO A 1 32 ? -12.837 -1.947  11.599  1.00 11.95 ? 32  PRO B CD  1 
ATOM   278 N N   . PRO A 1 33 ? -9.000  -3.873  13.041  1.00 11.16 ? 33  PRO B N   1 
ATOM   279 C CA  . PRO A 1 33 ? -7.685  -4.225  12.477  1.00 8.73  ? 33  PRO B CA  1 
ATOM   280 C C   . PRO A 1 33 ? -7.703  -5.158  11.284  1.00 8.45  ? 33  PRO B C   1 
ATOM   281 O O   . PRO A 1 33 ? -6.675  -5.249  10.589  1.00 9.56  ? 33  PRO B O   1 
ATOM   282 C CB  . PRO A 1 33 ? -6.956  -4.870  13.660  1.00 8.21  ? 33  PRO B CB  1 
ATOM   283 C CG  . PRO A 1 33 ? -8.037  -5.256  14.619  1.00 11.22 ? 33  PRO B CG  1 
ATOM   284 C CD  . PRO A 1 33 ? -9.095  -4.232  14.469  1.00 11.81 ? 33  PRO B CD  1 
ATOM   285 N N   A GLN A 1 34 ? -8.794  -5.883  11.025  0.60 10.50 ? 34  GLN B N   1 
ATOM   286 N N   B GLN A 1 34 ? -8.815  -5.839  11.026  0.40 10.52 ? 34  GLN B N   1 
ATOM   287 C CA  A GLN A 1 34 ? -8.806  -6.742  9.848   0.60 10.05 ? 34  GLN B CA  1 
ATOM   288 C CA  B GLN A 1 34 ? -8.977  -6.651  9.825   0.40 10.28 ? 34  GLN B CA  1 
ATOM   289 C C   A GLN A 1 34 ? -8.785  -5.888  8.581   0.60 9.91  ? 34  GLN B C   1 
ATOM   290 C C   B GLN A 1 34 ? -8.779  -5.808  8.566   0.40 9.91  ? 34  GLN B C   1 
ATOM   291 O O   A GLN A 1 34 ? -9.594  -4.977  8.411   0.60 9.86  ? 34  GLN B O   1 
ATOM   292 O O   B GLN A 1 34 ? -9.470  -4.806  8.380   0.40 9.84  ? 34  GLN B O   1 
ATOM   293 C CB  A GLN A 1 34 ? -10.026 -7.657  9.842   0.60 13.89 ? 34  GLN B CB  1 
ATOM   294 C CB  B GLN A 1 34 ? -10.386 -7.250  9.854   0.40 12.50 ? 34  GLN B CB  1 
ATOM   295 C CG  A GLN A 1 34 ? -10.228 -8.338  8.500   0.60 11.22 ? 34  GLN B CG  1 
ATOM   296 C CG  B GLN A 1 34 ? -10.695 -7.977  11.161  0.40 13.87 ? 34  GLN B CG  1 
ATOM   297 C CD  A GLN A 1 34 ? -9.091  -9.273  8.149   0.60 11.34 ? 34  GLN B CD  1 
ATOM   298 C CD  B GLN A 1 34 ? -11.426 -7.142  12.195  0.40 11.36 ? 34  GLN B CD  1 
ATOM   299 O OE1 A GLN A 1 34 ? -8.364  -9.745  9.027   0.60 10.21 ? 34  GLN B OE1 1 
ATOM   300 O OE1 B GLN A 1 34 ? -10.807 -6.561  13.078  0.40 12.98 ? 34  GLN B OE1 1 
ATOM   301 N NE2 A GLN A 1 34 ? -8.936  -9.560  6.865   0.60 12.66 ? 34  GLN B NE2 1 
ATOM   302 N NE2 B GLN A 1 34 ? -12.755 -7.115  12.115  0.40 18.88 ? 34  GLN B NE2 1 
ATOM   303 N N   . ILE A 1 35 ? -7.843  -6.202  7.686   1.00 10.62 ? 35  ILE B N   1 
ATOM   304 C CA  . ILE A 1 35 ? -7.614  -5.420  6.473   1.00 9.66  ? 35  ILE B CA  1 
ATOM   305 C C   . ILE A 1 35 ? -6.906  -6.295  5.451   1.00 11.45 ? 35  ILE B C   1 
ATOM   306 O O   . ILE A 1 35 ? -6.172  -7.219  5.810   1.00 16.49 ? 35  ILE B O   1 
ATOM   307 C CB  . ILE A 1 35 ? -6.792  -4.147  6.799   1.00 8.41  ? 35  ILE B CB  1 
ATOM   308 C CG1 . ILE A 1 35 ? -6.931  -3.104  5.686   1.00 7.34  ? 35  ILE B CG1 1 
ATOM   309 C CG2 . ILE A 1 35 ? -5.309  -4.495  7.038   1.00 9.57  ? 35  ILE B CG2 1 
ATOM   310 C CD1 . ILE A 1 35 ? -6.522  -1.695  6.132   1.00 9.42  ? 35  ILE B CD1 1 
ATOM   311 N N   . GLU A 1 36 ? -7.130  -6.006  4.170   1.00 11.31 ? 36  GLU B N   1 
ATOM   312 C CA  . GLU A 1 36 ? -6.446  -6.707  3.091   1.00 10.67 ? 36  GLU B CA  1 
ATOM   313 C C   . GLU A 1 36 ? -5.773  -5.691  2.181   1.00 10.78 ? 36  GLU B C   1 
ATOM   314 O O   . GLU A 1 36 ? -6.406  -4.717  1.757   1.00 11.49 ? 36  GLU B O   1 
ATOM   315 C CB  . GLU A 1 36 ? -7.425  -7.595  2.315   1.00 16.78 ? 36  GLU B CB  1 
ATOM   316 C CG  . GLU A 1 36 ? -7.770  -8.859  3.106   1.00 24.98 ? 36  GLU B CG  1 
ATOM   317 C CD  . GLU A 1 36 ? -8.669  -9.790  2.339   1.00 42.71 ? 36  GLU B CD  1 
ATOM   318 O OE1 . GLU A 1 36 ? -8.736  -10.986 2.711   1.00 37.67 ? 36  GLU B OE1 1 
ATOM   319 O OE2 . GLU A 1 36 ? -9.308  -9.316  1.370   1.00 43.60 ? 36  GLU B OE2 1 
ATOM   320 N N   . ILE A 1 37 ? -4.488  -5.904  1.914   1.00 9.90  ? 37  ILE B N   1 
ATOM   321 C CA  . ILE A 1 37 ? -3.672  -4.972  1.148   1.00 10.05 ? 37  ILE B CA  1 
ATOM   322 C C   . ILE A 1 37 ? -2.907  -5.736  0.075   1.00 12.56 ? 37  ILE B C   1 
ATOM   323 O O   . ILE A 1 37 ? -2.312  -6.784  0.353   1.00 13.73 ? 37  ILE B O   1 
ATOM   324 C CB  . ILE A 1 37 ? -2.682  -4.231  2.060   1.00 9.68  ? 37  ILE B CB  1 
ATOM   325 C CG1 . ILE A 1 37 ? -3.426  -3.445  3.123   1.00 10.50 ? 37  ILE B CG1 1 
ATOM   326 C CG2 . ILE A 1 37 ? -1.825  -3.299  1.226   1.00 12.07 ? 37  ILE B CG2 1 
ATOM   327 C CD1 . ILE A 1 37 ? -2.592  -3.217  4.376   1.00 12.04 ? 37  ILE B CD1 1 
ATOM   328 N N   . ASP A 1 38 ? -2.897  -5.201  -1.148  1.00 11.17 ? 38  ASP B N   1 
ATOM   329 C CA  . ASP A 1 38 ? -2.099  -5.765  -2.230  1.00 11.66 ? 38  ASP B CA  1 
ATOM   330 C C   . ASP A 1 38 ? -1.367  -4.658  -2.961  1.00 10.82 ? 38  ASP B C   1 
ATOM   331 O O   . ASP A 1 38 ? -1.828  -3.519  -3.004  1.00 11.01 ? 38  ASP B O   1 
ATOM   332 C CB  . ASP A 1 38 ? -2.958  -6.519  -3.249  1.00 13.01 ? 38  ASP B CB  1 
ATOM   333 C CG  . ASP A 1 38 ? -3.359  -7.889  -2.765  1.00 22.52 ? 38  ASP B CG  1 
ATOM   334 O OD1 . ASP A 1 38 ? -2.464  -8.758  -2.611  1.00 20.80 ? 38  ASP B OD1 1 
ATOM   335 O OD2 . ASP A 1 38 ? -4.565  -8.088  -2.531  1.00 26.19 ? 38  ASP B OD2 1 
ATOM   336 N N   . LEU A 1 39 ? -0.222  -5.001  -3.534  1.00 10.72 ? 39  LEU B N   1 
ATOM   337 C CA  . LEU A 1 39 ? 0.436   -4.141  -4.502  1.00 10.98 ? 39  LEU B CA  1 
ATOM   338 C C   . LEU A 1 39 ? 0.143   -4.711  -5.882  1.00 10.97 ? 39  LEU B C   1 
ATOM   339 O O   . LEU A 1 39 ? 0.158   -5.930  -6.072  1.00 12.37 ? 39  LEU B O   1 
ATOM   340 C CB  . LEU A 1 39 ? 1.945   -4.055  -4.252  1.00 9.32  ? 39  LEU B CB  1 
ATOM   341 C CG  . LEU A 1 39 ? 2.323   -3.139  -3.072  1.00 9.79  ? 39  LEU B CG  1 
ATOM   342 C CD1 . LEU A 1 39 ? 3.793   -3.262  -2.708  1.00 13.04 ? 39  LEU B CD1 1 
ATOM   343 C CD2 . LEU A 1 39 ? 1.980   -1.683  -3.369  1.00 11.85 ? 39  LEU B CD2 1 
ATOM   344 N N   . LEU A 1 40 ? -0.167  -3.829  -6.830  1.00 10.55 ? 40  LEU B N   1 
ATOM   345 C CA  . LEU A 1 40 ? -0.577  -4.229  -8.170  1.00 10.69 ? 40  LEU B CA  1 
ATOM   346 C C   . LEU A 1 40 ? 0.372   -3.646  -9.205  1.00 13.20 ? 40  LEU B C   1 
ATOM   347 O O   . LEU A 1 40 ? 0.815   -2.498  -9.078  1.00 12.41 ? 40  LEU B O   1 
ATOM   348 C CB  . LEU A 1 40 ? -1.996  -3.755  -8.488  1.00 12.02 ? 40  LEU B CB  1 
ATOM   349 C CG  . LEU A 1 40 ? -3.118  -4.110  -7.511  1.00 15.30 ? 40  LEU B CG  1 
ATOM   350 C CD1 . LEU A 1 40 ? -4.416  -3.436  -7.930  1.00 19.04 ? 40  LEU B CD1 1 
ATOM   351 C CD2 . LEU A 1 40 ? -3.297  -5.613  -7.442  1.00 20.78 ? 40  LEU B CD2 1 
ATOM   352 N N   . LYS A 1 41 ? 0.675   -4.441  -10.231 1.00 14.59 ? 41  LYS B N   1 
ATOM   353 C CA  . LYS A 1 41 ? 1.367   -3.962  -11.422 1.00 16.28 ? 41  LYS B CA  1 
ATOM   354 C C   . LYS A 1 41 ? 0.407   -4.080  -12.599 1.00 15.91 ? 41  LYS B C   1 
ATOM   355 O O   . LYS A 1 41 ? 0.022   -5.191  -12.975 1.00 16.46 ? 41  LYS B O   1 
ATOM   356 C CB  . LYS A 1 41 ? 2.643   -4.768  -11.664 1.00 16.38 ? 41  LYS B CB  1 
ATOM   357 C CG  . LYS A 1 41 ? 3.390   -4.404  -12.936 1.00 21.28 ? 41  LYS B CG  1 
ATOM   358 C CD  . LYS A 1 41 ? 4.595   -5.314  -13.109 1.00 17.96 ? 41  LYS B CD  1 
ATOM   359 C CE  . LYS A 1 41 ? 5.236   -5.122  -14.470 1.00 32.92 ? 41  LYS B CE  1 
ATOM   360 N NZ  . LYS A 1 41 ? 6.635   -5.630  -14.474 1.00 27.79 ? 41  LYS B NZ  1 
ATOM   361 N N   . ASN A 1 42 ? -0.002  -2.937  -13.154 1.00 16.80 ? 42  ASN B N   1 
ATOM   362 C CA  . ASN A 1 42 ? -0.983  -2.905  -14.246 1.00 19.62 ? 42  ASN B CA  1 
ATOM   363 C C   . ASN A 1 42 ? -2.243  -3.692  -13.882 1.00 24.07 ? 42  ASN B C   1 
ATOM   364 O O   . ASN A 1 42 ? -2.792  -4.440  -14.692 1.00 25.79 ? 42  ASN B O   1 
ATOM   365 C CB  . ASN A 1 42 ? -0.365  -3.422  -15.548 1.00 22.93 ? 42  ASN B CB  1 
ATOM   366 C CG  . ASN A 1 42 ? 0.822   -2.593  -15.987 1.00 21.66 ? 42  ASN B CG  1 
ATOM   367 O OD1 . ASN A 1 42 ? 0.775   -1.366  -15.949 1.00 21.77 ? 42  ASN B OD1 1 
ATOM   368 N ND2 . ASN A 1 42 ? 1.902   -3.257  -16.382 1.00 22.93 ? 42  ASN B ND2 1 
ATOM   369 N N   . GLY A 1 43 ? -2.700  -3.526  -12.641 1.00 19.69 ? 43  GLY B N   1 
ATOM   370 C CA  . GLY A 1 43 ? -3.901  -4.180  -12.159 1.00 23.14 ? 43  GLY B CA  1 
ATOM   371 C C   . GLY A 1 43 ? -3.738  -5.608  -11.673 1.00 25.72 ? 43  GLY B C   1 
ATOM   372 O O   . GLY A 1 43 ? -4.715  -6.186  -11.178 1.00 29.22 ? 43  GLY B O   1 
ATOM   373 N N   . GLN A 1 44 ? -2.552  -6.198  -11.777 1.00 26.04 ? 44  GLN B N   1 
ATOM   374 C CA  . GLN A 1 44 ? -2.335  -7.581  -11.368 1.00 23.18 ? 44  GLN B CA  1 
ATOM   375 C C   . GLN A 1 44 ? -1.559  -7.646  -10.056 1.00 21.32 ? 44  GLN B C   1 
ATOM   376 O O   . GLN A 1 44 ? -0.588  -6.914  -9.862  1.00 20.61 ? 44  GLN B O   1 
ATOM   377 C CB  . GLN A 1 44 ? -1.586  -8.359  -12.452 1.00 25.72 ? 44  GLN B CB  1 
ATOM   378 C CG  . GLN A 1 44 ? -2.218  -8.248  -13.834 1.00 29.57 ? 44  GLN B CG  1 
ATOM   379 C CD  . GLN A 1 44 ? -3.663  -8.698  -13.835 1.00 44.87 ? 44  GLN B CD  1 
ATOM   380 O OE1 . GLN A 1 44 ? -3.974  -9.830  -13.450 1.00 49.43 ? 44  GLN B OE1 1 
ATOM   381 N NE2 . GLN A 1 44 ? -4.561  -7.811  -14.254 1.00 43.26 ? 44  GLN B NE2 1 
ATOM   382 N N   . LYS A 1 45 ? -1.962  -8.563  -9.179  1.00 20.94 ? 45  LYS B N   1 
ATOM   383 C CA  . LYS A 1 45 ? -1.350  -8.674  -7.861  1.00 19.39 ? 45  LYS B CA  1 
ATOM   384 C C   . LYS A 1 45 ? 0.114   -9.098  -7.945  1.00 20.28 ? 45  LYS B C   1 
ATOM   385 O O   . LYS A 1 45 ? 0.466   -10.079 -8.601  1.00 22.35 ? 45  LYS B O   1 
ATOM   386 C CB  . LYS A 1 45 ? -2.114  -9.674  -6.991  1.00 23.90 ? 45  LYS B CB  1 
ATOM   387 C CG  . LYS A 1 45 ? -3.519  -9.262  -6.609  1.00 29.16 ? 45  LYS B CG  1 
ATOM   388 C CD  . LYS A 1 45 ? -4.203  -10.385 -5.844  1.00 32.88 ? 45  LYS B CD  1 
ATOM   389 C CE  . LYS A 1 45 ? -5.637  -10.562 -6.294  1.00 44.06 ? 45  LYS B CE  1 
ATOM   390 N NZ  . LYS A 1 45 ? -6.597  -10.496 -5.150  1.00 46.46 ? 45  LYS B NZ  1 
ATOM   391 N N   . MET A 1 46 ? 0.968   -8.359  -7.257  1.00 15.86 ? 46  MET B N   1 
ATOM   392 C CA  . MET A 1 46 ? 2.378   -8.691  -7.120  1.00 15.43 ? 46  MET B CA  1 
ATOM   393 C C   . MET A 1 46 ? 2.614   -9.541  -5.875  1.00 20.04 ? 46  MET B C   1 
ATOM   394 O O   . MET A 1 46 ? 1.853   -9.487  -4.904  1.00 19.07 ? 46  MET B O   1 
ATOM   395 C CB  . MET A 1 46 ? 3.224   -7.413  -7.031  1.00 14.42 ? 46  MET B CB  1 
ATOM   396 C CG  . MET A 1 46 ? 2.960   -6.423  -8.154  1.00 15.44 ? 46  MET B CG  1 
ATOM   397 S SD  . MET A 1 46 ? 3.920   -4.907  -7.951  1.00 15.07 ? 46  MET B SD  1 
ATOM   398 C CE  . MET A 1 46 ? 5.563   -5.459  -8.394  1.00 16.70 ? 46  MET B CE  1 
ATOM   399 N N   . LYS A 1 47 ? 3.681   -10.337 -5.906  1.00 18.34 ? 47  LYS B N   1 
ATOM   400 C CA  . LYS A 1 47 ? 4.126   -11.015 -4.699  1.00 18.16 ? 47  LYS B CA  1 
ATOM   401 C C   . LYS A 1 47 ? 4.800   -10.000 -3.794  1.00 21.14 ? 47  LYS B C   1 
ATOM   402 O O   . LYS A 1 47 ? 5.690   -9.261  -4.231  1.00 20.81 ? 47  LYS B O   1 
ATOM   403 C CB  . LYS A 1 47 ? 5.079   -12.166 -5.033  1.00 23.38 ? 47  LYS B CB  1 
ATOM   404 C CG  . LYS A 1 47 ? 4.474   -13.199 -5.983  1.00 37.79 ? 47  LYS B CG  1 
ATOM   405 C CD  . LYS A 1 47 ? 3.156   -13.764 -5.446  1.00 47.44 ? 47  LYS B CD  1 
ATOM   406 C CE  . LYS A 1 47 ? 1.960   -13.328 -6.301  1.00 42.45 ? 47  LYS B CE  1 
ATOM   407 N NZ  . LYS A 1 47 ? 0.704   -13.988 -5.863  1.00 43.79 ? 47  LYS B NZ  1 
ATOM   408 N N   . THR A 1 48 ? 4.367   -9.954  -2.534  1.00 18.60 ? 48  THR B N   1 
ATOM   409 C CA  . THR A 1 48 ? 4.806   -8.920  -1.611  1.00 18.70 ? 48  THR B CA  1 
ATOM   410 C C   . THR A 1 48 ? 5.137   -9.523  -0.255  1.00 24.63 ? 48  THR B C   1 
ATOM   411 O O   . THR A 1 48 ? 4.747   -10.651 0.066   1.00 24.65 ? 48  THR B O   1 
ATOM   412 C CB  . THR A 1 48 ? 3.732   -7.829  -1.442  1.00 19.35 ? 48  THR B CB  1 
ATOM   413 O OG1 . THR A 1 48 ? 2.491   -8.435  -1.045  1.00 25.46 ? 48  THR B OG1 1 
ATOM   414 C CG2 . THR A 1 48 ? 3.513   -7.082  -2.745  1.00 18.24 ? 48  THR B CG2 1 
ATOM   415 N N   . GLU A 1 49 ? 5.890   -8.756  0.527   1.00 19.68 ? 49  GLU B N   1 
ATOM   416 C CA  . GLU A 1 49 ? 6.082   -9.015  1.943   1.00 22.94 ? 49  GLU B CA  1 
ATOM   417 C C   . GLU A 1 49 ? 5.326   -7.963  2.740   1.00 27.56 ? 49  GLU B C   1 
ATOM   418 O O   . GLU A 1 49 ? 5.166   -6.821  2.297   1.00 16.87 ? 49  GLU B O   1 
ATOM   419 C CB  . GLU A 1 49 ? 7.560   -9.000  2.322   1.00 26.06 ? 49  GLU B CB  1 
ATOM   420 C CG  . GLU A 1 49 ? 8.281   -10.284 1.955   1.00 41.09 ? 49  GLU B CG  1 
ATOM   421 C CD  . GLU A 1 49 ? 9.774   -10.094 1.794   1.00 52.96 ? 49  GLU B CD  1 
ATOM   422 O OE1 . GLU A 1 49 ? 10.374  -9.346  2.596   1.00 60.12 ? 49  GLU B OE1 1 
ATOM   423 O OE2 . GLU A 1 49 ? 10.351  -10.692 0.860   1.00 67.06 ? 49  GLU B OE2 1 
ATOM   424 N N   . GLN A 1 50 ? 4.864   -8.361  3.921   1.00 32.90 ? 50  GLN B N   1 
ATOM   425 C CA  . GLN A 1 50 ? 3.954   -7.551  4.721   1.00 25.47 ? 50  GLN B CA  1 
ATOM   426 C C   . GLN A 1 50 ? 4.493   -7.526  6.143   1.00 30.52 ? 50  GLN B C   1 
ATOM   427 O O   . GLN A 1 50 ? 4.721   -8.590  6.729   1.00 33.34 ? 50  GLN B O   1 
ATOM   428 C CB  . GLN A 1 50 ? 2.536   -8.133  4.636   1.00 28.77 ? 50  GLN B CB  1 
ATOM   429 C CG  . GLN A 1 50 ? 1.607   -7.837  5.801   1.00 43.74 ? 50  GLN B CG  1 
ATOM   430 C CD  . GLN A 1 50 ? 0.185   -8.319  5.536   1.00 35.09 ? 50  GLN B CD  1 
ATOM   431 O OE1 . GLN A 1 50 ? -0.459  -7.891  4.578   1.00 42.31 ? 50  GLN B OE1 1 
ATOM   432 N NE2 . GLN A 1 50 ? -0.309  -9.219  6.388   1.00 31.96 ? 50  GLN B NE2 1 
ATOM   433 N N   . SER A 1 51 ? 4.736   -6.323  6.676   1.00 21.53 ? 51  SER B N   1 
ATOM   434 C CA  . SER A 1 51 ? 5.238   -6.172  8.039   1.00 19.84 ? 51  SER B CA  1 
ATOM   435 C C   . SER A 1 51 ? 4.266   -6.795  9.043   1.00 14.98 ? 51  SER B C   1 
ATOM   436 O O   . SER A 1 51 ? 3.163   -7.214  8.704   1.00 19.35 ? 51  SER B O   1 
ATOM   437 C CB  . SER A 1 51 ? 5.447   -4.701  8.384   1.00 20.56 ? 51  SER B CB  1 
ATOM   438 O OG  . SER A 1 51 ? 4.198   -4.027  8.517   1.00 21.32 ? 51  SER B OG  1 
ATOM   439 N N   . ASP A 1 52 ? 4.702   -6.858  10.303  1.00 19.54 ? 52  ASP B N   1 
ATOM   440 C CA  . ASP A 1 52 ? 3.805   -7.273  11.374  1.00 16.43 ? 52  ASP B CA  1 
ATOM   441 C C   . ASP A 1 52 ? 2.717   -6.226  11.585  1.00 13.93 ? 52  ASP B C   1 
ATOM   442 O O   . ASP A 1 52 ? 2.982   -5.021  11.546  1.00 21.60 ? 52  ASP B O   1 
ATOM   443 C CB  . ASP A 1 52 ? 4.572   -7.455  12.684  1.00 23.89 ? 52  ASP B CB  1 
ATOM   444 C CG  . ASP A 1 52 ? 5.553   -8.608  12.638  1.00 31.76 ? 52  ASP B CG  1 
ATOM   445 O OD1 . ASP A 1 52 ? 5.350   -9.537  11.824  1.00 29.70 ? 52  ASP B OD1 1 
ATOM   446 O OD2 . ASP A 1 52 ? 6.511   -8.584  13.439  1.00 39.24 ? 52  ASP B OD2 1 
ATOM   447 N N   . LEU A 1 53 ? 1.493   -6.684  11.835  1.00 13.17 ? 53  LEU B N   1 
ATOM   448 C CA  . LEU A 1 53 ? 0.435   -5.768  12.248  1.00 11.23 ? 53  LEU B CA  1 
ATOM   449 C C   . LEU A 1 53 ? 0.779   -5.144  13.590  1.00 13.47 ? 53  LEU B C   1 
ATOM   450 O O   . LEU A 1 53 ? 1.132   -5.848  14.541  1.00 11.95 ? 53  LEU B O   1 
ATOM   451 C CB  . LEU A 1 53 ? -0.893  -6.519  12.354  1.00 9.29  ? 53  LEU B CB  1 
ATOM   452 C CG  . LEU A 1 53 ? -2.103  -5.658  12.727  1.00 11.05 ? 53  LEU B CG  1 
ATOM   453 C CD1 . LEU A 1 53 ? -2.461  -4.765  11.538  1.00 12.48 ? 53  LEU B CD1 1 
ATOM   454 C CD2 . LEU A 1 53 ? -3.273  -6.562  13.141  1.00 14.05 ? 53  LEU B CD2 1 
ATOM   455 N N   . SER A 1 54 ? 0.664   -3.822  13.684  1.00 10.92 ? 54  SER B N   1 
ATOM   456 C CA  . SER A 1 54 ? 1.011   -3.129  14.918  1.00 9.32  ? 54  SER B CA  1 
ATOM   457 C C   . SER A 1 54 ? -0.040  -2.081  15.245  1.00 11.52 ? 54  SER B C   1 
ATOM   458 O O   . SER A 1 54 ? -0.825  -1.654  14.389  1.00 11.42 ? 54  SER B O   1 
ATOM   459 C CB  . SER A 1 54 ? 2.389   -2.470  14.816  1.00 14.72 ? 54  SER B CB  1 
ATOM   460 O OG  . SER A 1 54 ? 3.370   -3.436  14.476  1.00 21.09 ? 54  SER B OG  1 
ATOM   461 N N   . PHE A 1 55 ? -0.034  -1.653  16.505  1.00 11.25 ? 55  PHE B N   1 
ATOM   462 C CA  . PHE A 1 55 ? -0.979  -0.672  17.023  1.00 10.60 ? 55  PHE B CA  1 
ATOM   463 C C   . PHE A 1 55 ? -0.229  0.431   17.748  1.00 13.78 ? 55  PHE B C   1 
ATOM   464 O O   . PHE A 1 55 ? 0.732   0.166   18.472  1.00 14.13 ? 55  PHE B O   1 
ATOM   465 C CB  . PHE A 1 55 ? -1.977  -1.307  18.003  1.00 11.07 ? 55  PHE B CB  1 
ATOM   466 C CG  . PHE A 1 55 ? -3.008  -0.340  18.529  1.00 11.52 ? 55  PHE B CG  1 
ATOM   467 C CD1 . PHE A 1 55 ? -4.111  -0.011  17.770  1.00 11.55 ? 55  PHE B CD1 1 
ATOM   468 C CD2 . PHE A 1 55 ? -2.855  0.259   19.770  1.00 15.66 ? 55  PHE B CD2 1 
ATOM   469 C CE1 . PHE A 1 55 ? -5.061  0.884   18.238  1.00 14.04 ? 55  PHE B CE1 1 
ATOM   470 C CE2 . PHE A 1 55 ? -3.797  1.154   20.238  1.00 13.32 ? 55  PHE B CE2 1 
ATOM   471 C CZ  . PHE A 1 55 ? -4.900  1.471   19.466  1.00 15.05 ? 55  PHE B CZ  1 
ATOM   472 N N   . SER A 1 56 ? -0.702  1.659   17.580  1.00 12.90 ? 56  SER B N   1 
ATOM   473 C CA  . SER A 1 56 ? -0.192  2.810   18.309  1.00 15.68 ? 56  SER B CA  1 
ATOM   474 C C   . SER A 1 56 ? -1.367  3.704   18.654  1.00 11.84 ? 56  SER B C   1 
ATOM   475 O O   . SER A 1 56 ? -2.291  3.844   17.853  1.00 13.89 ? 56  SER B O   1 
ATOM   476 C CB  . SER A 1 56 ? 0.827   3.600   17.484  1.00 17.70 ? 56  SER B CB  1 
ATOM   477 O OG  . SER A 1 56 ? 1.006   4.898   18.037  1.00 23.82 ? 56  SER B OG  1 
ATOM   478 N N   . LYS A 1 57 ? -1.339  4.309   19.846  1.00 16.48 ? 57  LYS B N   1 
ATOM   479 C CA  . LYS A 1 57 ? -2.411  5.234   20.207  1.00 17.01 ? 57  LYS B CA  1 
ATOM   480 C C   . LYS A 1 57 ? -2.473  6.414   19.244  1.00 16.04 ? 57  LYS B C   1 
ATOM   481 O O   . LYS A 1 57 ? -3.531  7.031   19.084  1.00 19.93 ? 57  LYS B O   1 
ATOM   482 C CB  . LYS A 1 57 ? -2.231  5.745   21.637  1.00 24.21 ? 57  LYS B CB  1 
ATOM   483 C CG  . LYS A 1 57 ? -0.878  6.371   21.893  1.00 28.24 ? 57  LYS B CG  1 
ATOM   484 C CD  . LYS A 1 57 ? -0.824  7.055   23.257  1.00 37.01 ? 57  LYS B CD  1 
ATOM   485 C CE  . LYS A 1 57 ? -1.220  6.102   24.365  1.00 39.04 ? 57  LYS B CE  1 
ATOM   486 N NZ  . LYS A 1 57 ? -0.281  6.204   25.519  1.00 42.65 ? 57  LYS B NZ  1 
ATOM   487 N N   . ASP A 1 58 ? -1.360  6.748   18.599  1.00 15.07 ? 58  ASP B N   1 
ATOM   488 C CA  . ASP A 1 58 ? -1.342  7.887   17.689  1.00 18.04 ? 58  ASP B CA  1 
ATOM   489 C C   . ASP A 1 58 ? -1.735  7.527   16.266  1.00 17.35 ? 58  ASP B C   1 
ATOM   490 O O   . ASP A 1 58 ? -2.048  8.430   15.484  1.00 18.07 ? 58  ASP B O   1 
ATOM   491 C CB  . ASP A 1 58 ? 0.049   8.525   17.631  1.00 18.34 ? 58  ASP B CB  1 
ATOM   492 C CG  . ASP A 1 58 ? 0.466   9.150   18.935  1.00 26.23 ? 58  ASP B CG  1 
ATOM   493 O OD1 . ASP A 1 58 ? -0.415  9.486   19.754  1.00 23.31 ? 58  ASP B OD1 1 
ATOM   494 O OD2 . ASP A 1 58 ? 1.685   9.327   19.120  1.00 22.57 ? 58  ASP B OD2 1 
ATOM   495 N N   . TRP A 1 59 ? -1.681  6.244   15.899  1.00 12.99 ? 59  TRP B N   1 
ATOM   496 C CA  . TRP A 1 59 ? -1.875  5.841   14.517  1.00 12.63 ? 59  TRP B CA  1 
ATOM   497 C C   . TRP A 1 59 ? -2.901  4.740   14.352  1.00 10.84 ? 59  TRP B C   1 
ATOM   498 O O   . TRP A 1 59 ? -3.070  4.250   13.229  1.00 11.59 ? 59  TRP B O   1 
ATOM   499 C CB  . TRP A 1 59 ? -0.548  5.361   13.908  1.00 12.60 ? 59  TRP B CB  1 
ATOM   500 C CG  . TRP A 1 59 ? 0.526   6.389   14.004  1.00 15.22 ? 59  TRP B CG  1 
ATOM   501 C CD1 . TRP A 1 59 ? 1.545   6.421   14.912  1.00 17.99 ? 59  TRP B CD1 1 
ATOM   502 C CD2 . TRP A 1 59 ? 0.693   7.536   13.165  1.00 15.34 ? 59  TRP B CD2 1 
ATOM   503 N NE1 . TRP A 1 59 ? 2.336   7.527   14.694  1.00 14.91 ? 59  TRP B NE1 1 
ATOM   504 C CE2 . TRP A 1 59 ? 1.829   8.227   13.628  1.00 15.16 ? 59  TRP B CE2 1 
ATOM   505 C CE3 . TRP A 1 59 ? -0.014  8.051   12.072  1.00 15.62 ? 59  TRP B CE3 1 
ATOM   506 C CZ2 . TRP A 1 59 ? 2.286   9.392   13.024  1.00 15.56 ? 59  TRP B CZ2 1 
ATOM   507 C CZ3 . TRP A 1 59 ? 0.435   9.212   11.476  1.00 19.64 ? 59  TRP B CZ3 1 
ATOM   508 C CH2 . TRP A 1 59 ? 1.576   9.875   11.954  1.00 22.16 ? 59  TRP B CH2 1 
ATOM   509 N N   . SER A 1 60 ? -3.581  4.332   15.426  1.00 9.94  ? 60  SER B N   1 
ATOM   510 C CA  . SER A 1 60 ? -4.420  3.135   15.410  1.00 9.72  ? 60  SER B CA  1 
ATOM   511 C C   . SER A 1 60 ? -3.606  1.983   14.840  1.00 7.65  ? 60  SER B C   1 
ATOM   512 O O   . SER A 1 60 ? -2.422  1.846   15.163  1.00 9.02  ? 60  SER B O   1 
ATOM   513 C CB  . SER A 1 60 ? -5.712  3.358   14.617  1.00 10.54 ? 60  SER B CB  1 
ATOM   514 O OG  . SER A 1 60 ? -6.459  4.443   15.174  1.00 18.80 ? 60  SER B OG  1 
ATOM   515 N N   . PHE A 1 61 ? -4.208  1.146   14.005  1.00 6.99  ? 61  PHE B N   1 
ATOM   516 C CA  . PHE A 1 61 ? -3.448  0.045   13.430  1.00 6.45  ? 61  PHE B CA  1 
ATOM   517 C C   . PHE A 1 61 ? -2.689  0.502   12.190  1.00 8.25  ? 61  PHE B C   1 
ATOM   518 O O   . PHE A 1 61 ? -3.119  1.416   11.480  1.00 7.77  ? 61  PHE B O   1 
ATOM   519 C CB  . PHE A 1 61 ? -4.386  -1.110  13.096  1.00 9.15  ? 61  PHE B CB  1 
ATOM   520 C CG  . PHE A 1 61 ? -4.808  -1.862  14.301  1.00 6.95  ? 61  PHE B CG  1 
ATOM   521 C CD1 . PHE A 1 61 ? -3.965  -2.815  14.847  1.00 8.37  ? 61  PHE B CD1 1 
ATOM   522 C CD2 . PHE A 1 61 ? -5.996  -1.566  14.940  1.00 12.20 ? 61  PHE B CD2 1 
ATOM   523 C CE1 . PHE A 1 61 ? -4.320  -3.502  15.998  1.00 10.24 ? 61  PHE B CE1 1 
ATOM   524 C CE2 . PHE A 1 61 ? -6.362  -2.253  16.095  1.00 11.78 ? 61  PHE B CE2 1 
ATOM   525 C CZ  . PHE A 1 61 ? -5.511  -3.223  16.609  1.00 11.32 ? 61  PHE B CZ  1 
ATOM   526 N N   . TYR A 1 62 ? -1.550  -0.149  11.928  1.00 6.21  ? 62  TYR B N   1 
ATOM   527 C CA  . TYR A 1 62 ? -0.760  0.207   10.754  1.00 6.95  ? 62  TYR B CA  1 
ATOM   528 C C   . TYR A 1 62 ? 0.038   -0.995  10.259  1.00 8.98  ? 62  TYR B C   1 
ATOM   529 O O   . TYR A 1 62 ? 0.399   -1.888  11.036  1.00 10.45 ? 62  TYR B O   1 
ATOM   530 C CB  . TYR A 1 62 ? 0.159   1.400   11.066  1.00 7.87  ? 62  TYR B CB  1 
ATOM   531 C CG  . TYR A 1 62 ? 1.159   1.138   12.166  1.00 8.26  ? 62  TYR B CG  1 
ATOM   532 C CD1 . TYR A 1 62 ? 2.418   0.619   11.875  1.00 9.36  ? 62  TYR B CD1 1 
ATOM   533 C CD2 . TYR A 1 62 ? 0.857   1.438   13.490  1.00 10.47 ? 62  TYR B CD2 1 
ATOM   534 C CE1 . TYR A 1 62 ? 3.353   0.384   12.890  1.00 12.22 ? 62  TYR B CE1 1 
ATOM   535 C CE2 . TYR A 1 62 ? 1.779   1.206   14.515  1.00 11.54 ? 62  TYR B CE2 1 
ATOM   536 C CZ  . TYR A 1 62 ? 3.023   0.692   14.200  1.00 11.87 ? 62  TYR B CZ  1 
ATOM   537 O OH  . TYR A 1 62 ? 3.941   0.458   15.214  1.00 16.89 ? 62  TYR B OH  1 
ATOM   538 N N   . LEU A 1 63 ? 0.295   -1.007  8.946   1.00 7.67  ? 63  LEU B N   1 
ATOM   539 C CA  . LEU A 1 63 ? 0.939   -2.107  8.237   1.00 11.03 ? 63  LEU B CA  1 
ATOM   540 C C   . LEU A 1 63 ? 1.724   -1.529  7.072   1.00 8.87  ? 63  LEU B C   1 
ATOM   541 O O   . LEU A 1 63 ? 1.293   -0.560  6.452   1.00 8.32  ? 63  LEU B O   1 
ATOM   542 C CB  . LEU A 1 63 ? -0.075  -3.105  7.657   1.00 14.99 ? 63  LEU B CB  1 
ATOM   543 C CG  . LEU A 1 63 ? -0.448  -4.408  8.342   1.00 29.84 ? 63  LEU B CG  1 
ATOM   544 C CD1 . LEU A 1 63 ? -1.425  -5.140  7.444   1.00 24.90 ? 63  LEU B CD1 1 
ATOM   545 C CD2 . LEU A 1 63 ? 0.779   -5.246  8.596   1.00 23.27 ? 63  LEU B CD2 1 
ATOM   546 N N   . LEU A 1 64 ? 2.868   -2.140  6.756   1.00 9.74  ? 64  LEU B N   1 
ATOM   547 C CA  . LEU A 1 64 ? 3.656   -1.764  5.585   1.00 8.87  ? 64  LEU B CA  1 
ATOM   548 C C   . LEU A 1 64 ? 3.795   -2.983  4.682   1.00 12.37 ? 64  LEU B C   1 
ATOM   549 O O   . LEU A 1 64 ? 4.178   -4.064  5.142   1.00 14.57 ? 64  LEU B O   1 
ATOM   550 C CB  . LEU A 1 64 ? 5.037   -1.224  5.987   1.00 9.97  ? 64  LEU B CB  1 
ATOM   551 C CG  . LEU A 1 64 ? 5.938   -0.675  4.870   1.00 13.16 ? 64  LEU B CG  1 
ATOM   552 C CD1 . LEU A 1 64 ? 5.401   0.604   4.278   1.00 15.39 ? 64  LEU B CD1 1 
ATOM   553 C CD2 . LEU A 1 64 ? 7.324   -0.406  5.452   1.00 19.50 ? 64  LEU B CD2 1 
ATOM   554 N N   . VAL A 1 65 ? 3.446   -2.821  3.407   1.00 9.33  ? 65  VAL B N   1 
ATOM   555 C CA  . VAL A 1 65 ? 3.533   -3.886  2.415   1.00 11.14 ? 65  VAL B CA  1 
ATOM   556 C C   . VAL A 1 65 ? 4.543   -3.457  1.355   1.00 12.70 ? 65  VAL B C   1 
ATOM   557 O O   . VAL A 1 65 ? 4.539   -2.302  0.919   1.00 11.23 ? 65  VAL B O   1 
ATOM   558 C CB  . VAL A 1 65 ? 2.139   -4.152  1.813   1.00 10.60 ? 65  VAL B CB  1 
ATOM   559 C CG1 . VAL A 1 65 ? 2.207   -5.137  0.660   1.00 14.98 ? 65  VAL B CG1 1 
ATOM   560 C CG2 . VAL A 1 65 ? 1.201   -4.640  2.906   1.00 11.92 ? 65  VAL B CG2 1 
ATOM   561 N N   . HIS A 1 66 ? 5.429   -4.368  0.950   1.00 11.65 ? 66  HIS B N   1 
ATOM   562 C CA  . HIS A 1 66 ? 6.485   -3.903  0.061   1.00 11.75 ? 66  HIS B CA  1 
ATOM   563 C C   . HIS A 1 66 ? 6.930   -5.012  -0.879  1.00 14.82 ? 66  HIS B C   1 
ATOM   564 O O   . HIS A 1 66 ? 6.718   -6.200  -0.621  1.00 14.87 ? 66  HIS B O   1 
ATOM   565 C CB  . HIS A 1 66 ? 7.675   -3.341  0.856   1.00 14.81 ? 66  HIS B CB  1 
ATOM   566 C CG  . HIS A 1 66 ? 8.236   -4.289  1.875   1.00 21.01 ? 66  HIS B CG  1 
ATOM   567 N ND1 . HIS A 1 66 ? 7.770   -4.346  3.172   1.00 29.70 ? 66  HIS B ND1 1 
ATOM   568 C CD2 . HIS A 1 66 ? 9.241   -5.194  1.795   1.00 22.04 ? 66  HIS B CD2 1 
ATOM   569 C CE1 . HIS A 1 66 ? 8.452   -5.259  3.842   1.00 33.70 ? 66  HIS B CE1 1 
ATOM   570 N NE2 . HIS A 1 66 ? 9.350   -5.788  3.028   1.00 30.42 ? 66  HIS B NE2 1 
ATOM   571 N N   . THR A 1 67 ? 7.528   -4.596  -1.996  1.00 12.00 ? 67  THR B N   1 
ATOM   572 C CA  . THR A 1 67 ? 8.090   -5.548  -2.951  1.00 14.16 ? 67  THR B CA  1 
ATOM   573 C C   . THR A 1 67 ? 9.145   -4.858  -3.811  1.00 14.43 ? 67  THR B C   1 
ATOM   574 O O   . THR A 1 67 ? 9.212   -3.628  -3.886  1.00 12.92 ? 67  THR B O   1 
ATOM   575 C CB  . THR A 1 67 ? 6.998   -6.174  -3.829  1.00 20.47 ? 67  THR B CB  1 
ATOM   576 O OG1 . THR A 1 67 ? 7.551   -7.271  -4.566  1.00 22.98 ? 67  THR B OG1 1 
ATOM   577 C CG2 . THR A 1 67 ? 6.414   -5.145  -4.793  1.00 17.93 ? 67  THR B CG2 1 
ATOM   578 N N   . ASP A 1 68 ? 9.994   -5.676  -4.444  1.00 16.37 ? 68  ASP B N   1 
ATOM   579 C CA  . ASP A 1 68 ? 10.904  -5.169  -5.464  1.00 14.22 ? 68  ASP B CA  1 
ATOM   580 C C   . ASP A 1 68 ? 10.138  -4.727  -6.700  1.00 13.54 ? 68  ASP B C   1 
ATOM   581 O O   . ASP A 1 68 ? 9.149   -5.348  -7.097  1.00 15.27 ? 68  ASP B O   1 
ATOM   582 C CB  . ASP A 1 68 ? 11.893  -6.259  -5.883  1.00 17.44 ? 68  ASP B CB  1 
ATOM   583 C CG  . ASP A 1 68 ? 12.815  -6.655  -4.772  1.00 25.11 ? 68  ASP B CG  1 
ATOM   584 O OD1 . ASP A 1 68 ? 13.786  -5.912  -4.517  1.00 38.98 ? 68  ASP B OD1 1 
ATOM   585 O OD2 . ASP A 1 68 ? 12.557  -7.703  -4.144  1.00 41.93 ? 68  ASP B OD2 1 
ATOM   586 N N   . PHE A 1 69 ? 10.617  -3.662  -7.340  1.00 12.30 ? 69  PHE B N   1 
ATOM   587 C CA  . PHE A 1 69 ? 10.028  -3.308  -8.627  1.00 11.78 ? 69  PHE B CA  1 
ATOM   588 C C   . PHE A 1 69 ? 11.026  -2.486  -9.420  1.00 16.72 ? 69  PHE B C   1 
ATOM   589 O O   . PHE A 1 69 ? 11.960  -1.898  -8.870  1.00 18.32 ? 69  PHE B O   1 
ATOM   590 C CB  . PHE A 1 69 ? 8.673   -2.587  -8.470  1.00 12.75 ? 69  PHE B CB  1 
ATOM   591 C CG  . PHE A 1 69 ? 8.750   -1.075  -8.291  1.00 11.34 ? 69  PHE B CG  1 
ATOM   592 C CD1 . PHE A 1 69 ? 9.567   -0.492  -7.324  1.00 12.88 ? 69  PHE B CD1 1 
ATOM   593 C CD2 . PHE A 1 69 ? 7.933   -0.249  -9.047  1.00 11.45 ? 69  PHE B CD2 1 
ATOM   594 C CE1 . PHE A 1 69 ? 9.586   0.877   -7.152  1.00 11.39 ? 69  PHE B CE1 1 
ATOM   595 C CE2 . PHE A 1 69 ? 7.947   1.131   -8.882  1.00 12.46 ? 69  PHE B CE2 1 
ATOM   596 C CZ  . PHE A 1 69 ? 8.773   1.695   -7.929  1.00 11.56 ? 69  PHE B CZ  1 
ATOM   597 N N   . THR A 1 70 ? 10.831  -2.481  -10.731 1.00 17.46 ? 70  THR B N   1 
ATOM   598 C CA  . THR A 1 70 ? 11.677  -1.708  -11.636 1.00 17.78 ? 70  THR B CA  1 
ATOM   599 C C   . THR A 1 70 ? 10.764  -0.785  -12.426 1.00 20.42 ? 70  THR B C   1 
ATOM   600 O O   . THR A 1 70 ? 10.081  -1.237  -13.363 1.00 25.44 ? 70  THR B O   1 
ATOM   601 C CB  . THR A 1 70 ? 12.475  -2.632  -12.558 1.00 22.31 ? 70  THR B CB  1 
ATOM   602 O OG1 . THR A 1 70 ? 13.288  -3.509  -11.762 1.00 21.05 ? 70  THR B OG1 1 
ATOM   603 C CG2 . THR A 1 70 ? 13.366  -1.819  -13.494 1.00 22.12 ? 70  THR B CG2 1 
ATOM   604 N N   . PRO A 1 71 ? 10.688  0.496   -12.073 1.00 16.80 ? 71  PRO B N   1 
ATOM   605 C CA  . PRO A 1 71 ? 9.776   1.400   -12.775 1.00 19.42 ? 71  PRO B CA  1 
ATOM   606 C C   . PRO A 1 71 ? 10.153  1.547   -14.242 1.00 20.30 ? 71  PRO B C   1 
ATOM   607 O O   . PRO A 1 71 ? 11.322  1.473   -14.618 1.00 20.27 ? 71  PRO B O   1 
ATOM   608 C CB  . PRO A 1 71 ? 9.936   2.725   -12.018 1.00 24.15 ? 71  PRO B CB  1 
ATOM   609 C CG  . PRO A 1 71 ? 11.257  2.624   -11.337 1.00 24.15 ? 71  PRO B CG  1 
ATOM   610 C CD  . PRO A 1 71 ? 11.449  1.176   -11.008 1.00 18.31 ? 71  PRO B CD  1 
ATOM   611 N N   . SER A 1 72 ? 9.140   1.764   -15.074 1.00 23.42 ? 72  SER B N   1 
ATOM   612 C CA  . SER A 1 72 ? 9.327   1.990   -16.498 1.00 22.77 ? 72  SER B CA  1 
ATOM   613 C C   . SER A 1 72 ? 8.506   3.202   -16.906 1.00 27.19 ? 72  SER B C   1 
ATOM   614 O O   . SER A 1 72 ? 7.847   3.841   -16.079 1.00 28.30 ? 72  SER B O   1 
ATOM   615 C CB  . SER A 1 72 ? 8.929   0.756   -17.316 1.00 22.75 ? 72  SER B CB  1 
ATOM   616 O OG  . SER A 1 72 ? 7.519   0.614   -17.369 1.00 21.66 ? 72  SER B OG  1 
ATOM   617 N N   . THR A 1 73 ? 8.534   3.522   -18.197 1.00 21.84 ? 73  THR B N   1 
ATOM   618 C CA  . THR A 1 73 ? 7.776   4.673   -18.664 1.00 25.37 ? 73  THR B CA  1 
ATOM   619 C C   . THR A 1 73 ? 6.305   4.365   -18.887 1.00 28.25 ? 73  THR B C   1 
ATOM   620 O O   . THR A 1 73 ? 5.535   5.293   -19.148 1.00 35.51 ? 73  THR B O   1 
ATOM   621 C CB  . THR A 1 73 ? 8.365   5.217   -19.966 1.00 28.96 ? 73  THR B CB  1 
ATOM   622 O OG1 . THR A 1 73 ? 8.294   4.203   -20.978 1.00 30.14 ? 73  THR B OG1 1 
ATOM   623 C CG2 . THR A 1 73 ? 9.810   5.651   -19.763 1.00 25.29 ? 73  THR B CG2 1 
ATOM   624 N N   . VAL A 1 74 ? 5.891   3.104   -18.799 1.00 23.02 ? 74  VAL B N   1 
ATOM   625 C CA  . VAL A 1 74 ? 4.532   2.745   -19.186 1.00 24.75 ? 74  VAL B CA  1 
ATOM   626 C C   . VAL A 1 74 ? 3.825   1.958   -18.090 1.00 26.32 ? 74  VAL B C   1 
ATOM   627 O O   . VAL A 1 74 ? 2.594   2.003   -17.985 1.00 28.85 ? 74  VAL B O   1 
ATOM   628 C CB  . VAL A 1 74 ? 4.531   1.955   -20.507 1.00 29.44 ? 74  VAL B CB  1 
ATOM   629 C CG1 . VAL A 1 74 ? 4.941   2.860   -21.663 1.00 32.03 ? 74  VAL B CG1 1 
ATOM   630 C CG2 . VAL A 1 74 ? 5.451   0.747   -20.406 1.00 29.65 ? 74  VAL B CG2 1 
ATOM   631 N N   . ASP A 1 75 ? 4.582   1.230   -17.273 1.00 24.78 ? 75  ASP B N   1 
ATOM   632 C CA  . ASP A 1 75 ? 3.979   0.365   -16.267 1.00 19.13 ? 75  ASP B CA  1 
ATOM   633 C C   . ASP A 1 75 ? 3.419   1.178   -15.107 1.00 19.61 ? 75  ASP B C   1 
ATOM   634 O O   . ASP A 1 75 ? 4.071   2.095   -14.598 1.00 19.55 ? 75  ASP B O   1 
ATOM   635 C CB  . ASP A 1 75 ? 5.001   -0.642  -15.748 1.00 21.77 ? 75  ASP B CB  1 
ATOM   636 C CG  . ASP A 1 75 ? 5.317   -1.717  -16.760 1.00 27.89 ? 75  ASP B CG  1 
ATOM   637 O OD1 . ASP A 1 75 ? 4.371   -2.325  -17.308 1.00 27.10 ? 75  ASP B OD1 1 
ATOM   638 O OD2 . ASP A 1 75 ? 6.515   -1.930  -17.025 1.00 29.47 ? 75  ASP B OD2 1 
ATOM   639 N N   . GLU A 1 76 ? 2.204   0.826   -14.686 1.00 17.91 ? 76  GLU B N   1 
ATOM   640 C CA  . GLU A 1 76 ? 1.519   1.493   -13.590 1.00 15.81 ? 76  GLU B CA  1 
ATOM   641 C C   . GLU A 1 76 ? 1.505   0.583   -12.371 1.00 14.15 ? 76  GLU B C   1 
ATOM   642 O O   . GLU A 1 76 ? 1.310   -0.632  -12.488 1.00 17.91 ? 76  GLU B O   1 
ATOM   643 C CB  . GLU A 1 76 ? 0.092   1.876   -13.992 1.00 22.89 ? 76  GLU B CB  1 
ATOM   644 C CG  . GLU A 1 76 ? 0.078   2.948   -15.072 1.00 30.22 ? 76  GLU B CG  1 
ATOM   645 C CD  . GLU A 1 76 ? -1.303  3.489   -15.349 1.00 47.59 ? 76  GLU B CD  1 
ATOM   646 O OE1 . GLU A 1 76 ? -1.416  4.412   -16.184 1.00 51.78 ? 76  GLU B OE1 1 
ATOM   647 O OE2 . GLU A 1 76 ? -2.271  2.998   -14.729 1.00 41.89 ? 76  GLU B OE2 1 
ATOM   648 N N   . TYR A 1 77 ? 1.752   1.173   -11.208 1.00 14.37 ? 77  TYR B N   1 
ATOM   649 C CA  . TYR A 1 77 ? 1.774   0.450   -9.950  1.00 11.95 ? 77  TYR B CA  1 
ATOM   650 C C   . TYR A 1 77 ? 0.776   1.099   -9.010  1.00 11.19 ? 77  TYR B C   1 
ATOM   651 O O   . TYR A 1 77 ? 0.585   2.320   -9.039  1.00 12.39 ? 77  TYR B O   1 
ATOM   652 C CB  . TYR A 1 77 ? 3.173   0.466   -9.330  1.00 9.94  ? 77  TYR B CB  1 
ATOM   653 C CG  . TYR A 1 77 ? 4.163   -0.273  -10.201 1.00 12.41 ? 77  TYR B CG  1 
ATOM   654 C CD1 . TYR A 1 77 ? 4.829   0.379   -11.239 1.00 14.53 ? 77  TYR B CD1 1 
ATOM   655 C CD2 . TYR A 1 77 ? 4.391   -1.633  -10.017 1.00 11.91 ? 77  TYR B CD2 1 
ATOM   656 C CE1 . TYR A 1 77 ? 5.733   -0.301  -12.055 1.00 15.82 ? 77  TYR B CE1 1 
ATOM   657 C CE2 . TYR A 1 77 ? 5.294   -2.320  -10.830 1.00 13.00 ? 77  TYR B CE2 1 
ATOM   658 C CZ  . TYR A 1 77 ? 5.947   -1.645  -11.849 1.00 16.53 ? 77  TYR B CZ  1 
ATOM   659 O OH  . TYR A 1 77 ? 6.844   -2.340  -12.653 1.00 19.69 ? 77  TYR B OH  1 
ATOM   660 N N   . SER A 1 78 ? 0.120   0.278   -8.190  1.00 9.92  ? 78  SER B N   1 
ATOM   661 C CA  . SER A 1 78 ? -0.865  0.818   -7.266  1.00 9.80  ? 78  SER B CA  1 
ATOM   662 C C   . SER A 1 78 ? -0.893  -0.036  -6.014  1.00 9.10  ? 78  SER B C   1 
ATOM   663 O O   . SER A 1 78 ? -0.363  -1.148  -5.976  1.00 10.62 ? 78  SER B O   1 
ATOM   664 C CB  . SER A 1 78 ? -2.273  0.887   -7.879  1.00 12.77 ? 78  SER B CB  1 
ATOM   665 O OG  . SER A 1 78 ? -2.689  -0.381  -8.350  1.00 17.31 ? 78  SER B OG  1 
ATOM   666 N N   . CYS A 1 79 ? -1.521  0.511   -4.983  1.00 8.81  ? 79  CYS B N   1 
ATOM   667 C CA  . CYS A 1 79 ? -1.820  -0.205  -3.752  1.00 9.18  ? 79  CYS B CA  1 
ATOM   668 C C   . CYS A 1 79 ? -3.332  -0.354  -3.658  1.00 14.07 ? 79  CYS B C   1 
ATOM   669 O O   . CYS A 1 79 ? -4.054  0.631   -3.841  1.00 13.12 ? 79  CYS B O   1 
ATOM   670 C CB  . CYS A 1 79 ? -1.289  0.566   -2.545  1.00 9.24  ? 79  CYS B CB  1 
ATOM   671 S SG  . CYS A 1 79 ? -1.522  -0.286  -0.973  1.00 12.43 ? 79  CYS B SG  1 
ATOM   672 N N   . ARG A 1 80 ? -3.814  -1.572  -3.388  1.00 8.24  ? 80  ARG B N   1 
ATOM   673 C CA  . ARG A 1 80 ? -5.251  -1.813  -3.248  1.00 8.19  ? 80  ARG B CA  1 
ATOM   674 C C   . ARG A 1 80 ? -5.558  -2.224  -1.819  1.00 11.27 ? 80  ARG B C   1 
ATOM   675 O O   . ARG A 1 80 ? -4.930  -3.147  -1.297  1.00 10.18 ? 80  ARG B O   1 
ATOM   676 C CB  . ARG A 1 80 ? -5.736  -2.897  -4.214  1.00 12.64 ? 80  ARG B CB  1 
ATOM   677 C CG  . ARG A 1 80 ? -7.233  -3.169  -4.095  1.00 14.95 ? 80  ARG B CG  1 
ATOM   678 C CD  . ARG A 1 80 ? -7.705  -4.161  -5.144  1.00 19.47 ? 80  ARG B CD  1 
ATOM   679 N NE  . ARG A 1 80 ? -7.150  -5.484  -4.925  1.00 26.61 ? 80  ARG B NE  1 
ATOM   680 C CZ  . ARG A 1 80 ? -7.025  -6.405  -5.876  1.00 31.70 ? 80  ARG B CZ  1 
ATOM   681 N NH1 . ARG A 1 80 ? -7.403  -6.133  -7.120  1.00 25.74 ? 80  ARG B NH1 1 
ATOM   682 N NH2 . ARG A 1 80 ? -6.508  -7.592  -5.584  1.00 39.08 ? 80  ARG B NH2 1 
ATOM   683 N N   . VAL A 1 81 ? -6.544  -1.565  -1.204  1.00 6.29  ? 81  VAL B N   1 
ATOM   684 C CA  . VAL A 1 81 ? -6.861  -1.755  0.206   1.00 5.98  ? 81  VAL B CA  1 
ATOM   685 C C   . VAL A 1 81 ? -8.335  -2.095  0.334   1.00 7.60  ? 81  VAL B C   1 
ATOM   686 O O   . VAL A 1 81 ? -9.186  -1.380  -0.207  1.00 10.94 ? 81  VAL B O   1 
ATOM   687 C CB  . VAL A 1 81 ? -6.522  -0.500  1.029   1.00 7.55  ? 81  VAL B CB  1 
ATOM   688 C CG1 . VAL A 1 81 ? -6.945  -0.686  2.481   1.00 9.57  ? 81  VAL B CG1 1 
ATOM   689 C CG2 . VAL A 1 81 ? -5.021  -0.221  0.932   1.00 8.86  ? 81  VAL B CG2 1 
ATOM   690 N N   . ASN A 1 82 ? -8.647  -3.169  1.056   1.00 8.01  ? 82  ASN B N   1 
ATOM   691 C CA  . ASN A 1 82 ? -10.032 -3.470  1.395   1.00 11.19 ? 82  ASN B CA  1 
ATOM   692 C C   . ASN A 1 82 ? -10.197 -3.476  2.905   1.00 11.67 ? 82  ASN B C   1 
ATOM   693 O O   . ASN A 1 82 ? -9.401  -4.085  3.626   1.00 10.29 ? 82  ASN B O   1 
ATOM   694 C CB  . ASN A 1 82 ? -10.507 -4.798  0.814   1.00 17.75 ? 82  ASN B CB  1 
ATOM   695 C CG  . ASN A 1 82 ? -12.027 -4.900  0.818   1.00 22.79 ? 82  ASN B CG  1 
ATOM   696 O OD1 . ASN A 1 82 ? -12.735 -3.875  0.890   1.00 23.62 ? 82  ASN B OD1 1 
ATOM   697 N ND2 . ASN A 1 82 ? -12.535 -6.116  0.750   1.00 32.62 ? 82  ASN B ND2 1 
ATOM   698 N N   . HIS A 1 83 ? -11.230 -2.794  3.374   1.00 9.46  ? 83  HIS B N   1 
ATOM   699 C CA  . HIS A 1 83 ? -11.426 -2.578  4.797   1.00 9.84  ? 83  HIS B CA  1 
ATOM   700 C C   . HIS A 1 83 ? -12.905 -2.325  5.010   1.00 12.66 ? 83  HIS B C   1 
ATOM   701 O O   . HIS A 1 83 ? -13.582 -1.794  4.122   1.00 13.22 ? 83  HIS B O   1 
ATOM   702 C CB  . HIS A 1 83 ? -10.585 -1.409  5.311   1.00 9.77  ? 83  HIS B CB  1 
ATOM   703 C CG  . HIS A 1 83 ? -10.653 -1.231  6.797   1.00 9.59  ? 83  HIS B CG  1 
ATOM   704 N ND1 . HIS A 1 83 ? -11.372 -0.217  7.386   1.00 9.98  ? 83  HIS B ND1 1 
ATOM   705 C CD2 . HIS A 1 83 ? -10.095 -1.939  7.814   1.00 8.50  ? 83  HIS B CD2 1 
ATOM   706 C CE1 . HIS A 1 83 ? -11.261 -0.305  8.702   1.00 10.86 ? 83  HIS B CE1 1 
ATOM   707 N NE2 . HIS A 1 83 ? -10.489 -1.339  8.988   1.00 9.41  ? 83  HIS B NE2 1 
ATOM   708 N N   . SER A 1 84 ? -13.402 -2.713  6.186   1.00 12.49 ? 84  SER B N   1 
ATOM   709 C CA  . SER A 1 84 ? -14.829 -2.598  6.466   1.00 14.20 ? 84  SER B CA  1 
ATOM   710 C C   . SER A 1 84 ? -15.324 -1.154  6.495   1.00 17.84 ? 84  SER B C   1 
ATOM   711 O O   . SER A 1 84 ? -16.532 -0.932  6.344   1.00 16.22 ? 84  SER B O   1 
ATOM   712 C CB  . SER A 1 84 ? -15.147 -3.313  7.784   1.00 12.21 ? 84  SER B CB  1 
ATOM   713 O OG  . SER A 1 84 ? -14.587 -2.647  8.903   1.00 15.64 ? 84  SER B OG  1 
ATOM   714 N N   . SER A 1 85 ? -14.440 -0.166  6.652   1.00 11.17 ? 85  SER B N   1 
ATOM   715 C CA  . SER A 1 85 ? -14.851 1.229   6.592   1.00 14.44 ? 85  SER B CA  1 
ATOM   716 C C   . SER A 1 85 ? -15.137 1.697   5.170   1.00 13.84 ? 85  SER B C   1 
ATOM   717 O O   . SER A 1 85 ? -15.665 2.808   4.999   1.00 13.88 ? 85  SER B O   1 
ATOM   718 C CB  . SER A 1 85 ? -13.777 2.127   7.201   1.00 13.39 ? 85  SER B CB  1 
ATOM   719 O OG  . SER A 1 85 ? -12.604 2.119   6.404   1.00 11.17 ? 85  SER B OG  1 
ATOM   720 N N   . LEU A 1 86 ? -14.804 0.887   4.167   1.00 10.82 ? 86  LEU B N   1 
ATOM   721 C CA  . LEU A 1 86 ? -14.931 1.249   2.758   1.00 10.87 ? 86  LEU B CA  1 
ATOM   722 C C   . LEU A 1 86 ? -16.117 0.530   2.129   1.00 15.02 ? 86  LEU B C   1 
ATOM   723 O O   . LEU A 1 86 ? -16.382 -0.635  2.435   1.00 16.01 ? 86  LEU B O   1 
ATOM   724 C CB  . LEU A 1 86 ? -13.655 0.894   1.974   1.00 12.89 ? 86  LEU B CB  1 
ATOM   725 C CG  . LEU A 1 86 ? -12.344 1.385   2.612   1.00 13.26 ? 86  LEU B CG  1 
ATOM   726 C CD1 . LEU A 1 86 ? -11.132 0.871   1.852   1.00 8.62  ? 86  LEU B CD1 1 
ATOM   727 C CD2 . LEU A 1 86 ? -12.330 2.899   2.673   1.00 12.74 ? 86  LEU B CD2 1 
ATOM   728 N N   . ALA A 1 87 ? -16.797 1.209   1.197   1.00 13.98 ? 87  ALA B N   1 
ATOM   729 C CA  . ALA A 1 87 ? -17.882 0.552   0.471   1.00 14.53 ? 87  ALA B CA  1 
ATOM   730 C C   . ALA A 1 87 ? -17.370 -0.511  -0.492  1.00 15.16 ? 87  ALA B C   1 
ATOM   731 O O   . ALA A 1 87 ? -18.111 -1.436  -0.844  1.00 18.21 ? 87  ALA B O   1 
ATOM   732 C CB  . ALA A 1 87 ? -18.706 1.591   -0.294  1.00 17.56 ? 87  ALA B CB  1 
ATOM   733 N N   . ALA A 1 88 ? -16.124 -0.380  -0.943  1.00 12.02 ? 88  ALA B N   1 
ATOM   734 C CA  . ALA A 1 88 ? -15.494 -1.283  -1.897  1.00 11.34 ? 88  ALA B CA  1 
ATOM   735 C C   . ALA A 1 88 ? -13.997 -1.038  -1.812  1.00 9.88  ? 88  ALA B C   1 
ATOM   736 O O   . ALA A 1 88 ? -13.564 -0.040  -1.216  1.00 12.31 ? 88  ALA B O   1 
ATOM   737 C CB  . ALA A 1 88 ? -16.016 -1.037  -3.327  1.00 16.28 ? 88  ALA B CB  1 
ATOM   738 N N   . PRO A 1 89 ? -13.172 -1.915  -2.383  1.00 10.59 ? 89  PRO B N   1 
ATOM   739 C CA  . PRO A 1 89 ? -11.722 -1.683  -2.273  1.00 10.36 ? 89  PRO B CA  1 
ATOM   740 C C   . PRO A 1 89 ? -11.314 -0.372  -2.934  1.00 10.61 ? 89  PRO B C   1 
ATOM   741 O O   . PRO A 1 89 ? -11.863 0.026   -3.967  1.00 10.32 ? 89  PRO B O   1 
ATOM   742 C CB  . PRO A 1 89 ? -11.105 -2.892  -2.983  1.00 12.09 ? 89  PRO B CB  1 
ATOM   743 C CG  . PRO A 1 89 ? -12.158 -3.954  -2.907  1.00 15.33 ? 89  PRO B CG  1 
ATOM   744 C CD  . PRO A 1 89 ? -13.466 -3.216  -3.009  1.00 14.67 ? 89  PRO B CD  1 
ATOM   745 N N   . HIS A 1 90 ? -10.344 0.303   -2.316  1.00 9.05  ? 90  HIS B N   1 
ATOM   746 C CA  . HIS A 1 90 ? -9.773  1.541   -2.837  1.00 8.66  ? 90  HIS B CA  1 
ATOM   747 C C   . HIS A 1 90 ? -8.379  1.257   -3.382  1.00 10.26 ? 90  HIS B C   1 
ATOM   748 O O   . HIS A 1 90 ? -7.600  0.536   -2.752  1.00 9.54  ? 90  HIS B O   1 
ATOM   749 C CB  . HIS A 1 90 ? -9.629  2.594   -1.745  1.00 8.62  ? 90  HIS B CB  1 
ATOM   750 C CG  . HIS A 1 90 ? -10.900 3.298   -1.377  1.00 9.34  ? 90  HIS B CG  1 
ATOM   751 N ND1 . HIS A 1 90 ? -12.142 2.704   -1.445  1.00 12.31 ? 90  HIS B ND1 1 
ATOM   752 C CD2 . HIS A 1 90 ? -11.108 4.557   -0.931  1.00 6.06  ? 90  HIS B CD2 1 
ATOM   753 C CE1 . HIS A 1 90 ? -13.061 3.567   -1.035  1.00 6.75  ? 90  HIS B CE1 1 
ATOM   754 N NE2 . HIS A 1 90 ? -12.459 4.699   -0.726  1.00 13.56 ? 90  HIS B NE2 1 
ATOM   755 N N   . MET A 1 91 ? -8.042  1.869   -4.519  1.00 7.36  ? 91  MET B N   1 
ATOM   756 C CA  . MET A 1 91 ? -6.704  1.763   -5.093  1.00 9.78  ? 91  MET B CA  1 
ATOM   757 C C   . MET A 1 91 ? -6.059  3.146   -5.137  1.00 8.80  ? 91  MET B C   1 
ATOM   758 O O   . MET A 1 91 ? -6.720  4.144   -5.446  1.00 8.85  ? 91  MET B O   1 
ATOM   759 C CB  . MET A 1 91 ? -6.756  1.170   -6.503  1.00 13.38 ? 91  MET B CB  1 
ATOM   760 C CG  . MET A 1 91 ? -7.087  -0.304  -6.511  1.00 22.90 ? 91  MET B CG  1 
ATOM   761 S SD  . MET A 1 91 ? -7.579  -0.841  -8.149  1.00 33.68 ? 91  MET B SD  1 
ATOM   762 C CE  . MET A 1 91 ? -9.187  -0.059  -8.288  1.00 24.46 ? 91  MET B CE  1 
ATOM   763 N N   . VAL A 1 92 ? -4.772  3.207   -4.826  1.00 7.90  ? 92  VAL B N   1 
ATOM   764 C CA  . VAL A 1 92 ? -4.001  4.444   -4.896  1.00 7.44  ? 92  VAL B CA  1 
ATOM   765 C C   . VAL A 1 92 ? -2.821  4.191   -5.818  1.00 10.78 ? 92  VAL B C   1 
ATOM   766 O O   . VAL A 1 92 ? -2.064  3.233   -5.612  1.00 9.86  ? 92  VAL B O   1 
ATOM   767 C CB  . VAL A 1 92 ? -3.529  4.911   -3.503  1.00 9.88  ? 92  VAL B CB  1 
ATOM   768 C CG1 . VAL A 1 92 ? -2.690  6.188   -3.618  1.00 13.16 ? 92  VAL B CG1 1 
ATOM   769 C CG2 . VAL A 1 92 ? -4.737  5.124   -2.600  1.00 11.11 ? 92  VAL B CG2 1 
ATOM   770 N N   . LYS A 1 93 ? -2.674  5.027   -6.841  1.00 11.17 ? 93  LYS B N   1 
ATOM   771 C CA  . LYS A 1 93 ? -1.637  4.790   -7.832  1.00 10.33 ? 93  LYS B CA  1 
ATOM   772 C C   . LYS A 1 93 ? -0.321  5.408   -7.376  1.00 11.75 ? 93  LYS B C   1 
ATOM   773 O O   . LYS A 1 93 ? -0.294  6.503   -6.795  1.00 15.24 ? 93  LYS B O   1 
ATOM   774 C CB  . LYS A 1 93 ? -2.057  5.346   -9.192  1.00 16.69 ? 93  LYS B CB  1 
ATOM   775 C CG  . LYS A 1 93 ? -0.919  5.863   -10.026 1.00 24.77 ? 93  LYS B CG  1 
ATOM   776 C CD  . LYS A 1 93 ? -1.416  6.472   -11.324 1.00 34.17 ? 93  LYS B CD  1 
ATOM   777 C CE  . LYS A 1 93 ? -1.469  5.428   -12.419 1.00 43.68 ? 93  LYS B CE  1 
ATOM   778 N NZ  . LYS A 1 93 ? -1.034  6.007   -13.723 1.00 47.17 ? 93  LYS B NZ  1 
ATOM   779 N N   . TRP A 1 94 ? 0.770   4.678   -7.606  1.00 10.56 ? 94  TRP B N   1 
ATOM   780 C CA  . TRP A 1 94 ? 2.090   5.219   -7.318  1.00 10.77 ? 94  TRP B CA  1 
ATOM   781 C C   . TRP A 1 94 ? 2.405   6.350   -8.285  1.00 11.85 ? 94  TRP B C   1 
ATOM   782 O O   . TRP A 1 94 ? 2.317   6.177   -9.502  1.00 15.23 ? 94  TRP B O   1 
ATOM   783 C CB  . TRP A 1 94 ? 3.154   4.127   -7.429  1.00 11.38 ? 94  TRP B CB  1 
ATOM   784 C CG  . TRP A 1 94 ? 4.552   4.682   -7.324  1.00 11.40 ? 94  TRP B CG  1 
ATOM   785 C CD1 . TRP A 1 94 ? 5.106   5.310   -6.245  1.00 11.75 ? 94  TRP B CD1 1 
ATOM   786 C CD2 . TRP A 1 94 ? 5.566   4.665   -8.346  1.00 10.59 ? 94  TRP B CD2 1 
ATOM   787 N NE1 . TRP A 1 94 ? 6.408   5.669   -6.528  1.00 10.74 ? 94  TRP B NE1 1 
ATOM   788 C CE2 . TRP A 1 94 ? 6.709   5.291   -7.810  1.00 11.84 ? 94  TRP B CE2 1 
ATOM   789 C CE3 . TRP A 1 94 ? 5.614   4.170   -9.653  1.00 12.44 ? 94  TRP B CE3 1 
ATOM   790 C CZ2 . TRP A 1 94 ? 7.891   5.438   -8.537  1.00 16.34 ? 94  TRP B CZ2 1 
ATOM   791 C CZ3 . TRP A 1 94 ? 6.791   4.323   -10.380 1.00 15.31 ? 94  TRP B CZ3 1 
ATOM   792 C CH2 . TRP A 1 94 ? 7.909   4.955   -9.820  1.00 16.86 ? 94  TRP B CH2 1 
ATOM   793 N N   . ASP A 1 95 ? 2.774   7.505   -7.734  1.00 13.52 ? 95  ASP B N   1 
ATOM   794 C CA  . ASP A 1 95 ? 3.085   8.700   -8.513  1.00 20.06 ? 95  ASP B CA  1 
ATOM   795 C C   . ASP A 1 95 ? 4.545   9.043   -8.262  1.00 20.98 ? 95  ASP B C   1 
ATOM   796 O O   . ASP A 1 95 ? 4.908   9.463   -7.159  1.00 22.33 ? 95  ASP B O   1 
ATOM   797 C CB  . ASP A 1 95 ? 2.169   9.861   -8.122  1.00 27.48 ? 95  ASP B CB  1 
ATOM   798 C CG  . ASP A 1 95 ? 2.604   11.192  -8.733  1.00 40.48 ? 95  ASP B CG  1 
ATOM   799 O OD1 . ASP A 1 95 ? 3.409   11.186  -9.693  1.00 32.63 ? 95  ASP B OD1 1 
ATOM   800 O OD2 . ASP A 1 95 ? 2.127   12.244  -8.254  1.00 44.83 ? 95  ASP B OD2 1 
ATOM   801 N N   . ARG A 1 96 ? 5.376   8.879   -9.291  1.00 19.11 ? 96  ARG B N   1 
ATOM   802 C CA  . ARG A 1 96 ? 6.806   9.097   -9.120  1.00 21.99 ? 96  ARG B CA  1 
ATOM   803 C C   . ARG A 1 96 ? 7.142   10.548  -8.804  1.00 29.90 ? 96  ARG B C   1 
ATOM   804 O O   . ARG A 1 96 ? 8.255   10.824  -8.345  1.00 36.45 ? 96  ARG B O   1 
ATOM   805 C CB  . ARG A 1 96 ? 7.548   8.654   -10.378 1.00 32.77 ? 96  ARG B CB  1 
ATOM   806 C CG  . ARG A 1 96 ? 7.483   9.669   -11.499 1.00 31.47 ? 96  ARG B CG  1 
ATOM   807 C CD  . ARG A 1 96 ? 8.396   9.260   -12.633 1.00 40.27 ? 96  ARG B CD  1 
ATOM   808 N NE  . ARG A 1 96 ? 7.994   7.972   -13.184 1.00 39.63 ? 96  ARG B NE  1 
ATOM   809 C CZ  . ARG A 1 96 ? 8.836   7.030   -13.595 1.00 41.69 ? 96  ARG B CZ  1 
ATOM   810 N NH1 . ARG A 1 96 ? 10.149  7.222   -13.509 1.00 31.75 ? 96  ARG B NH1 1 
ATOM   811 N NH2 . ARG A 1 96 ? 8.360   5.890   -14.084 1.00 31.57 ? 96  ARG B NH2 1 
ATOM   812 N N   . ASN A 1 97 ? 6.213   11.469  -9.029  1.00 25.76 ? 97  ASN B N   1 
ATOM   813 C CA  . ASN A 1 97 ? 6.474   12.890  -8.818  1.00 36.20 ? 97  ASN B CA  1 
ATOM   814 C C   . ASN A 1 97 ? 6.056   13.337  -7.425  1.00 37.45 ? 97  ASN B C   1 
ATOM   815 O O   . ASN A 1 97 ? 6.521   12.792  -6.421  1.00 41.16 ? 97  ASN B O   1 
ATOM   816 C CB  . ASN A 1 97 ? 5.751   13.720  -9.884  1.00 39.66 ? 97  ASN B CB  1 
ATOM   817 C CG  . ASN A 1 97 ? 6.303   13.479  -11.276 1.00 47.90 ? 97  ASN B CG  1 
ATOM   818 O OD1 . ASN A 1 97 ? 7.504   13.608  -11.504 1.00 52.67 ? 97  ASN B OD1 1 
ATOM   819 N ND2 . ASN A 1 97 ? 5.431   13.099  -12.207 1.00 45.72 ? 97  ASN B ND2 1 
HETATM 820 O O   . HOH B 2 .  ? 3.199   -2.807  11.278  1.00 25.43 ? 101 HOH B O   1 
HETATM 821 O O   . HOH B 2 .  ? 4.784   -10.830 9.994   1.00 43.91 ? 102 HOH B O   1 
HETATM 822 O O   . HOH B 2 .  ? -6.206  -6.308  -14.870 1.00 42.92 ? 103 HOH B O   1 
HETATM 823 O O   . HOH B 2 .  ? -2.836  13.003  4.270   1.00 38.17 ? 104 HOH B O   1 
HETATM 824 O O   . HOH B 2 .  ? 7.929   -1.402  -14.532 1.00 33.30 ? 105 HOH B O   1 
HETATM 825 O O   . HOH B 2 .  ? -0.447  -7.917  2.173   1.00 28.79 ? 106 HOH B O   1 
HETATM 826 O O   . HOH B 2 .  ? 16.939  5.495   -16.883 1.00 35.80 ? 107 HOH B O   1 
HETATM 827 O O   . HOH B 2 .  ? 1.347   -9.536  0.858   1.00 35.59 ? 108 HOH B O   1 
HETATM 828 O O   . HOH B 2 .  ? 1.527   -9.088  8.855   1.00 29.69 ? 109 HOH B O   1 
HETATM 829 O O   . HOH B 2 .  ? -4.788  -10.515 -1.901  1.00 26.13 ? 110 HOH B O   1 
HETATM 830 O O   . HOH B 2 .  ? 0.189   -11.840 -4.648  1.00 37.62 ? 111 HOH B O   1 
HETATM 831 O O   . HOH B 2 .  ? -0.192  10.512  22.085  1.00 29.26 ? 112 HOH B O   1 
HETATM 832 O O   . HOH B 2 .  ? 2.739   7.884   -4.847  1.00 16.20 ? 113 HOH B O   1 
HETATM 833 O O   . HOH B 2 .  ? -14.589 5.649   4.833   1.00 18.96 ? 114 HOH B O   1 
HETATM 834 O O   . HOH B 2 .  ? -12.393 -1.278  -6.173  1.00 14.08 ? 115 HOH B O   1 
HETATM 835 O O   . HOH B 2 .  ? 2.406   11.315  20.702  1.00 25.91 ? 116 HOH B O   1 
HETATM 836 O O   . HOH B 2 .  ? -5.679  -7.696  10.512  1.00 17.05 ? 117 HOH B O   1 
HETATM 837 O O   . HOH B 2 .  ? 6.181   -9.537  15.887  1.00 35.69 ? 118 HOH B O   1 
HETATM 838 O O   . HOH B 2 .  ? 3.357   0.302   17.793  1.00 31.19 ? 119 HOH B O   1 
HETATM 839 O O   . HOH B 2 .  ? 3.110   -6.332  16.240  1.00 29.32 ? 120 HOH B O   1 
HETATM 840 O O   . HOH B 2 .  ? -12.188 -4.600  7.935   1.00 17.79 ? 121 HOH B O   1 
HETATM 841 O O   . HOH B 2 .  ? -8.925  8.271   7.907   1.00 32.34 ? 122 HOH B O   1 
HETATM 842 O O   . HOH B 2 .  ? 1.155   -7.388  -14.002 1.00 33.47 ? 123 HOH B O   1 
HETATM 843 O O   . HOH B 2 .  ? -1.472  8.906   -6.870  1.00 22.12 ? 124 HOH B O   1 
HETATM 844 O O   . HOH B 2 .  ? -18.670 -2.587  6.452   1.00 38.45 ? 125 HOH B O   1 
HETATM 845 O O   . HOH B 2 .  ? 14.567  -4.196  -6.473  1.00 27.29 ? 126 HOH B O   1 
HETATM 846 O O   . HOH B 2 .  ? -14.541 0.090   14.890  1.00 30.16 ? 127 HOH B O   1 
HETATM 847 O O   . HOH B 2 .  ? 0.315   -7.960  -3.228  1.00 15.17 ? 128 HOH B O   1 
HETATM 848 O O   . HOH B 2 .  ? 6.647   2.697   -13.867 1.00 23.18 ? 129 HOH B O   1 
HETATM 849 O O   . HOH B 2 .  ? -8.363  7.574   3.354   1.00 14.83 ? 130 HOH B O   1 
HETATM 850 O O   . HOH B 2 .  ? 12.575  -5.233  -9.723  1.00 29.78 ? 131 HOH B O   1 
HETATM 851 O O   . HOH B 2 .  ? -7.818  7.357   9.890   1.00 35.57 ? 132 HOH B O   1 
HETATM 852 O O   . HOH B 2 .  ? 6.476   -0.476  14.615  1.00 26.56 ? 133 HOH B O   1 
HETATM 853 O O   . HOH B 2 .  ? 8.558   -4.361  -11.798 1.00 13.27 ? 134 HOH B O   1 
HETATM 854 O O   . HOH B 2 .  ? 16.705  2.121   -6.106  1.00 35.23 ? 135 HOH B O   1 
HETATM 855 O O   . HOH B 2 .  ? -16.479 -2.424  10.949  1.00 29.82 ? 136 HOH B O   1 
HETATM 856 O O   . HOH B 2 .  ? -15.489 -3.224  1.801   1.00 26.20 ? 137 HOH B O   1 
HETATM 857 O O   . HOH B 2 .  ? 2.413   12.101  1.003   1.00 21.04 ? 138 HOH B O   1 
HETATM 858 O O   . HOH B 2 .  ? 3.133   10.653  17.103  1.00 17.77 ? 139 HOH B O   1 
HETATM 859 O O   . HOH B 2 .  ? -6.277  -5.931  -1.939  1.00 20.56 ? 140 HOH B O   1 
HETATM 860 O O   . HOH B 2 .  ? 2.345   4.034   -11.362 1.00 16.87 ? 141 HOH B O   1 
HETATM 861 O O   . HOH B 2 .  ? -0.647  -10.524 -1.330  1.00 38.66 ? 142 HOH B O   1 
HETATM 862 O O   . HOH B 2 .  ? 0.407   3.152   21.784  1.00 25.20 ? 143 HOH B O   1 
HETATM 863 O O   . HOH B 2 .  ? 1.946   -6.114  -16.363 1.00 34.42 ? 144 HOH B O   1 
HETATM 864 O O   . HOH B 2 .  ? 14.430  3.199   -9.707  1.00 19.58 ? 145 HOH B O   1 
HETATM 865 O O   . HOH B 2 .  ? -5.152  0.111   -9.760  1.00 38.57 ? 146 HOH B O   1 
HETATM 866 O O   . HOH B 2 .  ? 0.215   7.863   -1.581  1.00 23.64 ? 147 HOH B O   1 
HETATM 867 O O   . HOH B 2 .  ? 14.060  7.990   -15.258 1.00 33.93 ? 148 HOH B O   1 
HETATM 868 O O   . HOH B 2 .  ? 11.435  8.130   -3.295  1.00 21.32 ? 149 HOH B O   1 
HETATM 869 O O   . HOH B 2 .  ? 5.677   9.127   -4.371  1.00 24.59 ? 150 HOH B O   1 
HETATM 870 O O   . HOH B 2 .  ? -6.267  -7.928  -9.421  1.00 40.57 ? 151 HOH B O   1 
HETATM 871 O O   . HOH B 2 .  ? -12.366 7.618   9.695   1.00 27.19 ? 152 HOH B O   1 
HETATM 872 O O   . HOH B 2 .  ? 7.600   7.573   -4.547  1.00 15.85 ? 153 HOH B O   1 
HETATM 873 O O   . HOH B 2 .  ? -1.830  -0.752  -11.129 1.00 17.56 ? 154 HOH B O   1 
HETATM 874 O O   . HOH B 2 .  ? -9.017  -4.141  -8.550  1.00 35.62 ? 155 HOH B O   1 
HETATM 875 O O   . HOH B 2 .  ? 10.264  8.819   -7.396  1.00 32.79 ? 156 HOH B O   1 
HETATM 876 O O   . HOH B 2 .  ? 7.584   5.059   -23.742 1.00 41.75 ? 157 HOH B O   1 
HETATM 877 O O   . HOH B 2 .  ? 2.255   -11.961 -1.794  1.00 30.35 ? 158 HOH B O   1 
HETATM 878 O O   . HOH B 2 .  ? -5.462  7.194   14.331  1.00 27.72 ? 159 HOH B O   1 
HETATM 879 O O   . HOH B 2 .  ? 7.463   -5.865  11.165  1.00 35.88 ? 160 HOH B O   1 
HETATM 880 O O   . HOH B 2 .  ? 5.588   -10.023 -8.281  1.00 30.87 ? 161 HOH B O   1 
HETATM 881 O O   . HOH B 2 .  ? 0.492   8.307   -4.444  1.00 29.42 ? 162 HOH B O   1 
HETATM 882 O O   . HOH B 2 .  ? -4.346  -10.345 -9.935  1.00 29.43 ? 163 HOH B O   1 
HETATM 883 O O   . HOH B 2 .  ? 1.221   -9.737  12.042  1.00 15.89 ? 164 HOH B O   1 
HETATM 884 O O   . HOH B 2 .  ? -1.754  -0.134  -17.201 1.00 38.76 ? 165 HOH B O   1 
HETATM 885 O O   . HOH B 2 .  ? -13.761 -6.636  9.210   1.00 25.42 ? 166 HOH B O   1 
HETATM 886 O O   . HOH B 2 .  ? 16.681  4.359   -8.639  1.00 38.22 ? 167 HOH B O   1 
HETATM 887 O O   . HOH B 2 .  ? 4.659   7.278   -11.886 1.00 34.95 ? 168 HOH B O   1 
HETATM 888 O O   . HOH B 2 .  ? 3.153   9.080   -1.207  1.00 35.31 ? 169 HOH B O   1 
HETATM 889 O O   . HOH B 2 .  ? 4.380   4.967   -13.347 1.00 32.87 ? 170 HOH B O   1 
HETATM 890 O O   . HOH B 2 .  ? 11.700  -0.118  1.636   1.00 32.78 ? 171 HOH B O   1 
HETATM 891 O O   . HOH B 2 .  ? -2.219  -11.783 -3.471  1.00 32.75 ? 172 HOH B O   1 
HETATM 892 O O   . HOH B 2 .  ? -9.006  -6.342  -2.437  1.00 31.82 ? 173 HOH B O   1 
HETATM 893 O O   . HOH B 2 .  ? -5.486  8.317   2.185   1.00 4.46  ? 174 HOH B O   1 
HETATM 894 O O   . HOH B 2 .  ? -6.298  5.549   20.127  1.00 30.46 ? 175 HOH B O   1 
HETATM 895 O O   . HOH B 2 .  ? -10.806 6.501   1.933   0.50 15.33 ? 176 HOH B O   1 
HETATM 896 O O   . HOH B 2 .  ? -14.487 -5.452  3.774   1.00 40.92 ? 177 HOH B O   1 
HETATM 897 O O   . HOH B 2 .  ? 9.583   9.362   -4.954  1.00 23.84 ? 178 HOH B O   1 
HETATM 898 O O   . HOH B 2 .  ? -1.357  10.997  -8.553  1.00 38.86 ? 179 HOH B O   1 
HETATM 899 O O   . HOH B 2 .  ? -15.964 -5.137  -0.612  1.00 37.98 ? 180 HOH B O   1 
HETATM 900 O O   . HOH B 2 .  ? -0.174  10.001  26.090  1.00 39.39 ? 181 HOH B O   1 
HETATM 901 O O   . HOH B 2 .  ? 14.543  -5.935  -8.379  1.00 33.38 ? 182 HOH B O   1 
HETATM 902 O O   . HOH B 2 .  ? 1.848   9.898   -3.641  1.00 40.30 ? 183 HOH B O   1 
HETATM 903 O O   . HOH B 2 .  ? -1.693  13.384  -7.456  1.00 37.46 ? 184 HOH B O   1 
HETATM 904 O O   . HOH B 2 .  ? -10.681 -3.309  -6.855  1.00 26.53 ? 185 HOH B O   1 
HETATM 905 O O   . HOH B 2 .  ? -2.773  10.735  23.182  1.00 34.26 ? 186 HOH B O   1 
HETATM 906 O O   . HOH B 2 .  ? 4.733   -8.930  -10.871 1.00 40.55 ? 187 HOH B O   1 
# 
